data_5H0P
# 
_entry.id   5H0P 
# 
_audit_conform.dict_name       mmcif_pdbx.dic 
_audit_conform.dict_version    5.380 
_audit_conform.dict_location   http://mmcif.pdb.org/dictionaries/ascii/mmcif_pdbx.dic 
# 
loop_
_database_2.database_id 
_database_2.database_code 
_database_2.pdbx_database_accession 
_database_2.pdbx_DOI 
PDB   5H0P         pdb_00005h0p 10.2210/pdb5h0p/pdb 
WWPDB D_1300001806 ?            ?                   
# 
_pdbx_database_status.status_code                     REL 
_pdbx_database_status.status_code_sf                  REL 
_pdbx_database_status.status_code_mr                  ? 
_pdbx_database_status.entry_id                        5H0P 
_pdbx_database_status.recvd_initial_deposition_date   2016-10-06 
_pdbx_database_status.SG_entry                        N 
_pdbx_database_status.deposit_site                    PDBJ 
_pdbx_database_status.process_site                    PDBJ 
_pdbx_database_status.status_code_cs                  ? 
_pdbx_database_status.methods_development_category    ? 
_pdbx_database_status.pdb_format_compatible           Y 
_pdbx_database_status.status_code_nmr_data            ? 
# 
loop_
_audit_author.name 
_audit_author.pdbx_ordinal 
'Park, K.R.' 1  
'An, J.Y.'   2  
'Kang, J.Y.' 3  
'Lee, J.G.'  4  
'Youn, H.S.' 5  
'Lee, Y.'    6  
'Mun, S.A.'  7  
'Jun, C.D.'  8  
'Song, W.K.' 9  
'Eom, S.H.'  10 
# 
_citation.abstract                  ? 
_citation.abstract_id_CAS           ? 
_citation.book_id_ISBN              ? 
_citation.book_publisher            ? 
_citation.book_publisher_city       ? 
_citation.book_title                ? 
_citation.coordinate_linkage        ? 
_citation.country                   US 
_citation.database_id_Medline       ? 
_citation.details                   ? 
_citation.id                        primary 
_citation.journal_abbrev            'Biochem. Biophys. Res. Commun.' 
_citation.journal_id_ASTM           BBRCA9 
_citation.journal_id_CSD            0146 
_citation.journal_id_ISSN           1090-2104 
_citation.journal_full              ? 
_citation.journal_issue             ? 
_citation.journal_volume            483 
_citation.language                  ? 
_citation.page_first                442 
_citation.page_last                 448 
_citation.title                     
'Structural mechanism underlying regulation of human EFhd2/Swiprosin-1 actin-bundling activity by Ser183 phosphorylation.' 
_citation.year                      2017 
_citation.database_id_CSD           ? 
_citation.pdbx_database_id_DOI      10.1016/j.bbrc.2016.12.124 
_citation.pdbx_database_id_PubMed   28011271 
_citation.unpublished_flag          ? 
# 
loop_
_citation_author.citation_id 
_citation_author.name 
_citation_author.ordinal 
_citation_author.identifier_ORCID 
primary 'Park, K.R.' 1 ? 
primary 'An, J.Y.'   2 ? 
primary 'Kang, J.Y.' 3 ? 
primary 'Lee, J.G.'  4 ? 
primary 'Lee, Y.'    5 ? 
primary 'Mun, S.A.'  6 ? 
primary 'Jun, C.D.'  7 ? 
primary 'Song, W.K.' 8 ? 
primary 'Eom, S.H.'  9 ? 
# 
_cell.angle_alpha                  90.00 
_cell.angle_alpha_esd              ? 
_cell.angle_beta                   90.00 
_cell.angle_beta_esd               ? 
_cell.angle_gamma                  90.00 
_cell.angle_gamma_esd              ? 
_cell.entry_id                     5H0P 
_cell.details                      ? 
_cell.formula_units_Z              ? 
_cell.length_a                     36.675 
_cell.length_a_esd                 ? 
_cell.length_b                     51.105 
_cell.length_b_esd                 ? 
_cell.length_c                     53.650 
_cell.length_c_esd                 ? 
_cell.volume                       ? 
_cell.volume_esd                   ? 
_cell.Z_PDB                        4 
_cell.reciprocal_angle_alpha       ? 
_cell.reciprocal_angle_beta        ? 
_cell.reciprocal_angle_gamma       ? 
_cell.reciprocal_angle_alpha_esd   ? 
_cell.reciprocal_angle_beta_esd    ? 
_cell.reciprocal_angle_gamma_esd   ? 
_cell.reciprocal_length_a          ? 
_cell.reciprocal_length_b          ? 
_cell.reciprocal_length_c          ? 
_cell.reciprocal_length_a_esd      ? 
_cell.reciprocal_length_b_esd      ? 
_cell.reciprocal_length_c_esd      ? 
_cell.pdbx_unique_axis             ? 
# 
_symmetry.entry_id                         5H0P 
_symmetry.cell_setting                     ? 
_symmetry.Int_Tables_number                19 
_symmetry.space_group_name_Hall            ? 
_symmetry.space_group_name_H-M             'P 21 21 21' 
_symmetry.pdbx_full_space_group_name_H-M   ? 
# 
loop_
_entity.id 
_entity.type 
_entity.src_method 
_entity.pdbx_description 
_entity.formula_weight 
_entity.pdbx_number_of_molecules 
_entity.pdbx_ec 
_entity.pdbx_mutation 
_entity.pdbx_fragment 
_entity.details 
1 polymer     man 'EF-hand domain-containing protein D2' 13751.778 1  ? S183E 'UNP RESIDUES 70-184' ? 
2 non-polymer syn 'CALCIUM ION'                          40.078    2  ? ?     ?                     ? 
3 water       nat water                                  18.015    39 ? ?     ?                     ? 
# 
_entity_name_com.entity_id   1 
_entity_name_com.name        Swiprosin-1 
# 
_entity_poly.entity_id                      1 
_entity_poly.type                           'polypeptide(L)' 
_entity_poly.nstd_linkage                   no 
_entity_poly.nstd_monomer                   no 
_entity_poly.pdbx_seq_one_letter_code       
;GAMGSGEPQSPSRRVFNPYTEFKEFSRKQIKDMEKMFKQYDAGRDGFIDLMELKLMMEKLGAPQTHLGLKNMIKEVDEDF
DSKLSFREFLLIFRKAAAGELQEDSGLCVLARLSEIDVES
;
_entity_poly.pdbx_seq_one_letter_code_can   
;GAMGSGEPQSPSRRVFNPYTEFKEFSRKQIKDMEKMFKQYDAGRDGFIDLMELKLMMEKLGAPQTHLGLKNMIKEVDEDF
DSKLSFREFLLIFRKAAAGELQEDSGLCVLARLSEIDVES
;
_entity_poly.pdbx_strand_id                 A 
_entity_poly.pdbx_target_identifier         ? 
# 
loop_
_entity_poly_seq.entity_id 
_entity_poly_seq.num 
_entity_poly_seq.mon_id 
_entity_poly_seq.hetero 
1 1   GLY n 
1 2   ALA n 
1 3   MET n 
1 4   GLY n 
1 5   SER n 
1 6   GLY n 
1 7   GLU n 
1 8   PRO n 
1 9   GLN n 
1 10  SER n 
1 11  PRO n 
1 12  SER n 
1 13  ARG n 
1 14  ARG n 
1 15  VAL n 
1 16  PHE n 
1 17  ASN n 
1 18  PRO n 
1 19  TYR n 
1 20  THR n 
1 21  GLU n 
1 22  PHE n 
1 23  LYS n 
1 24  GLU n 
1 25  PHE n 
1 26  SER n 
1 27  ARG n 
1 28  LYS n 
1 29  GLN n 
1 30  ILE n 
1 31  LYS n 
1 32  ASP n 
1 33  MET n 
1 34  GLU n 
1 35  LYS n 
1 36  MET n 
1 37  PHE n 
1 38  LYS n 
1 39  GLN n 
1 40  TYR n 
1 41  ASP n 
1 42  ALA n 
1 43  GLY n 
1 44  ARG n 
1 45  ASP n 
1 46  GLY n 
1 47  PHE n 
1 48  ILE n 
1 49  ASP n 
1 50  LEU n 
1 51  MET n 
1 52  GLU n 
1 53  LEU n 
1 54  LYS n 
1 55  LEU n 
1 56  MET n 
1 57  MET n 
1 58  GLU n 
1 59  LYS n 
1 60  LEU n 
1 61  GLY n 
1 62  ALA n 
1 63  PRO n 
1 64  GLN n 
1 65  THR n 
1 66  HIS n 
1 67  LEU n 
1 68  GLY n 
1 69  LEU n 
1 70  LYS n 
1 71  ASN n 
1 72  MET n 
1 73  ILE n 
1 74  LYS n 
1 75  GLU n 
1 76  VAL n 
1 77  ASP n 
1 78  GLU n 
1 79  ASP n 
1 80  PHE n 
1 81  ASP n 
1 82  SER n 
1 83  LYS n 
1 84  LEU n 
1 85  SER n 
1 86  PHE n 
1 87  ARG n 
1 88  GLU n 
1 89  PHE n 
1 90  LEU n 
1 91  LEU n 
1 92  ILE n 
1 93  PHE n 
1 94  ARG n 
1 95  LYS n 
1 96  ALA n 
1 97  ALA n 
1 98  ALA n 
1 99  GLY n 
1 100 GLU n 
1 101 LEU n 
1 102 GLN n 
1 103 GLU n 
1 104 ASP n 
1 105 SER n 
1 106 GLY n 
1 107 LEU n 
1 108 CYS n 
1 109 VAL n 
1 110 LEU n 
1 111 ALA n 
1 112 ARG n 
1 113 LEU n 
1 114 SER n 
1 115 GLU n 
1 116 ILE n 
1 117 ASP n 
1 118 VAL n 
1 119 GLU n 
1 120 SER n 
# 
_entity_src_gen.entity_id                          1 
_entity_src_gen.pdbx_src_id                        1 
_entity_src_gen.pdbx_alt_source_flag               sample 
_entity_src_gen.pdbx_seq_type                      'Biological sequence' 
_entity_src_gen.pdbx_beg_seq_num                   1 
_entity_src_gen.pdbx_end_seq_num                   120 
_entity_src_gen.gene_src_common_name               Human 
_entity_src_gen.gene_src_genus                     ? 
_entity_src_gen.pdbx_gene_src_gene                 'EFHD2, SWS1' 
_entity_src_gen.gene_src_species                   ? 
_entity_src_gen.gene_src_strain                    ? 
_entity_src_gen.gene_src_tissue                    ? 
_entity_src_gen.gene_src_tissue_fraction           ? 
_entity_src_gen.gene_src_details                   ? 
_entity_src_gen.pdbx_gene_src_fragment             ? 
_entity_src_gen.pdbx_gene_src_scientific_name      'Homo sapiens' 
_entity_src_gen.pdbx_gene_src_ncbi_taxonomy_id     9606 
_entity_src_gen.pdbx_gene_src_variant              ? 
_entity_src_gen.pdbx_gene_src_cell_line            ? 
_entity_src_gen.pdbx_gene_src_atcc                 ? 
_entity_src_gen.pdbx_gene_src_organ                ? 
_entity_src_gen.pdbx_gene_src_organelle            ? 
_entity_src_gen.pdbx_gene_src_cell                 ? 
_entity_src_gen.pdbx_gene_src_cellular_location    ? 
_entity_src_gen.host_org_common_name               ? 
_entity_src_gen.pdbx_host_org_scientific_name      'Escherichia coli' 
_entity_src_gen.pdbx_host_org_ncbi_taxonomy_id     469008 
_entity_src_gen.host_org_genus                     ? 
_entity_src_gen.pdbx_host_org_gene                 ? 
_entity_src_gen.pdbx_host_org_organ                ? 
_entity_src_gen.host_org_species                   ? 
_entity_src_gen.pdbx_host_org_tissue               ? 
_entity_src_gen.pdbx_host_org_tissue_fraction      ? 
_entity_src_gen.pdbx_host_org_strain               'BL21(DE3)' 
_entity_src_gen.pdbx_host_org_variant              ? 
_entity_src_gen.pdbx_host_org_cell_line            ? 
_entity_src_gen.pdbx_host_org_atcc                 ? 
_entity_src_gen.pdbx_host_org_culture_collection   ? 
_entity_src_gen.pdbx_host_org_cell                 ? 
_entity_src_gen.pdbx_host_org_organelle            ? 
_entity_src_gen.pdbx_host_org_cellular_location    ? 
_entity_src_gen.pdbx_host_org_vector_type          plasmid 
_entity_src_gen.pdbx_host_org_vector               ? 
_entity_src_gen.host_org_details                   ? 
_entity_src_gen.expression_system_id               ? 
_entity_src_gen.plasmid_name                       'modified pET28a' 
_entity_src_gen.plasmid_details                    ? 
_entity_src_gen.pdbx_description                   ? 
# 
_struct_ref.id                         1 
_struct_ref.db_name                    UNP 
_struct_ref.db_code                    EFHD2_HUMAN 
_struct_ref.pdbx_db_accession          Q96C19 
_struct_ref.pdbx_db_isoform            ? 
_struct_ref.entity_id                  1 
_struct_ref.pdbx_seq_one_letter_code   
;GEPQSPSRRVFNPYTEFKEFSRKQIKDMEKMFKQYDAGRDGFIDLMELKLMMEKLGAPQTHLGLKNMIKEVDEDFDSKLS
FREFLLIFRKAAAGELQEDSGLCVLARLSEIDVSS
;
_struct_ref.pdbx_align_begin           70 
# 
_struct_ref_seq.align_id                      1 
_struct_ref_seq.ref_id                        1 
_struct_ref_seq.pdbx_PDB_id_code              5H0P 
_struct_ref_seq.pdbx_strand_id                A 
_struct_ref_seq.seq_align_beg                 6 
_struct_ref_seq.pdbx_seq_align_beg_ins_code   ? 
_struct_ref_seq.seq_align_end                 120 
_struct_ref_seq.pdbx_seq_align_end_ins_code   ? 
_struct_ref_seq.pdbx_db_accession             Q96C19 
_struct_ref_seq.db_align_beg                  70 
_struct_ref_seq.pdbx_db_align_beg_ins_code    ? 
_struct_ref_seq.db_align_end                  184 
_struct_ref_seq.pdbx_db_align_end_ins_code    ? 
_struct_ref_seq.pdbx_auth_seq_align_beg       70 
_struct_ref_seq.pdbx_auth_seq_align_end       184 
# 
loop_
_struct_ref_seq_dif.align_id 
_struct_ref_seq_dif.pdbx_pdb_id_code 
_struct_ref_seq_dif.mon_id 
_struct_ref_seq_dif.pdbx_pdb_strand_id 
_struct_ref_seq_dif.seq_num 
_struct_ref_seq_dif.pdbx_pdb_ins_code 
_struct_ref_seq_dif.pdbx_seq_db_name 
_struct_ref_seq_dif.pdbx_seq_db_accession_code 
_struct_ref_seq_dif.db_mon_id 
_struct_ref_seq_dif.pdbx_seq_db_seq_num 
_struct_ref_seq_dif.details 
_struct_ref_seq_dif.pdbx_auth_seq_num 
_struct_ref_seq_dif.pdbx_ordinal 
1 5H0P GLY A 1   ? UNP Q96C19 ?   ?   'expression tag'      65  1 
1 5H0P ALA A 2   ? UNP Q96C19 ?   ?   'expression tag'      66  2 
1 5H0P MET A 3   ? UNP Q96C19 ?   ?   'expression tag'      67  3 
1 5H0P GLY A 4   ? UNP Q96C19 ?   ?   'expression tag'      68  4 
1 5H0P SER A 5   ? UNP Q96C19 ?   ?   'expression tag'      69  5 
1 5H0P GLU A 119 ? UNP Q96C19 SER 183 'engineered mutation' 183 6 
# 
loop_
_chem_comp.id 
_chem_comp.type 
_chem_comp.mon_nstd_flag 
_chem_comp.name 
_chem_comp.pdbx_synonyms 
_chem_comp.formula 
_chem_comp.formula_weight 
ALA 'L-peptide linking' y ALANINE         ? 'C3 H7 N O2'     89.093  
ARG 'L-peptide linking' y ARGININE        ? 'C6 H15 N4 O2 1' 175.209 
ASN 'L-peptide linking' y ASPARAGINE      ? 'C4 H8 N2 O3'    132.118 
ASP 'L-peptide linking' y 'ASPARTIC ACID' ? 'C4 H7 N O4'     133.103 
CA  non-polymer         . 'CALCIUM ION'   ? 'Ca 2'           40.078  
CYS 'L-peptide linking' y CYSTEINE        ? 'C3 H7 N O2 S'   121.158 
GLN 'L-peptide linking' y GLUTAMINE       ? 'C5 H10 N2 O3'   146.144 
GLU 'L-peptide linking' y 'GLUTAMIC ACID' ? 'C5 H9 N O4'     147.129 
GLY 'peptide linking'   y GLYCINE         ? 'C2 H5 N O2'     75.067  
HIS 'L-peptide linking' y HISTIDINE       ? 'C6 H10 N3 O2 1' 156.162 
HOH non-polymer         . WATER           ? 'H2 O'           18.015  
ILE 'L-peptide linking' y ISOLEUCINE      ? 'C6 H13 N O2'    131.173 
LEU 'L-peptide linking' y LEUCINE         ? 'C6 H13 N O2'    131.173 
LYS 'L-peptide linking' y LYSINE          ? 'C6 H15 N2 O2 1' 147.195 
MET 'L-peptide linking' y METHIONINE      ? 'C5 H11 N O2 S'  149.211 
PHE 'L-peptide linking' y PHENYLALANINE   ? 'C9 H11 N O2'    165.189 
PRO 'L-peptide linking' y PROLINE         ? 'C5 H9 N O2'     115.130 
SER 'L-peptide linking' y SERINE          ? 'C3 H7 N O3'     105.093 
THR 'L-peptide linking' y THREONINE       ? 'C4 H9 N O3'     119.119 
TYR 'L-peptide linking' y TYROSINE        ? 'C9 H11 N O3'    181.189 
VAL 'L-peptide linking' y VALINE          ? 'C5 H11 N O2'    117.146 
# 
_exptl.absorpt_coefficient_mu     ? 
_exptl.absorpt_correction_T_max   ? 
_exptl.absorpt_correction_T_min   ? 
_exptl.absorpt_correction_type    ? 
_exptl.absorpt_process_details    ? 
_exptl.entry_id                   5H0P 
_exptl.crystals_number            1 
_exptl.details                    ? 
_exptl.method                     'X-RAY DIFFRACTION' 
_exptl.method_details             ? 
# 
_exptl_crystal.colour                      ? 
_exptl_crystal.density_diffrn              ? 
_exptl_crystal.density_Matthews            1.83 
_exptl_crystal.density_method              ? 
_exptl_crystal.density_percent_sol         32.71 
_exptl_crystal.description                 ? 
_exptl_crystal.F_000                       ? 
_exptl_crystal.id                          1 
_exptl_crystal.preparation                 ? 
_exptl_crystal.size_max                    ? 
_exptl_crystal.size_mid                    ? 
_exptl_crystal.size_min                    ? 
_exptl_crystal.size_rad                    ? 
_exptl_crystal.colour_lustre               ? 
_exptl_crystal.colour_modifier             ? 
_exptl_crystal.colour_primary              ? 
_exptl_crystal.density_meas                ? 
_exptl_crystal.density_meas_esd            ? 
_exptl_crystal.density_meas_gt             ? 
_exptl_crystal.density_meas_lt             ? 
_exptl_crystal.density_meas_temp           ? 
_exptl_crystal.density_meas_temp_esd       ? 
_exptl_crystal.density_meas_temp_gt        ? 
_exptl_crystal.density_meas_temp_lt        ? 
_exptl_crystal.pdbx_crystal_image_url      ? 
_exptl_crystal.pdbx_crystal_image_format   ? 
_exptl_crystal.pdbx_mosaicity              ? 
_exptl_crystal.pdbx_mosaicity_esd          ? 
# 
_exptl_crystal_grow.apparatus       ? 
_exptl_crystal_grow.atmosphere      ? 
_exptl_crystal_grow.crystal_id      1 
_exptl_crystal_grow.details         ? 
_exptl_crystal_grow.method          'VAPOR DIFFUSION, HANGING DROP' 
_exptl_crystal_grow.method_ref      ? 
_exptl_crystal_grow.pH              8.5 
_exptl_crystal_grow.pressure        ? 
_exptl_crystal_grow.pressure_esd    ? 
_exptl_crystal_grow.seeding         ? 
_exptl_crystal_grow.seeding_ref     ? 
_exptl_crystal_grow.temp            290 
_exptl_crystal_grow.temp_details    ? 
_exptl_crystal_grow.temp_esd        ? 
_exptl_crystal_grow.time            ? 
_exptl_crystal_grow.pdbx_details    '0.2 M trimethlyamine-N-oxide dihydrate, 0.1 M Tris-HCl (pH 8.5), 20% (w/v) PEG 2000 MME' 
_exptl_crystal_grow.pdbx_pH_range   ? 
# 
_diffrn.ambient_environment    ? 
_diffrn.ambient_temp           80 
_diffrn.ambient_temp_details   ? 
_diffrn.ambient_temp_esd       ? 
_diffrn.crystal_id             1 
_diffrn.crystal_support        ? 
_diffrn.crystal_treatment      ? 
_diffrn.details                ? 
_diffrn.id                     1 
_diffrn.ambient_pressure       ? 
_diffrn.ambient_pressure_esd   ? 
_diffrn.ambient_pressure_gt    ? 
_diffrn.ambient_pressure_lt    ? 
_diffrn.ambient_temp_gt        ? 
_diffrn.ambient_temp_lt        ? 
# 
_diffrn_detector.details                      ? 
_diffrn_detector.detector                     CCD 
_diffrn_detector.diffrn_id                    1 
_diffrn_detector.type                         'ADSC QUANTUM 315r' 
_diffrn_detector.area_resol_mean              ? 
_diffrn_detector.dtime                        ? 
_diffrn_detector.pdbx_frames_total            ? 
_diffrn_detector.pdbx_collection_time_total   ? 
_diffrn_detector.pdbx_collection_date         2013-10-23 
# 
_diffrn_radiation.collimation                      ? 
_diffrn_radiation.diffrn_id                        1 
_diffrn_radiation.filter_edge                      ? 
_diffrn_radiation.inhomogeneity                    ? 
_diffrn_radiation.monochromator                    ? 
_diffrn_radiation.polarisn_norm                    ? 
_diffrn_radiation.polarisn_ratio                   ? 
_diffrn_radiation.probe                            ? 
_diffrn_radiation.type                             ? 
_diffrn_radiation.xray_symbol                      ? 
_diffrn_radiation.wavelength_id                    1 
_diffrn_radiation.pdbx_monochromatic_or_laue_m_l   M 
_diffrn_radiation.pdbx_wavelength_list             ? 
_diffrn_radiation.pdbx_wavelength                  ? 
_diffrn_radiation.pdbx_diffrn_protocol             'SINGLE WAVELENGTH' 
_diffrn_radiation.pdbx_analyzer                    ? 
_diffrn_radiation.pdbx_scattering_type             x-ray 
# 
_diffrn_radiation_wavelength.id           1 
_diffrn_radiation_wavelength.wavelength   0.9897 
_diffrn_radiation_wavelength.wt           1.0 
# 
_diffrn_source.current                     ? 
_diffrn_source.details                     ? 
_diffrn_source.diffrn_id                   1 
_diffrn_source.power                       ? 
_diffrn_source.size                        ? 
_diffrn_source.source                      SYNCHROTRON 
_diffrn_source.target                      ? 
_diffrn_source.type                        'PAL/PLS BEAMLINE 5C (4A)' 
_diffrn_source.voltage                     ? 
_diffrn_source.take-off_angle              ? 
_diffrn_source.pdbx_wavelength_list        0.9897 
_diffrn_source.pdbx_wavelength             ? 
_diffrn_source.pdbx_synchrotron_beamline   '5C (4A)' 
_diffrn_source.pdbx_synchrotron_site       PAL/PLS 
# 
_reflns.B_iso_Wilson_estimate            ? 
_reflns.entry_id                         5H0P 
_reflns.data_reduction_details           ? 
_reflns.data_reduction_method            ? 
_reflns.d_resolution_high                1.86 
_reflns.d_resolution_low                 50.0 
_reflns.details                          ? 
_reflns.limit_h_max                      ? 
_reflns.limit_h_min                      ? 
_reflns.limit_k_max                      ? 
_reflns.limit_k_min                      ? 
_reflns.limit_l_max                      ? 
_reflns.limit_l_min                      ? 
_reflns.number_all                       ? 
_reflns.number_obs                       8596 
_reflns.observed_criterion               ? 
_reflns.observed_criterion_F_max         ? 
_reflns.observed_criterion_F_min         ? 
_reflns.observed_criterion_I_max         ? 
_reflns.observed_criterion_I_min         ? 
_reflns.observed_criterion_sigma_F       ? 
_reflns.observed_criterion_sigma_I       ? 
_reflns.percent_possible_obs             96.9 
_reflns.R_free_details                   ? 
_reflns.Rmerge_F_all                     ? 
_reflns.Rmerge_F_obs                     ? 
_reflns.Friedel_coverage                 ? 
_reflns.number_gt                        ? 
_reflns.threshold_expression             ? 
_reflns.pdbx_redundancy                  13.2 
_reflns.pdbx_Rmerge_I_obs                ? 
_reflns.pdbx_Rmerge_I_all                ? 
_reflns.pdbx_Rsym_value                  ? 
_reflns.pdbx_netI_over_av_sigmaI         ? 
_reflns.pdbx_netI_over_sigmaI            22.7 
_reflns.pdbx_res_netI_over_av_sigmaI_2   ? 
_reflns.pdbx_res_netI_over_sigmaI_2      ? 
_reflns.pdbx_chi_squared                 ? 
_reflns.pdbx_scaling_rejects             ? 
_reflns.pdbx_d_res_high_opt              ? 
_reflns.pdbx_d_res_low_opt               ? 
_reflns.pdbx_d_res_opt_method            ? 
_reflns.phase_calculation_details        ? 
_reflns.pdbx_Rrim_I_all                  ? 
_reflns.pdbx_Rpim_I_all                  ? 
_reflns.pdbx_d_opt                       ? 
_reflns.pdbx_number_measured_all         ? 
_reflns.pdbx_diffrn_id                   1 
_reflns.pdbx_ordinal                     1 
_reflns.pdbx_CC_half                     ? 
_reflns.pdbx_R_split                     ? 
# 
_reflns_shell.d_res_high                  1.86 
_reflns_shell.d_res_low                   1.89 
_reflns_shell.meanI_over_sigI_all         ? 
_reflns_shell.meanI_over_sigI_obs         6.6 
_reflns_shell.number_measured_all         ? 
_reflns_shell.number_measured_obs         ? 
_reflns_shell.number_possible             ? 
_reflns_shell.number_unique_all           ? 
_reflns_shell.number_unique_obs           ? 
_reflns_shell.percent_possible_all        98.4 
_reflns_shell.percent_possible_obs        ? 
_reflns_shell.Rmerge_F_all                ? 
_reflns_shell.Rmerge_F_obs                ? 
_reflns_shell.Rmerge_I_all                ? 
_reflns_shell.Rmerge_I_obs                0.315 
_reflns_shell.meanI_over_sigI_gt          ? 
_reflns_shell.meanI_over_uI_all           ? 
_reflns_shell.meanI_over_uI_gt            ? 
_reflns_shell.number_measured_gt          ? 
_reflns_shell.number_unique_gt            ? 
_reflns_shell.percent_possible_gt         ? 
_reflns_shell.Rmerge_F_gt                 ? 
_reflns_shell.Rmerge_I_gt                 ? 
_reflns_shell.pdbx_redundancy             13.2 
_reflns_shell.pdbx_Rsym_value             ? 
_reflns_shell.pdbx_chi_squared            ? 
_reflns_shell.pdbx_netI_over_sigmaI_all   ? 
_reflns_shell.pdbx_netI_over_sigmaI_obs   ? 
_reflns_shell.pdbx_Rrim_I_all             ? 
_reflns_shell.pdbx_Rpim_I_all             ? 
_reflns_shell.pdbx_rejects                ? 
_reflns_shell.pdbx_ordinal                1 
_reflns_shell.pdbx_diffrn_id              1 
_reflns_shell.pdbx_CC_half                ? 
_reflns_shell.pdbx_R_split                ? 
# 
_refine.aniso_B[1][1]                            ? 
_refine.aniso_B[1][2]                            ? 
_refine.aniso_B[1][3]                            ? 
_refine.aniso_B[2][2]                            ? 
_refine.aniso_B[2][3]                            ? 
_refine.aniso_B[3][3]                            ? 
_refine.B_iso_max                                ? 
_refine.B_iso_mean                               ? 
_refine.B_iso_min                                ? 
_refine.correlation_coeff_Fo_to_Fc               ? 
_refine.correlation_coeff_Fo_to_Fc_free          ? 
_refine.details                                  ? 
_refine.diff_density_max                         ? 
_refine.diff_density_max_esd                     ? 
_refine.diff_density_min                         ? 
_refine.diff_density_min_esd                     ? 
_refine.diff_density_rms                         ? 
_refine.diff_density_rms_esd                     ? 
_refine.entry_id                                 5H0P 
_refine.pdbx_refine_id                           'X-RAY DIFFRACTION' 
_refine.ls_abs_structure_details                 ? 
_refine.ls_abs_structure_Flack                   ? 
_refine.ls_abs_structure_Flack_esd               ? 
_refine.ls_abs_structure_Rogers                  ? 
_refine.ls_abs_structure_Rogers_esd              ? 
_refine.ls_d_res_high                            1.862 
_refine.ls_d_res_low                             29.796 
_refine.ls_extinction_coef                       ? 
_refine.ls_extinction_coef_esd                   ? 
_refine.ls_extinction_expression                 ? 
_refine.ls_extinction_method                     ? 
_refine.ls_goodness_of_fit_all                   ? 
_refine.ls_goodness_of_fit_all_esd               ? 
_refine.ls_goodness_of_fit_obs                   ? 
_refine.ls_goodness_of_fit_obs_esd               ? 
_refine.ls_hydrogen_treatment                    ? 
_refine.ls_matrix_type                           ? 
_refine.ls_number_constraints                    ? 
_refine.ls_number_parameters                     ? 
_refine.ls_number_reflns_all                     ? 
_refine.ls_number_reflns_obs                     8596 
_refine.ls_number_reflns_R_free                  873 
_refine.ls_number_reflns_R_work                  ? 
_refine.ls_number_restraints                     ? 
_refine.ls_percent_reflns_obs                    96.92 
_refine.ls_percent_reflns_R_free                 10.16 
_refine.ls_R_factor_all                          ? 
_refine.ls_R_factor_obs                          0.2009 
_refine.ls_R_factor_R_free                       0.2463 
_refine.ls_R_factor_R_free_error                 ? 
_refine.ls_R_factor_R_free_error_details         ? 
_refine.ls_R_factor_R_work                       0.1960 
_refine.ls_R_Fsqd_factor_obs                     ? 
_refine.ls_R_I_factor_obs                        ? 
_refine.ls_redundancy_reflns_all                 ? 
_refine.ls_redundancy_reflns_obs                 ? 
_refine.ls_restrained_S_all                      ? 
_refine.ls_restrained_S_obs                      ? 
_refine.ls_shift_over_esd_max                    ? 
_refine.ls_shift_over_esd_mean                   ? 
_refine.ls_structure_factor_coef                 ? 
_refine.ls_weighting_details                     ? 
_refine.ls_weighting_scheme                      ? 
_refine.ls_wR_factor_all                         ? 
_refine.ls_wR_factor_obs                         ? 
_refine.ls_wR_factor_R_free                      ? 
_refine.ls_wR_factor_R_work                      ? 
_refine.occupancy_max                            ? 
_refine.occupancy_min                            ? 
_refine.solvent_model_details                    ? 
_refine.solvent_model_param_bsol                 ? 
_refine.solvent_model_param_ksol                 ? 
_refine.ls_R_factor_gt                           ? 
_refine.ls_goodness_of_fit_gt                    ? 
_refine.ls_goodness_of_fit_ref                   ? 
_refine.ls_shift_over_su_max                     ? 
_refine.ls_shift_over_su_max_lt                  ? 
_refine.ls_shift_over_su_mean                    ? 
_refine.ls_shift_over_su_mean_lt                 ? 
_refine.pdbx_ls_sigma_I                          ? 
_refine.pdbx_ls_sigma_F                          1.37 
_refine.pdbx_ls_sigma_Fsqd                       ? 
_refine.pdbx_data_cutoff_high_absF               ? 
_refine.pdbx_data_cutoff_high_rms_absF           ? 
_refine.pdbx_data_cutoff_low_absF                ? 
_refine.pdbx_isotropic_thermal_model             ? 
_refine.pdbx_ls_cross_valid_method               NONE 
_refine.pdbx_method_to_determine_struct          'MOLECULAR REPLACEMENT' 
_refine.pdbx_starting_model                      5I2L 
_refine.pdbx_stereochemistry_target_values       ? 
_refine.pdbx_R_Free_selection_details            ? 
_refine.pdbx_stereochem_target_val_spec_case     ? 
_refine.pdbx_overall_ESU_R                       ? 
_refine.pdbx_overall_ESU_R_Free                  ? 
_refine.pdbx_solvent_vdw_probe_radii             1.11 
_refine.pdbx_solvent_ion_probe_radii             ? 
_refine.pdbx_solvent_shrinkage_radii             0.90 
_refine.pdbx_real_space_R                        ? 
_refine.pdbx_density_correlation                 ? 
_refine.pdbx_pd_number_of_powder_patterns        ? 
_refine.pdbx_pd_number_of_points                 ? 
_refine.pdbx_pd_meas_number_of_points            ? 
_refine.pdbx_pd_proc_ls_prof_R_factor            ? 
_refine.pdbx_pd_proc_ls_prof_wR_factor           ? 
_refine.pdbx_pd_Marquardt_correlation_coeff      ? 
_refine.pdbx_pd_Fsqrd_R_factor                   ? 
_refine.pdbx_pd_ls_matrix_band_width             ? 
_refine.pdbx_overall_phase_error                 27.37 
_refine.pdbx_overall_SU_R_free_Cruickshank_DPI   ? 
_refine.pdbx_overall_SU_R_free_Blow_DPI          ? 
_refine.pdbx_overall_SU_R_Blow_DPI               ? 
_refine.pdbx_TLS_residual_ADP_flag               ? 
_refine.pdbx_diffrn_id                           1 
_refine.overall_SU_B                             ? 
_refine.overall_SU_ML                            0.19 
_refine.overall_SU_R_Cruickshank_DPI             ? 
_refine.overall_SU_R_free                        ? 
_refine.overall_FOM_free_R_set                   ? 
_refine.overall_FOM_work_R_set                   ? 
_refine.pdbx_average_fsc_overall                 ? 
_refine.pdbx_average_fsc_work                    ? 
_refine.pdbx_average_fsc_free                    ? 
# 
_refine_hist.pdbx_refine_id                   'X-RAY DIFFRACTION' 
_refine_hist.cycle_id                         LAST 
_refine_hist.pdbx_number_atoms_protein        830 
_refine_hist.pdbx_number_atoms_nucleic_acid   0 
_refine_hist.pdbx_number_atoms_ligand         2 
_refine_hist.number_atoms_solvent             39 
_refine_hist.number_atoms_total               871 
_refine_hist.d_res_high                       1.862 
_refine_hist.d_res_low                        29.796 
# 
loop_
_refine_ls_restr.pdbx_refine_id 
_refine_ls_restr.criterion 
_refine_ls_restr.dev_ideal 
_refine_ls_restr.dev_ideal_target 
_refine_ls_restr.number 
_refine_ls_restr.rejects 
_refine_ls_restr.type 
_refine_ls_restr.weight 
_refine_ls_restr.pdbx_restraint_function 
'X-RAY DIFFRACTION' ? 0.008  ? 842  ? f_bond_d           ? ? 
'X-RAY DIFFRACTION' ? 1.013  ? 1120 ? f_angle_d          ? ? 
'X-RAY DIFFRACTION' ? 12.984 ? 332  ? f_dihedral_angle_d ? ? 
'X-RAY DIFFRACTION' ? 0.078  ? 119  ? f_chiral_restr     ? ? 
'X-RAY DIFFRACTION' ? 0.004  ? 145  ? f_plane_restr      ? ? 
# 
loop_
_refine_ls_shell.pdbx_refine_id 
_refine_ls_shell.d_res_high 
_refine_ls_shell.d_res_low 
_refine_ls_shell.number_reflns_all 
_refine_ls_shell.number_reflns_obs 
_refine_ls_shell.number_reflns_R_free 
_refine_ls_shell.number_reflns_R_work 
_refine_ls_shell.percent_reflns_obs 
_refine_ls_shell.percent_reflns_R_free 
_refine_ls_shell.R_factor_all 
_refine_ls_shell.R_factor_obs 
_refine_ls_shell.R_factor_R_free 
_refine_ls_shell.R_factor_R_free_error 
_refine_ls_shell.R_factor_R_work 
_refine_ls_shell.redundancy_reflns_all 
_refine_ls_shell.redundancy_reflns_obs 
_refine_ls_shell.wR_factor_all 
_refine_ls_shell.wR_factor_obs 
_refine_ls_shell.wR_factor_R_free 
_refine_ls_shell.wR_factor_R_work 
_refine_ls_shell.pdbx_total_number_of_bins_used 
_refine_ls_shell.pdbx_phase_error 
_refine_ls_shell.pdbx_fsc_work 
_refine_ls_shell.pdbx_fsc_free 
'X-RAY DIFFRACTION' 1.8624 1.9791  . . 145 1270 98.00  . . . 0.3114 . 0.2180 . . . . . . . . . . 
'X-RAY DIFFRACTION' 1.9791 2.1318  . . 146 1296 99.00  . . . 0.2761 . 0.1973 . . . . . . . . . . 
'X-RAY DIFFRACTION' 2.1318 2.3463  . . 140 1294 99.00  . . . 0.2671 . 0.1904 . . . . . . . . . . 
'X-RAY DIFFRACTION' 2.3463 2.6856  . . 151 1318 100.00 . . . 0.2694 . 0.1894 . . . . . . . . . . 
'X-RAY DIFFRACTION' 2.6856 3.3828  . . 152 1318 99.00  . . . 0.2606 . 0.2014 . . . . . . . . . . 
'X-RAY DIFFRACTION' 3.3828 29.8001 . . 139 1227 87.00  . . . 0.2133 . 0.1938 . . . . . . . . . . 
# 
_struct.entry_id                     5H0P 
_struct.title                        'Crystal structure of EF-hand protein mutant' 
_struct.pdbx_model_details           ? 
_struct.pdbx_formula_weight          ? 
_struct.pdbx_formula_weight_method   ? 
_struct.pdbx_model_type_details      ? 
_struct.pdbx_CASP_flag               N 
# 
_struct_keywords.entry_id        5H0P 
_struct_keywords.text            'EF-hand, Phosphorylation, METAL BINDING PROTEIN' 
_struct_keywords.pdbx_keywords   'METAL BINDING PROTEIN' 
# 
loop_
_struct_asym.id 
_struct_asym.pdbx_blank_PDB_chainid_flag 
_struct_asym.pdbx_modified 
_struct_asym.entity_id 
_struct_asym.details 
A N N 1 ? 
B N N 2 ? 
C N N 2 ? 
D N N 3 ? 
# 
loop_
_struct_conf.conf_type_id 
_struct_conf.id 
_struct_conf.pdbx_PDB_helix_id 
_struct_conf.beg_label_comp_id 
_struct_conf.beg_label_asym_id 
_struct_conf.beg_label_seq_id 
_struct_conf.pdbx_beg_PDB_ins_code 
_struct_conf.end_label_comp_id 
_struct_conf.end_label_asym_id 
_struct_conf.end_label_seq_id 
_struct_conf.pdbx_end_PDB_ins_code 
_struct_conf.beg_auth_comp_id 
_struct_conf.beg_auth_asym_id 
_struct_conf.beg_auth_seq_id 
_struct_conf.end_auth_comp_id 
_struct_conf.end_auth_asym_id 
_struct_conf.end_auth_seq_id 
_struct_conf.pdbx_PDB_helix_class 
_struct_conf.details 
_struct_conf.pdbx_PDB_helix_length 
HELX_P HELX_P1 AA1 ASN A 17  ? PHE A 22  ? ASN A 81  PHE A 86  1 ? 6  
HELX_P HELX_P2 AA2 SER A 26  ? ASP A 41  ? SER A 90  ASP A 105 1 ? 16 
HELX_P HELX_P3 AA3 ASP A 49  ? GLY A 61  ? ASP A 113 GLY A 125 1 ? 13 
HELX_P HELX_P4 AA4 THR A 65  ? ASP A 77  ? THR A 129 ASP A 141 1 ? 13 
HELX_P HELX_P5 AA5 SER A 85  ? ALA A 98  ? SER A 149 ALA A 162 1 ? 14 
HELX_P HELX_P6 AA6 SER A 105 ? SER A 114 ? SER A 169 SER A 178 1 ? 10 
# 
_struct_conf_type.id          HELX_P 
_struct_conf_type.criteria    ? 
_struct_conf_type.reference   ? 
# 
loop_
_struct_conn.id 
_struct_conn.conn_type_id 
_struct_conn.pdbx_leaving_atom_flag 
_struct_conn.pdbx_PDB_id 
_struct_conn.ptnr1_label_asym_id 
_struct_conn.ptnr1_label_comp_id 
_struct_conn.ptnr1_label_seq_id 
_struct_conn.ptnr1_label_atom_id 
_struct_conn.pdbx_ptnr1_label_alt_id 
_struct_conn.pdbx_ptnr1_PDB_ins_code 
_struct_conn.pdbx_ptnr1_standard_comp_id 
_struct_conn.ptnr1_symmetry 
_struct_conn.ptnr2_label_asym_id 
_struct_conn.ptnr2_label_comp_id 
_struct_conn.ptnr2_label_seq_id 
_struct_conn.ptnr2_label_atom_id 
_struct_conn.pdbx_ptnr2_label_alt_id 
_struct_conn.pdbx_ptnr2_PDB_ins_code 
_struct_conn.ptnr1_auth_asym_id 
_struct_conn.ptnr1_auth_comp_id 
_struct_conn.ptnr1_auth_seq_id 
_struct_conn.ptnr2_auth_asym_id 
_struct_conn.ptnr2_auth_comp_id 
_struct_conn.ptnr2_auth_seq_id 
_struct_conn.ptnr2_symmetry 
_struct_conn.pdbx_ptnr3_label_atom_id 
_struct_conn.pdbx_ptnr3_label_seq_id 
_struct_conn.pdbx_ptnr3_label_comp_id 
_struct_conn.pdbx_ptnr3_label_asym_id 
_struct_conn.pdbx_ptnr3_label_alt_id 
_struct_conn.pdbx_ptnr3_PDB_ins_code 
_struct_conn.details 
_struct_conn.pdbx_dist_value 
_struct_conn.pdbx_value_order 
_struct_conn.pdbx_role 
metalc1  metalc ? ? A ASP 41 OD1 ? ? ? 1_555 B CA  . CA ? ? A ASP 105 A CA  201 1_555 ? ? ? ? ? ? ? 2.294 ? ? 
metalc2  metalc ? ? A ASP 45 OD1 ? ? ? 1_555 B CA  . CA ? ? A ASP 109 A CA  201 1_555 ? ? ? ? ? ? ? 2.387 ? ? 
metalc3  metalc ? ? A PHE 47 O   ? ? ? 1_555 B CA  . CA ? ? A PHE 111 A CA  201 1_555 ? ? ? ? ? ? ? 2.423 ? ? 
metalc4  metalc ? ? A GLU 52 OE1 ? ? ? 1_555 B CA  . CA ? ? A GLU 116 A CA  201 1_555 ? ? ? ? ? ? ? 2.482 ? ? 
metalc5  metalc ? ? A GLU 52 OE2 ? ? ? 1_555 B CA  . CA ? ? A GLU 116 A CA  201 1_555 ? ? ? ? ? ? ? 2.307 ? ? 
metalc6  metalc ? ? A ASP 77 OD1 ? ? ? 1_555 C CA  . CA ? ? A ASP 141 A CA  202 1_555 ? ? ? ? ? ? ? 2.299 ? ? 
metalc7  metalc ? ? A ASP 79 OD1 ? ? ? 1_555 C CA  . CA ? ? A ASP 143 A CA  202 1_555 ? ? ? ? ? ? ? 2.283 ? ? 
metalc8  metalc ? ? A ASP 81 OD1 ? ? ? 1_555 C CA  . CA ? ? A ASP 145 A CA  202 1_555 ? ? ? ? ? ? ? 2.327 ? ? 
metalc9  metalc ? ? A LYS 83 O   ? ? ? 1_555 C CA  . CA ? ? A LYS 147 A CA  202 1_555 ? ? ? ? ? ? ? 2.374 ? ? 
metalc10 metalc ? ? A GLU 88 OE1 ? ? ? 1_555 C CA  . CA ? ? A GLU 152 A CA  202 1_555 ? ? ? ? ? ? ? 2.454 ? ? 
metalc11 metalc ? ? A GLU 88 OE2 ? ? ? 1_555 C CA  . CA ? ? A GLU 152 A CA  202 1_555 ? ? ? ? ? ? ? 2.517 ? ? 
metalc12 metalc ? ? B CA  .  CA  ? ? ? 1_555 D HOH . O  ? ? A CA  201 A HOH 303 1_555 ? ? ? ? ? ? ? 2.570 ? ? 
metalc13 metalc ? ? B CA  .  CA  ? ? ? 1_555 D HOH . O  ? ? A CA  201 A HOH 337 1_555 ? ? ? ? ? ? ? 2.584 ? ? 
metalc14 metalc ? ? C CA  .  CA  ? ? ? 1_555 D HOH . O  ? ? A CA  202 A HOH 320 1_555 ? ? ? ? ? ? ? 2.405 ? ? 
# 
_struct_conn_type.id          metalc 
_struct_conn_type.criteria    ? 
_struct_conn_type.reference   ? 
# 
loop_
_struct_site.id 
_struct_site.pdbx_evidence_code 
_struct_site.pdbx_auth_asym_id 
_struct_site.pdbx_auth_comp_id 
_struct_site.pdbx_auth_seq_id 
_struct_site.pdbx_auth_ins_code 
_struct_site.pdbx_num_residues 
_struct_site.details 
AC1 Software A CA 201 ? 6 'binding site for residue CA A 201' 
AC2 Software A CA 202 ? 6 'binding site for residue CA A 202' 
# 
loop_
_struct_site_gen.id 
_struct_site_gen.site_id 
_struct_site_gen.pdbx_num_res 
_struct_site_gen.label_comp_id 
_struct_site_gen.label_asym_id 
_struct_site_gen.label_seq_id 
_struct_site_gen.pdbx_auth_ins_code 
_struct_site_gen.auth_comp_id 
_struct_site_gen.auth_asym_id 
_struct_site_gen.auth_seq_id 
_struct_site_gen.label_atom_id 
_struct_site_gen.label_alt_id 
_struct_site_gen.symmetry 
_struct_site_gen.details 
1  AC1 6 ASP A 41 ? ASP A 105 . ? 1_555 ? 
2  AC1 6 ASP A 45 ? ASP A 109 . ? 1_555 ? 
3  AC1 6 PHE A 47 ? PHE A 111 . ? 1_555 ? 
4  AC1 6 GLU A 52 ? GLU A 116 . ? 1_555 ? 
5  AC1 6 HOH D .  ? HOH A 303 . ? 1_555 ? 
6  AC1 6 HOH D .  ? HOH A 337 . ? 1_555 ? 
7  AC2 6 ASP A 77 ? ASP A 141 . ? 1_555 ? 
8  AC2 6 ASP A 79 ? ASP A 143 . ? 1_555 ? 
9  AC2 6 ASP A 81 ? ASP A 145 . ? 1_555 ? 
10 AC2 6 LYS A 83 ? LYS A 147 . ? 1_555 ? 
11 AC2 6 GLU A 88 ? GLU A 152 . ? 1_555 ? 
12 AC2 6 HOH D .  ? HOH A 320 . ? 1_555 ? 
# 
_atom_sites.entry_id                    5H0P 
_atom_sites.fract_transf_matrix[1][1]   -0.00105216 
_atom_sites.fract_transf_matrix[1][2]   -0.00401155 
_atom_sites.fract_transf_matrix[1][3]   0.02694976 
_atom_sites.fract_transf_matrix[2][1]   -0.01941606 
_atom_sites.fract_transf_matrix[2][2]   -0.00217978 
_atom_sites.fract_transf_matrix[2][3]   -0.00108250 
_atom_sites.fract_transf_matrix[3][1]   0.00220383 
_atom_sites.fract_transf_matrix[3][2]   -0.01831889 
_atom_sites.fract_transf_matrix[3][3]   -0.00264078 
_atom_sites.fract_transf_vector[1]      -0.425503 
_atom_sites.fract_transf_vector[2]      -0.011051 
_atom_sites.fract_transf_vector[3]      0.050235 
# 
loop_
_atom_type.symbol 
C  
CA 
N  
O  
S  
# 
loop_
_atom_site.group_PDB 
_atom_site.id 
_atom_site.type_symbol 
_atom_site.label_atom_id 
_atom_site.label_alt_id 
_atom_site.label_comp_id 
_atom_site.label_asym_id 
_atom_site.label_entity_id 
_atom_site.label_seq_id 
_atom_site.pdbx_PDB_ins_code 
_atom_site.Cartn_x 
_atom_site.Cartn_y 
_atom_site.Cartn_z 
_atom_site.occupancy 
_atom_site.B_iso_or_equiv 
_atom_site.pdbx_formal_charge 
_atom_site.auth_seq_id 
_atom_site.auth_comp_id 
_atom_site.auth_asym_id 
_atom_site.auth_atom_id 
_atom_site.pdbx_PDB_model_num 
ATOM   1   N  N   . ASN A 1 17  ? 17.019  0.577   0.796   1.00 46.09  ? 81  ASN A N   1 
ATOM   2   C  CA  . ASN A 1 17  ? 17.042  -0.421  -0.275  1.00 42.00  ? 81  ASN A CA  1 
ATOM   3   C  C   . ASN A 1 17  ? 15.978  -1.517  -0.111  1.00 34.55  ? 81  ASN A C   1 
ATOM   4   O  O   . ASN A 1 17  ? 16.165  -2.475  0.643   1.00 37.47  ? 81  ASN A O   1 
ATOM   5   C  CB  . ASN A 1 17  ? 18.431  -1.052  -0.402  1.00 37.27  ? 81  ASN A CB  1 
ATOM   6   C  CG  . ASN A 1 17  ? 18.516  -2.067  -1.535  1.00 43.52  ? 81  ASN A CG  1 
ATOM   7   O  OD1 . ASN A 1 17  ? 17.537  -2.318  -2.245  1.00 40.26  ? 81  ASN A OD1 1 
ATOM   8   N  ND2 . ASN A 1 17  ? 19.699  -2.649  -1.718  1.00 47.03  ? 81  ASN A ND2 1 
ATOM   9   N  N   . PRO A 1 18  ? 14.886  -1.406  -0.873  1.00 45.81  ? 82  PRO A N   1 
ATOM   10  C  CA  . PRO A 1 18  ? 13.779  -2.347  -0.701  1.00 38.55  ? 82  PRO A CA  1 
ATOM   11  C  C   . PRO A 1 18  ? 14.138  -3.751  -1.181  1.00 35.12  ? 82  PRO A C   1 
ATOM   12  O  O   . PRO A 1 18  ? 13.501  -4.708  -0.765  1.00 37.68  ? 82  PRO A O   1 
ATOM   13  C  CB  . PRO A 1 18  ? 12.681  -1.731  -1.566  1.00 31.05  ? 82  PRO A CB  1 
ATOM   14  C  CG  . PRO A 1 18  ? 13.404  -1.066  -2.653  1.00 30.96  ? 82  PRO A CG  1 
ATOM   15  C  CD  . PRO A 1 18  ? 14.657  -0.500  -2.009  1.00 39.64  ? 82  PRO A CD  1 
ATOM   16  N  N   . TYR A 1 19  ? 15.173  -3.888  -2.009  1.00 31.29  ? 83  TYR A N   1 
ATOM   17  C  CA  . TYR A 1 19  ? 15.463  -5.191  -2.595  1.00 32.24  ? 83  TYR A CA  1 
ATOM   18  C  C   . TYR A 1 19  ? 16.163  -6.127  -1.622  1.00 43.59  ? 83  TYR A C   1 
ATOM   19  O  O   . TYR A 1 19  ? 16.076  -7.342  -1.760  1.00 47.55  ? 83  TYR A O   1 
ATOM   20  C  CB  . TYR A 1 19  ? 16.234  -5.054  -3.911  1.00 33.06  ? 83  TYR A CB  1 
ATOM   21  C  CG  . TYR A 1 19  ? 15.444  -4.261  -4.916  1.00 40.46  ? 83  TYR A CG  1 
ATOM   22  C  CD1 . TYR A 1 19  ? 15.555  -2.878  -4.972  1.00 40.12  ? 83  TYR A CD1 1 
ATOM   23  C  CD2 . TYR A 1 19  ? 14.548  -4.885  -5.771  1.00 35.06  ? 83  TYR A CD2 1 
ATOM   24  C  CE1 . TYR A 1 19  ? 14.820  -2.141  -5.866  1.00 39.48  ? 83  TYR A CE1 1 
ATOM   25  C  CE2 . TYR A 1 19  ? 13.809  -4.160  -6.678  1.00 32.58  ? 83  TYR A CE2 1 
ATOM   26  C  CZ  . TYR A 1 19  ? 13.954  -2.781  -6.716  1.00 37.83  ? 83  TYR A CZ  1 
ATOM   27  O  OH  . TYR A 1 19  ? 13.230  -2.038  -7.602  1.00 41.79  ? 83  TYR A OH  1 
ATOM   28  N  N   . THR A 1 20  ? 16.837  -5.565  -0.625  1.00 44.25  ? 84  THR A N   1 
ATOM   29  C  CA  . THR A 1 20  ? 17.501  -6.386  0.376   1.00 48.07  ? 84  THR A CA  1 
ATOM   30  C  C   . THR A 1 20  ? 16.601  -6.589  1.582   1.00 42.81  ? 84  THR A C   1 
ATOM   31  O  O   . THR A 1 20  ? 16.718  -7.589  2.274   1.00 47.96  ? 84  THR A O   1 
ATOM   32  C  CB  . THR A 1 20  ? 18.875  -5.802  0.799   1.00 51.48  ? 84  THR A CB  1 
ATOM   33  O  OG1 . THR A 1 20  ? 18.706  -4.481  1.331   1.00 56.60  ? 84  THR A OG1 1 
ATOM   34  C  CG2 . THR A 1 20  ? 19.807  -5.748  -0.395  1.00 54.31  ? 84  THR A CG2 1 
ATOM   35  N  N   . GLU A 1 21  ? 15.688  -5.652  1.819   1.00 48.71  ? 85  GLU A N   1 
ATOM   36  C  CA  . GLU A 1 21  ? 14.729  -5.819  2.906   1.00 50.61  ? 85  GLU A CA  1 
ATOM   37  C  C   . GLU A 1 21  ? 13.602  -6.778  2.538   1.00 48.61  ? 85  GLU A C   1 
ATOM   38  O  O   . GLU A 1 21  ? 13.245  -7.654  3.326   1.00 51.50  ? 85  GLU A O   1 
ATOM   39  C  CB  . GLU A 1 21  ? 14.156  -4.485  3.391   1.00 52.20  ? 85  GLU A CB  1 
ATOM   40  C  CG  . GLU A 1 21  ? 13.200  -4.619  4.581   1.00 57.75  ? 85  GLU A CG  1 
ATOM   41  C  CD  . GLU A 1 21  ? 12.666  -3.286  5.096   1.00 72.28  ? 85  GLU A CD  1 
ATOM   42  O  OE1 . GLU A 1 21  ? 12.991  -2.220  4.522   1.00 79.21  ? 85  GLU A OE1 1 
ATOM   43  O  OE2 . GLU A 1 21  ? 11.908  -3.313  6.085   1.00 76.95  ? 85  GLU A OE2 1 
ATOM   44  N  N   . PHE A 1 22  ? 13.057  -6.625  1.338   1.00 40.40  ? 86  PHE A N   1 
ATOM   45  C  CA  . PHE A 1 22  ? 11.900  -7.439  0.933   1.00 33.52  ? 86  PHE A CA  1 
ATOM   46  C  C   . PHE A 1 22  ? 12.305  -8.557  -0.042  1.00 36.24  ? 86  PHE A C   1 
ATOM   47  O  O   . PHE A 1 22  ? 11.949  -8.545  -1.228  1.00 34.17  ? 86  PHE A O   1 
ATOM   48  C  CB  . PHE A 1 22  ? 10.805  -6.557  0.343   1.00 29.62  ? 86  PHE A CB  1 
ATOM   49  C  CG  . PHE A 1 22  ? 10.196  -5.598  1.336   1.00 27.86  ? 86  PHE A CG  1 
ATOM   50  C  CD1 . PHE A 1 22  ? 9.126   -5.978  2.129   1.00 27.39  ? 86  PHE A CD1 1 
ATOM   51  C  CD2 . PHE A 1 22  ? 10.696  -4.317  1.476   1.00 32.36  ? 86  PHE A CD2 1 
ATOM   52  C  CE1 . PHE A 1 22  ? 8.571   -5.099  3.040   1.00 30.06  ? 86  PHE A CE1 1 
ATOM   53  C  CE2 . PHE A 1 22  ? 10.140  -3.433  2.386   1.00 37.39  ? 86  PHE A CE2 1 
ATOM   54  C  CZ  . PHE A 1 22  ? 9.076   -3.823  3.167   1.00 36.29  ? 86  PHE A CZ  1 
ATOM   55  N  N   . LYS A 1 23  ? 13.046  -9.532  0.484   1.00 37.35  ? 87  LYS A N   1 
ATOM   56  C  CA  . LYS A 1 23  ? 13.534  -10.656 -0.306  1.00 40.04  ? 87  LYS A CA  1 
ATOM   57  C  C   . LYS A 1 23  ? 12.448  -11.595 -0.805  1.00 40.35  ? 87  LYS A C   1 
ATOM   58  O  O   . LYS A 1 23  ? 12.706  -12.453 -1.655  1.00 40.63  ? 87  LYS A O   1 
ATOM   59  C  CB  . LYS A 1 23  ? 14.517  -11.479 0.515   1.00 43.07  ? 87  LYS A CB  1 
ATOM   60  C  CG  . LYS A 1 23  ? 15.774  -10.752 0.851   1.00 51.54  ? 87  LYS A CG  1 
ATOM   61  C  CD  . LYS A 1 23  ? 16.655  -11.628 1.710   1.00 64.26  ? 87  LYS A CD  1 
ATOM   62  C  CE  . LYS A 1 23  ? 17.929  -10.908 2.038   1.00 73.08  ? 87  LYS A CE  1 
ATOM   63  N  NZ  . LYS A 1 23  ? 18.459  -10.261 0.806   1.00 75.93  ? 87  LYS A NZ  1 
ATOM   64  N  N   . GLU A 1 24  ? 11.249  -11.472 -0.253  1.00 43.05  ? 88  GLU A N   1 
ATOM   65  C  CA  . GLU A 1 24  ? 10.155  -12.354 -0.650  1.00 45.89  ? 88  GLU A CA  1 
ATOM   66  C  C   . GLU A 1 24  ? 9.589   -11.978 -2.026  1.00 43.81  ? 88  GLU A C   1 
ATOM   67  O  O   . GLU A 1 24  ? 8.841   -12.743 -2.629  1.00 42.77  ? 88  GLU A O   1 
ATOM   68  C  CB  . GLU A 1 24  ? 9.051   -12.406 0.420   1.00 48.44  ? 88  GLU A CB  1 
ATOM   69  C  CG  . GLU A 1 24  ? 8.254   -11.112 0.629   1.00 42.20  ? 88  GLU A CG  1 
ATOM   70  C  CD  . GLU A 1 24  ? 8.756   -10.279 1.809   1.00 44.83  ? 88  GLU A CD  1 
ATOM   71  O  OE1 . GLU A 1 24  ? 9.973   -9.962  1.858   1.00 38.69  ? 88  GLU A OE1 1 
ATOM   72  O  OE2 . GLU A 1 24  ? 7.933   -9.945  2.694   1.00 39.90  ? 88  GLU A OE2 1 
ATOM   73  N  N   . PHE A 1 25  ? 9.978   -10.815 -2.535  1.00 39.92  ? 89  PHE A N   1 
ATOM   74  C  CA  . PHE A 1 25  ? 9.445   -10.327 -3.805  1.00 37.80  ? 89  PHE A CA  1 
ATOM   75  C  C   . PHE A 1 25  ? 10.522  -10.288 -4.869  1.00 39.62  ? 89  PHE A C   1 
ATOM   76  O  O   . PHE A 1 25  ? 11.666  -9.983  -4.566  1.00 42.39  ? 89  PHE A O   1 
ATOM   77  C  CB  . PHE A 1 25  ? 8.860   -8.923  -3.623  1.00 34.27  ? 89  PHE A CB  1 
ATOM   78  C  CG  . PHE A 1 25  ? 7.728   -8.874  -2.632  1.00 36.73  ? 89  PHE A CG  1 
ATOM   79  C  CD1 . PHE A 1 25  ? 6.752   -9.861  -2.634  1.00 41.25  ? 89  PHE A CD1 1 
ATOM   80  C  CD2 . PHE A 1 25  ? 7.672   -7.885  -1.676  1.00 37.65  ? 89  PHE A CD2 1 
ATOM   81  C  CE1 . PHE A 1 25  ? 5.732   -9.844  -1.717  1.00 40.83  ? 89  PHE A CE1 1 
ATOM   82  C  CE2 . PHE A 1 25  ? 6.638   -7.862  -0.752  1.00 39.33  ? 89  PHE A CE2 1 
ATOM   83  C  CZ  . PHE A 1 25  ? 5.679   -8.838  -0.779  1.00 34.57  ? 89  PHE A CZ  1 
ATOM   84  N  N   . SER A 1 26  ? 10.153  -10.579 -6.116  1.00 32.63  ? 90  SER A N   1 
ATOM   85  C  CA  . SER A 1 26  ? 11.081  -10.431 -7.237  1.00 37.36  ? 90  SER A CA  1 
ATOM   86  C  C   . SER A 1 26  ? 11.302  -8.951  -7.495  1.00 31.14  ? 90  SER A C   1 
ATOM   87  O  O   . SER A 1 26  ? 10.544  -8.118  -6.991  1.00 29.13  ? 90  SER A O   1 
ATOM   88  C  CB  . SER A 1 26  ? 10.507  -11.074 -8.498  1.00 39.24  ? 90  SER A CB  1 
ATOM   89  O  OG  . SER A 1 26  ? 9.378   -10.341 -8.949  1.00 33.95  ? 90  SER A OG  1 
ATOM   90  N  N   . ARG A 1 27  ? 12.332  -8.617  -8.273  1.00 31.97  ? 91  ARG A N   1 
ATOM   91  C  CA  . ARG A 1 27  ? 12.544  -7.230  -8.676  1.00 30.80  ? 91  ARG A CA  1 
ATOM   92  C  C   . ARG A 1 27  ? 11.376  -6.706  -9.491  1.00 37.97  ? 91  ARG A C   1 
ATOM   93  O  O   . ARG A 1 27  ? 10.971  -5.569  -9.319  1.00 31.86  ? 91  ARG A O   1 
ATOM   94  C  CB  . ARG A 1 27  ? 13.856  -7.057  -9.458  1.00 33.74  ? 91  ARG A CB  1 
ATOM   95  C  CG  . ARG A 1 27  ? 15.094  -7.357  -8.661  1.00 35.28  ? 91  ARG A CG  1 
ATOM   96  C  CD  . ARG A 1 27  ? 16.357  -6.794  -9.371  1.00 49.40  ? 91  ARG A CD  1 
ATOM   97  N  NE  . ARG A 1 27  ? 16.191  -5.358  -9.597  1.00 52.61  ? 91  ARG A NE  1 
ATOM   98  C  CZ  . ARG A 1 27  ? 16.677  -4.403  -8.807  1.00 47.87  ? 91  ARG A CZ  1 
ATOM   99  N  NH1 . ARG A 1 27  ? 17.400  -4.711  -7.741  1.00 40.75  ? 91  ARG A NH1 1 
ATOM   100 N  NH2 . ARG A 1 27  ? 16.442  -3.128  -9.087  1.00 49.15  ? 91  ARG A NH2 1 
ATOM   101 N  N   . LYS A 1 28  ? 10.824  -7.546  -10.362 1.00 39.49  ? 92  LYS A N   1 
ATOM   102 C  CA  . LYS A 1 28  ? 9.685   -7.139  -11.184 1.00 37.55  ? 92  LYS A CA  1 
ATOM   103 C  C   . LYS A 1 28  ? 8.475   -6.770  -10.330 1.00 31.65  ? 92  LYS A C   1 
ATOM   104 O  O   . LYS A 1 28  ? 7.754   -5.827  -10.643 1.00 32.31  ? 92  LYS A O   1 
ATOM   105 C  CB  . LYS A 1 28  ? 9.312   -8.244  -12.180 1.00 47.10  ? 92  LYS A CB  1 
ATOM   106 C  CG  . LYS A 1 28  ? 8.290   -7.818  -13.236 1.00 54.31  ? 92  LYS A CG  1 
ATOM   107 C  CD  . LYS A 1 28  ? 6.854   -8.183  -12.854 1.00 61.29  ? 92  LYS A CD  1 
ATOM   108 C  CE  . LYS A 1 28  ? 5.870   -7.800  -13.957 1.00 65.55  ? 92  LYS A CE  1 
ATOM   109 N  NZ  . LYS A 1 28  ? 6.120   -8.541  -15.222 1.00 70.94  ? 92  LYS A NZ  1 
ATOM   110 N  N   . GLN A 1 29  ? 8.254   -7.516  -9.254  1.00 28.67  ? 93  GLN A N   1 
ATOM   111 C  CA  . GLN A 1 29  ? 7.142   -7.225  -8.354  1.00 31.16  ? 93  GLN A CA  1 
ATOM   112 C  C   . GLN A 1 29  ? 7.374   -5.912  -7.615  1.00 30.11  ? 93  GLN A C   1 
ATOM   113 O  O   . GLN A 1 29  ? 6.477   -5.086  -7.525  1.00 25.50  ? 93  GLN A O   1 
ATOM   114 C  CB  . GLN A 1 29  ? 6.948   -8.344  -7.342  1.00 31.14  ? 93  GLN A CB  1 
ATOM   115 C  CG  . GLN A 1 29  ? 6.289   -9.594  -7.903  1.00 35.38  ? 93  GLN A CG  1 
ATOM   116 C  CD  . GLN A 1 29  ? 6.257   -10.720 -6.896  1.00 42.86  ? 93  GLN A CD  1 
ATOM   117 O  OE1 . GLN A 1 29  ? 7.266   -11.018 -6.247  1.00 37.52  ? 93  GLN A OE1 1 
ATOM   118 N  NE2 . GLN A 1 29  ? 5.096   -11.361 -6.754  1.00 47.93  ? 93  GLN A NE2 1 
ATOM   119 N  N   . ILE A 1 30  ? 8.581   -5.727  -7.081  1.00 28.98  ? 94  ILE A N   1 
ATOM   120 C  CA  . ILE A 1 30  ? 8.898   -4.476  -6.390  1.00 27.90  ? 94  ILE A CA  1 
ATOM   121 C  C   . ILE A 1 30  ? 8.792   -3.281  -7.329  1.00 26.45  ? 94  ILE A C   1 
ATOM   122 O  O   . ILE A 1 30  ? 8.216   -2.254  -6.958  1.00 30.83  ? 94  ILE A O   1 
ATOM   123 C  CB  . ILE A 1 30  ? 10.269  -4.518  -5.695  1.00 26.25  ? 94  ILE A CB  1 
ATOM   124 C  CG1 . ILE A 1 30  ? 10.191  -5.414  -4.451  1.00 25.93  ? 94  ILE A CG1 1 
ATOM   125 C  CG2 . ILE A 1 30  ? 10.737  -3.084  -5.308  1.00 25.81  ? 94  ILE A CG2 1 
ATOM   126 C  CD1 . ILE A 1 30  ? 11.536  -6.032  -4.023  1.00 27.64  ? 94  ILE A CD1 1 
ATOM   127 N  N   . LYS A 1 31  ? 9.321   -3.413  -8.545  1.00 26.20  ? 95  LYS A N   1 
ATOM   128 C  CA  . LYS A 1 31  ? 9.179   -2.340  -9.536  1.00 26.60  ? 95  LYS A CA  1 
ATOM   129 C  C   . LYS A 1 31  ? 7.709   -2.053  -9.855  1.00 32.70  ? 95  LYS A C   1 
ATOM   130 O  O   . LYS A 1 31  ? 7.323   -0.902  -10.048 1.00 31.59  ? 95  LYS A O   1 
ATOM   131 C  CB  . LYS A 1 31  ? 9.951   -2.641  -10.822 1.00 30.96  ? 95  LYS A CB  1 
ATOM   132 C  CG  . LYS A 1 31  ? 11.468  -2.620  -10.687 1.00 40.43  ? 95  LYS A CG  1 
ATOM   133 C  CD  . LYS A 1 31  ? 12.003  -1.251  -10.265 1.00 50.35  ? 95  LYS A CD  1 
ATOM   134 C  CE  . LYS A 1 31  ? 11.682  -0.158  -11.269 1.00 53.40  ? 95  LYS A CE  1 
ATOM   135 N  NZ  . LYS A 1 31  ? 12.521  1.073   -11.028 1.00 55.84  ? 95  LYS A NZ  1 
ATOM   136 N  N   . ASP A 1 32  ? 6.889   -3.097  -9.906  1.00 32.23  ? 96  ASP A N   1 
ATOM   137 C  CA  . ASP A 1 32  ? 5.459   -2.901  -10.152 1.00 32.94  ? 96  ASP A CA  1 
ATOM   138 C  C   . ASP A 1 32  ? 4.804   -2.154  -8.992  1.00 33.54  ? 96  ASP A C   1 
ATOM   139 O  O   . ASP A 1 32  ? 3.925   -1.313  -9.197  1.00 31.33  ? 96  ASP A O   1 
ATOM   140 C  CB  . ASP A 1 32  ? 4.746   -4.238  -10.370 1.00 30.49  ? 96  ASP A CB  1 
ATOM   141 C  CG  . ASP A 1 32  ? 4.938   -4.780  -11.767 1.00 39.44  ? 96  ASP A CG  1 
ATOM   142 O  OD1 . ASP A 1 32  ? 5.374   -4.018  -12.651 1.00 43.71  ? 96  ASP A OD1 1 
ATOM   143 O  OD2 . ASP A 1 32  ? 4.626   -5.966  -11.991 1.00 45.35  ? 96  ASP A OD2 1 
ATOM   144 N  N   . MET A 1 33  ? 5.227   -2.473  -7.772  1.00 28.99  ? 97  MET A N   1 
ATOM   145 C  CA  . MET A 1 33  ? 4.735   -1.780  -6.591  1.00 27.01  ? 97  MET A CA  1 
ATOM   146 C  C   . MET A 1 33  ? 5.231   -0.328  -6.594  1.00 29.04  ? 97  MET A C   1 
ATOM   147 O  O   . MET A 1 33  ? 4.493   0.583   -6.209  1.00 30.39  ? 97  MET A O   1 
ATOM   148 C  CB  . MET A 1 33  ? 5.136   -2.504  -5.293  1.00 22.64  ? 97  MET A CB  1 
ATOM   149 C  CG  . MET A 1 33  ? 4.533   -3.903  -5.071  1.00 23.62  ? 97  MET A CG  1 
ATOM   150 S  SD  . MET A 1 33  ? 5.485   -4.795  -3.809  1.00 36.10  ? 97  MET A SD  1 
ATOM   151 C  CE  . MET A 1 33  ? 4.947   -6.484  -4.068  1.00 35.06  ? 97  MET A CE  1 
ATOM   152 N  N   . GLU A 1 34  ? 6.470   -0.105  -7.038  1.00 29.05  ? 98  GLU A N   1 
ATOM   153 C  CA  . GLU A 1 34  ? 6.996   1.255   -7.166  1.00 28.10  ? 98  GLU A CA  1 
ATOM   154 C  C   . GLU A 1 34  ? 6.173   2.063   -8.163  1.00 34.23  ? 98  GLU A C   1 
ATOM   155 O  O   . GLU A 1 34  ? 5.835   3.221   -7.925  1.00 32.59  ? 98  GLU A O   1 
ATOM   156 C  CB  . GLU A 1 34  ? 8.459   1.241   -7.611  1.00 31.51  ? 98  GLU A CB  1 
ATOM   157 C  CG  . GLU A 1 34  ? 9.074   2.613   -7.692  1.00 39.90  ? 98  GLU A CG  1 
ATOM   158 C  CD  . GLU A 1 34  ? 10.393  2.616   -8.443  1.00 48.92  ? 98  GLU A CD  1 
ATOM   159 O  OE1 . GLU A 1 34  ? 10.675  3.606   -9.145  1.00 58.71  ? 98  GLU A OE1 1 
ATOM   160 O  OE2 . GLU A 1 34  ? 11.141  1.624   -8.338  1.00 45.73  ? 98  GLU A OE2 1 
ATOM   161 N  N   . LYS A 1 35  ? 5.875   1.437   -9.293  1.00 29.97  ? 99  LYS A N   1 
ATOM   162 C  CA  . LYS A 1 35  ? 5.057   2.046   -10.333 1.00 35.19  ? 99  LYS A CA  1 
ATOM   163 C  C   . LYS A 1 35  ? 3.665   2.432   -9.809  1.00 30.79  ? 99  LYS A C   1 
ATOM   164 O  O   . LYS A 1 35  ? 3.177   3.534   -10.074 1.00 34.41  ? 99  LYS A O   1 
ATOM   165 C  CB  . LYS A 1 35  ? 4.949   1.080   -11.517 1.00 45.14  ? 99  LYS A CB  1 
ATOM   166 C  CG  . LYS A 1 35  ? 4.003   1.493   -12.627 1.00 56.44  ? 99  LYS A CG  1 
ATOM   167 C  CD  . LYS A 1 35  ? 4.176   0.557   -13.827 1.00 65.33  ? 99  LYS A CD  1 
ATOM   168 C  CE  . LYS A 1 35  ? 3.034   0.692   -14.827 1.00 70.37  ? 99  LYS A CE  1 
ATOM   169 N  NZ  . LYS A 1 35  ? 1.750   0.174   -14.274 1.00 68.23  ? 99  LYS A NZ  1 
ATOM   170 N  N   . MET A 1 36  ? 3.036   1.544   -9.048  1.00 33.53  ? 100 MET A N   1 
ATOM   171 C  CA  . MET A 1 36  ? 1.726   1.845   -8.463  1.00 35.23  ? 100 MET A CA  1 
ATOM   172 C  C   . MET A 1 36  ? 1.811   2.957   -7.405  1.00 31.71  ? 100 MET A C   1 
ATOM   173 O  O   . MET A 1 36  ? 0.969   3.864   -7.366  1.00 31.42  ? 100 MET A O   1 
ATOM   174 C  CB  . MET A 1 36  ? 1.102   0.579   -7.868  1.00 33.52  ? 100 MET A CB  1 
ATOM   175 C  CG  . MET A 1 36  ? -0.342  0.763   -7.400  1.00 33.39  ? 100 MET A CG  1 
ATOM   176 S  SD  . MET A 1 36  ? -0.954  -0.741  -6.621  1.00 34.79  ? 100 MET A SD  1 
ATOM   177 C  CE  . MET A 1 36  ? -2.707  -0.372  -6.408  1.00 38.24  ? 100 MET A CE  1 
ATOM   178 N  N   . PHE A 1 37  ? 2.827   2.886   -6.550  1.00 28.83  ? 101 PHE A N   1 
ATOM   179 C  CA  . PHE A 1 37  ? 3.058   3.933   -5.558  1.00 30.86  ? 101 PHE A CA  1 
ATOM   180 C  C   . PHE A 1 37  ? 3.173   5.309   -6.219  1.00 35.33  ? 101 PHE A C   1 
ATOM   181 O  O   . PHE A 1 37  ? 2.500   6.274   -5.806  1.00 32.00  ? 101 PHE A O   1 
ATOM   182 C  CB  . PHE A 1 37  ? 4.305   3.613   -4.721  1.00 28.50  ? 101 PHE A CB  1 
ATOM   183 C  CG  . PHE A 1 37  ? 4.546   4.580   -3.604  1.00 27.69  ? 101 PHE A CG  1 
ATOM   184 C  CD1 . PHE A 1 37  ? 5.282   5.728   -3.821  1.00 35.58  ? 101 PHE A CD1 1 
ATOM   185 C  CD2 . PHE A 1 37  ? 4.037   4.345   -2.337  1.00 22.85  ? 101 PHE A CD2 1 
ATOM   186 C  CE1 . PHE A 1 37  ? 5.498   6.645   -2.799  1.00 38.60  ? 101 PHE A CE1 1 
ATOM   187 C  CE2 . PHE A 1 37  ? 4.258   5.260   -1.302  1.00 26.94  ? 101 PHE A CE2 1 
ATOM   188 C  CZ  . PHE A 1 37  ? 4.990   6.404   -1.541  1.00 33.49  ? 101 PHE A CZ  1 
ATOM   189 N  N   . LYS A 1 38  ? 4.005   5.394   -7.255  1.00 28.03  ? 102 LYS A N   1 
ATOM   190 C  CA  . LYS A 1 38  ? 4.208   6.650   -7.962  1.00 31.52  ? 102 LYS A CA  1 
ATOM   191 C  C   . LYS A 1 38  ? 2.945   7.113   -8.681  1.00 39.29  ? 102 LYS A C   1 
ATOM   192 O  O   . LYS A 1 38  ? 2.677   8.317   -8.755  1.00 38.41  ? 102 LYS A O   1 
ATOM   193 C  CB  . LYS A 1 38  ? 5.404   6.562   -8.920  1.00 43.15  ? 102 LYS A CB  1 
ATOM   194 C  CG  . LYS A 1 38  ? 6.718   6.253   -8.214  1.00 44.80  ? 102 LYS A CG  1 
ATOM   195 C  CD  . LYS A 1 38  ? 7.910   6.433   -9.132  1.00 56.18  ? 102 LYS A CD  1 
ATOM   196 C  CE  . LYS A 1 38  ? 9.217   6.272   -8.363  1.00 62.69  ? 102 LYS A CE  1 
ATOM   197 N  NZ  . LYS A 1 38  ? 9.400   7.279   -7.277  1.00 66.85  ? 102 LYS A NZ  1 
ATOM   198 N  N   . GLN A 1 39  ? 2.162   6.162   -9.184  1.00 36.60  ? 103 GLN A N   1 
ATOM   199 C  CA  . GLN A 1 39  ? 0.907   6.490   -9.856  1.00 44.49  ? 103 GLN A CA  1 
ATOM   200 C  C   . GLN A 1 39  ? -0.008  7.317   -8.968  1.00 41.50  ? 103 GLN A C   1 
ATOM   201 O  O   . GLN A 1 39  ? -0.593  8.302   -9.409  1.00 42.40  ? 103 GLN A O   1 
ATOM   202 C  CB  . GLN A 1 39  ? 0.183   5.225   -10.314 1.00 53.67  ? 103 GLN A CB  1 
ATOM   203 C  CG  . GLN A 1 39  ? 0.560   4.771   -11.706 1.00 70.16  ? 103 GLN A CG  1 
ATOM   204 C  CD  . GLN A 1 39  ? -0.084  3.456   -12.080 1.00 81.15  ? 103 GLN A CD  1 
ATOM   205 O  OE1 . GLN A 1 39  ? -1.009  2.992   -11.409 1.00 85.15  ? 103 GLN A OE1 1 
ATOM   206 N  NE2 . GLN A 1 39  ? 0.407   2.840   -13.154 1.00 85.04  ? 103 GLN A NE2 1 
ATOM   207 N  N   . TYR A 1 40  ? -0.099  6.935   -7.703  1.00 37.20  ? 104 TYR A N   1 
ATOM   208 C  CA  . TYR A 1 40  ? -1.070  7.560   -6.814  1.00 40.61  ? 104 TYR A CA  1 
ATOM   209 C  C   . TYR A 1 40  ? -0.527  8.646   -5.876  1.00 42.76  ? 104 TYR A C   1 
ATOM   210 O  O   . TYR A 1 40  ? -1.303  9.335   -5.200  1.00 42.38  ? 104 TYR A O   1 
ATOM   211 C  CB  . TYR A 1 40  ? -1.874  6.494   -6.075  1.00 39.36  ? 104 TYR A CB  1 
ATOM   212 C  CG  . TYR A 1 40  ? -2.726  5.680   -7.014  1.00 38.95  ? 104 TYR A CG  1 
ATOM   213 C  CD1 . TYR A 1 40  ? -3.943  6.162   -7.461  1.00 32.93  ? 104 TYR A CD1 1 
ATOM   214 C  CD2 . TYR A 1 40  ? -2.298  4.440   -7.480  1.00 30.28  ? 104 TYR A CD2 1 
ATOM   215 C  CE1 . TYR A 1 40  ? -4.725  5.425   -8.328  1.00 40.16  ? 104 TYR A CE1 1 
ATOM   216 C  CE2 . TYR A 1 40  ? -3.080  3.695   -8.348  1.00 38.62  ? 104 TYR A CE2 1 
ATOM   217 C  CZ  . TYR A 1 40  ? -4.295  4.199   -8.765  1.00 41.84  ? 104 TYR A CZ  1 
ATOM   218 O  OH  . TYR A 1 40  ? -5.077  3.479   -9.626  1.00 48.04  ? 104 TYR A OH  1 
ATOM   219 N  N   . ASP A 1 41  ? 0.795   8.813   -5.847  1.00 36.62  ? 105 ASP A N   1 
ATOM   220 C  CA  . ASP A 1 41  ? 1.404   9.965   -5.183  1.00 40.45  ? 105 ASP A CA  1 
ATOM   221 C  C   . ASP A 1 41  ? 1.218   11.192  -6.071  1.00 48.86  ? 105 ASP A C   1 
ATOM   222 O  O   . ASP A 1 41  ? 2.098   11.557  -6.856  1.00 51.50  ? 105 ASP A O   1 
ATOM   223 C  CB  . ASP A 1 41  ? 2.889   9.717   -4.867  1.00 41.26  ? 105 ASP A CB  1 
ATOM   224 C  CG  . ASP A 1 41  ? 3.564   10.914  -4.195  1.00 43.12  ? 105 ASP A CG  1 
ATOM   225 O  OD1 . ASP A 1 41  ? 2.854   11.857  -3.771  1.00 40.05  ? 105 ASP A OD1 1 
ATOM   226 O  OD2 . ASP A 1 41  ? 4.816   10.920  -4.089  1.00 45.53  ? 105 ASP A OD2 1 
ATOM   227 N  N   . ALA A 1 42  ? 0.056   11.826  -5.936  1.00 55.49  ? 106 ALA A N   1 
ATOM   228 C  CA  . ALA A 1 42  ? -0.327  12.922  -6.815  1.00 55.32  ? 106 ALA A CA  1 
ATOM   229 C  C   . ALA A 1 42  ? 0.613   14.122  -6.712  1.00 56.54  ? 106 ALA A C   1 
ATOM   230 O  O   . ALA A 1 42  ? 0.824   14.823  -7.695  1.00 65.27  ? 106 ALA A O   1 
ATOM   231 C  CB  . ALA A 1 42  ? -1.772  13.342  -6.549  1.00 52.56  ? 106 ALA A CB  1 
ATOM   232 N  N   . GLY A 1 43  ? 1.194   14.340  -5.534  1.00 51.00  ? 107 GLY A N   1 
ATOM   233 C  CA  . GLY A 1 43  ? 2.004   15.522  -5.294  1.00 53.38  ? 107 GLY A CA  1 
ATOM   234 C  C   . GLY A 1 43  ? 3.503   15.342  -5.460  1.00 57.54  ? 107 GLY A C   1 
ATOM   235 O  O   . GLY A 1 43  ? 4.266   16.294  -5.268  1.00 61.03  ? 107 GLY A O   1 
ATOM   236 N  N   . ARG A 1 44  ? 3.922   14.128  -5.811  1.00 52.35  ? 108 ARG A N   1 
ATOM   237 C  CA  . ARG A 1 44  ? 5.330   13.810  -6.037  1.00 56.19  ? 108 ARG A CA  1 
ATOM   238 C  C   . ARG A 1 44  ? 6.195   14.092  -4.811  1.00 57.13  ? 108 ARG A C   1 
ATOM   239 O  O   . ARG A 1 44  ? 7.378   14.421  -4.946  1.00 59.84  ? 108 ARG A O   1 
ATOM   240 C  CB  . ARG A 1 44  ? 5.866   14.592  -7.240  1.00 72.97  ? 108 ARG A CB  1 
ATOM   241 C  CG  . ARG A 1 44  ? 5.010   14.471  -8.484  1.00 82.81  ? 108 ARG A CG  1 
ATOM   242 C  CD  . ARG A 1 44  ? 4.924   13.025  -8.929  1.00 90.14  ? 108 ARG A CD  1 
ATOM   243 N  NE  . ARG A 1 44  ? 4.010   12.839  -10.052 1.00 101.53 ? 108 ARG A NE  1 
ATOM   244 C  CZ  . ARG A 1 44  ? 3.747   11.661  -10.610 1.00 104.15 ? 108 ARG A CZ  1 
ATOM   245 N  NH1 . ARG A 1 44  ? 4.330   10.561  -10.149 1.00 101.04 ? 108 ARG A NH1 1 
ATOM   246 N  NH2 . ARG A 1 44  ? 2.900   11.580  -11.629 1.00 108.20 ? 108 ARG A NH2 1 
ATOM   247 N  N   . ASP A 1 45  ? 5.613   13.982  -3.619  1.00 53.58  ? 109 ASP A N   1 
ATOM   248 C  CA  . ASP A 1 45  ? 6.358   14.282  -2.394  1.00 56.13  ? 109 ASP A CA  1 
ATOM   249 C  C   . ASP A 1 45  ? 7.031   13.038  -1.827  1.00 51.19  ? 109 ASP A C   1 
ATOM   250 O  O   . ASP A 1 45  ? 7.826   13.121  -0.885  1.00 46.43  ? 109 ASP A O   1 
ATOM   251 C  CB  . ASP A 1 45  ? 5.485   14.981  -1.339  1.00 54.47  ? 109 ASP A CB  1 
ATOM   252 C  CG  . ASP A 1 45  ? 4.420   14.071  -0.748  1.00 49.09  ? 109 ASP A CG  1 
ATOM   253 O  OD1 . ASP A 1 45  ? 4.096   13.042  -1.364  1.00 51.59  ? 109 ASP A OD1 1 
ATOM   254 O  OD2 . ASP A 1 45  ? 3.893   14.405  0.336   1.00 48.89  ? 109 ASP A OD2 1 
ATOM   255 N  N   . GLY A 1 46  ? 6.710   11.892  -2.420  1.00 51.36  ? 110 GLY A N   1 
ATOM   256 C  CA  . GLY A 1 46  ? 7.281   10.624  -2.013  1.00 45.10  ? 110 GLY A CA  1 
ATOM   257 C  C   . GLY A 1 46  ? 6.442   9.867   -1.001  1.00 37.58  ? 110 GLY A C   1 
ATOM   258 O  O   . GLY A 1 46  ? 6.900   8.892   -0.416  1.00 36.43  ? 110 GLY A O   1 
ATOM   259 N  N   . PHE A 1 47  ? 5.219   10.332  -0.782  1.00 33.83  ? 111 PHE A N   1 
ATOM   260 C  CA  . PHE A 1 47  ? 4.328   9.701   0.177   1.00 31.03  ? 111 PHE A CA  1 
ATOM   261 C  C   . PHE A 1 47  ? 2.961   9.515   -0.396  1.00 32.65  ? 111 PHE A C   1 
ATOM   262 O  O   . PHE A 1 47  ? 2.577   10.193  -1.347  1.00 31.66  ? 111 PHE A O   1 
ATOM   263 C  CB  . PHE A 1 47  ? 4.242   10.526  1.454   1.00 36.23  ? 111 PHE A CB  1 
ATOM   264 C  CG  . PHE A 1 47  ? 5.555   10.703  2.128   1.00 39.18  ? 111 PHE A CG  1 
ATOM   265 C  CD1 . PHE A 1 47  ? 6.021   9.750   3.014   1.00 34.19  ? 111 PHE A CD1 1 
ATOM   266 C  CD2 . PHE A 1 47  ? 6.353   11.808  1.851   1.00 45.52  ? 111 PHE A CD2 1 
ATOM   267 C  CE1 . PHE A 1 47  ? 7.232   9.896   3.631   1.00 38.11  ? 111 PHE A CE1 1 
ATOM   268 C  CE2 . PHE A 1 47  ? 7.578   11.956  2.462   1.00 48.47  ? 111 PHE A CE2 1 
ATOM   269 C  CZ  . PHE A 1 47  ? 8.021   11.005  3.354   1.00 46.37  ? 111 PHE A CZ  1 
ATOM   270 N  N   . ILE A 1 48  ? 2.222   8.565   0.168   1.00 30.92  ? 112 ILE A N   1 
ATOM   271 C  CA  . ILE A 1 48  ? 0.806   8.495   -0.081  1.00 28.08  ? 112 ILE A CA  1 
ATOM   272 C  C   . ILE A 1 48  ? 0.122   8.907   1.206   1.00 32.51  ? 112 ILE A C   1 
ATOM   273 O  O   . ILE A 1 48  ? 0.256   8.224   2.225   1.00 28.27  ? 112 ILE A O   1 
ATOM   274 C  CB  . ILE A 1 48  ? 0.342   7.082   -0.459  1.00 28.56  ? 112 ILE A CB  1 
ATOM   275 C  CG1 . ILE A 1 48  ? 1.011   6.628   -1.747  1.00 30.14  ? 112 ILE A CG1 1 
ATOM   276 C  CG2 . ILE A 1 48  ? -1.163  7.084   -0.677  1.00 24.33  ? 112 ILE A CG2 1 
ATOM   277 C  CD1 . ILE A 1 48  ? 0.647   7.498   -2.891  1.00 37.10  ? 112 ILE A CD1 1 
ATOM   278 N  N   . ASP A 1 49  ? -0.586  10.033  1.165   1.00 36.88  ? 113 ASP A N   1 
ATOM   279 C  CA  . ASP A 1 49  ? -1.385  10.472  2.303   1.00 28.67  ? 113 ASP A CA  1 
ATOM   280 C  C   . ASP A 1 49  ? -2.812  9.944   2.208   1.00 25.11  ? 113 ASP A C   1 
ATOM   281 O  O   . ASP A 1 49  ? -3.181  9.238   1.249   1.00 28.29  ? 113 ASP A O   1 
ATOM   282 C  CB  . ASP A 1 49  ? -1.383  12.020  2.456   1.00 25.08  ? 113 ASP A CB  1 
ATOM   283 C  CG  . ASP A 1 49  ? -1.883  12.748  1.208   1.00 35.18  ? 113 ASP A CG  1 
ATOM   284 O  OD1 . ASP A 1 49  ? -2.821  12.268  0.539   1.00 30.91  ? 113 ASP A OD1 1 
ATOM   285 O  OD2 . ASP A 1 49  ? -1.334  13.831  0.896   1.00 44.84  ? 113 ASP A OD2 1 
ATOM   286 N  N   . LEU A 1 50  ? -3.636  10.322  3.183   1.00 38.23  ? 114 LEU A N   1 
ATOM   287 C  CA  . LEU A 1 50  ? -4.982  9.772   3.289   1.00 30.92  ? 114 LEU A CA  1 
ATOM   288 C  C   . LEU A 1 50  ? -5.830  10.102  2.059   1.00 32.60  ? 114 LEU A C   1 
ATOM   289 O  O   . LEU A 1 50  ? -6.542  9.238   1.531   1.00 35.39  ? 114 LEU A O   1 
ATOM   290 C  CB  . LEU A 1 50  ? -5.670  10.287  4.553   1.00 37.49  ? 114 LEU A CB  1 
ATOM   291 C  CG  . LEU A 1 50  ? -7.028  9.644   4.804   1.00 41.86  ? 114 LEU A CG  1 
ATOM   292 C  CD1 . LEU A 1 50  ? -7.106  9.179   6.245   1.00 48.34  ? 114 LEU A CD1 1 
ATOM   293 C  CD2 . LEU A 1 50  ? -8.143  10.608  4.466   1.00 48.55  ? 114 LEU A CD2 1 
ATOM   294 N  N   . MET A 1 51  ? -5.733  11.349  1.610   1.00 35.19  ? 115 MET A N   1 
ATOM   295 C  CA  . MET A 1 51  ? -6.472  11.825  0.443   1.00 41.61  ? 115 MET A CA  1 
ATOM   296 C  C   . MET A 1 51  ? -6.066  11.042  -0.798  1.00 40.17  ? 115 MET A C   1 
ATOM   297 O  O   . MET A 1 51  ? -6.908  10.633  -1.605  1.00 39.81  ? 115 MET A O   1 
ATOM   298 C  CB  . MET A 1 51  ? -6.206  13.316  0.218   1.00 42.25  ? 115 MET A CB  1 
ATOM   299 C  CG  . MET A 1 51  ? -6.923  13.887  -0.983  1.00 51.16  ? 115 MET A CG  1 
ATOM   300 S  SD  . MET A 1 51  ? -8.716  13.895  -0.769  1.00 128.16 ? 115 MET A SD  1 
ATOM   301 C  CE  . MET A 1 51  ? -8.913  15.203  0.435   1.00 69.18  ? 115 MET A CE  1 
ATOM   302 N  N   . GLU A 1 52  ? -4.763  10.844  -0.950  1.00 36.66  ? 116 GLU A N   1 
ATOM   303 C  CA  . GLU A 1 52  ? -4.235  10.087  -2.075  1.00 32.73  ? 116 GLU A CA  1 
ATOM   304 C  C   . GLU A 1 52  ? -4.665  8.633   -1.995  1.00 32.61  ? 116 GLU A C   1 
ATOM   305 O  O   . GLU A 1 52  ? -4.951  8.009   -3.016  1.00 39.55  ? 116 GLU A O   1 
ATOM   306 C  CB  . GLU A 1 52  ? -2.708  10.184  -2.122  1.00 32.23  ? 116 GLU A CB  1 
ATOM   307 C  CG  . GLU A 1 52  ? -2.219  11.525  -2.687  1.00 34.61  ? 116 GLU A CG  1 
ATOM   308 C  CD  . GLU A 1 52  ? -0.771  11.801  -2.344  1.00 39.06  ? 116 GLU A CD  1 
ATOM   309 O  OE1 . GLU A 1 52  ? -0.313  11.297  -1.306  1.00 40.34  ? 116 GLU A OE1 1 
ATOM   310 O  OE2 . GLU A 1 52  ? -0.088  12.527  -3.093  1.00 41.27  ? 116 GLU A OE2 1 
ATOM   311 N  N   . LEU A 1 53  ? -4.708  8.089   -0.785  1.00 29.95  ? 117 LEU A N   1 
ATOM   312 C  CA  . LEU A 1 53  ? -5.174  6.704   -0.610  1.00 30.80  ? 117 LEU A CA  1 
ATOM   313 C  C   . LEU A 1 53  ? -6.665  6.567   -0.927  1.00 32.32  ? 117 LEU A C   1 
ATOM   314 O  O   . LEU A 1 53  ? -7.094  5.588   -1.546  1.00 34.36  ? 117 LEU A O   1 
ATOM   315 C  CB  . LEU A 1 53  ? -4.850  6.176   0.794   1.00 28.86  ? 117 LEU A CB  1 
ATOM   316 C  CG  . LEU A 1 53  ? -5.199  4.714   1.097   1.00 28.62  ? 117 LEU A CG  1 
ATOM   317 C  CD1 . LEU A 1 53  ? -4.406  3.734   0.206   1.00 26.46  ? 117 LEU A CD1 1 
ATOM   318 C  CD2 . LEU A 1 53  ? -4.947  4.418   2.557   1.00 25.96  ? 117 LEU A CD2 1 
ATOM   319 N  N   . LYS A 1 54  ? -7.448  7.546   -0.493  1.00 31.55  ? 118 LYS A N   1 
ATOM   320 C  CA  . LYS A 1 54  ? -8.867  7.614   -0.835  1.00 34.92  ? 118 LYS A CA  1 
ATOM   321 C  C   . LYS A 1 54  ? -9.067  7.515   -2.348  1.00 40.34  ? 118 LYS A C   1 
ATOM   322 O  O   . LYS A 1 54  ? -9.859  6.699   -2.820  1.00 40.36  ? 118 LYS A O   1 
ATOM   323 C  CB  . LYS A 1 54  ? -9.470  8.907   -0.294  1.00 38.89  ? 118 LYS A CB  1 
ATOM   324 C  CG  . LYS A 1 54  ? -10.920 9.139   -0.654  1.00 41.74  ? 118 LYS A CG  1 
ATOM   325 C  CD  . LYS A 1 54  ? -11.395 10.456  -0.069  1.00 46.23  ? 118 LYS A CD  1 
ATOM   326 C  CE  . LYS A 1 54  ? -12.888 10.665  -0.279  1.00 59.54  ? 118 LYS A CE  1 
ATOM   327 N  NZ  . LYS A 1 54  ? -13.190 11.286  -1.602  1.00 66.23  ? 118 LYS A NZ  1 
ATOM   328 N  N   . LEU A 1 55  ? -8.318  8.317   -3.102  1.00 43.79  ? 119 LEU A N   1 
ATOM   329 C  CA  . LEU A 1 55  ? -8.396  8.308   -4.566  1.00 45.98  ? 119 LEU A CA  1 
ATOM   330 C  C   . LEU A 1 55  ? -7.993  6.961   -5.186  1.00 40.21  ? 119 LEU A C   1 
ATOM   331 O  O   . LEU A 1 55  ? -8.645  6.493   -6.123  1.00 41.52  ? 119 LEU A O   1 
ATOM   332 C  CB  . LEU A 1 55  ? -7.554  9.444   -5.166  1.00 55.99  ? 119 LEU A CB  1 
ATOM   333 C  CG  . LEU A 1 55  ? -7.660  9.691   -6.676  1.00 63.59  ? 119 LEU A CG  1 
ATOM   334 C  CD1 . LEU A 1 55  ? -9.022  10.252  -7.045  1.00 70.04  ? 119 LEU A CD1 1 
ATOM   335 C  CD2 . LEU A 1 55  ? -6.556  10.617  -7.157  1.00 70.91  ? 119 LEU A CD2 1 
ATOM   336 N  N   . MET A 1 56  ? -6.929  6.348   -4.664  1.00 37.41  ? 120 MET A N   1 
ATOM   337 C  CA  . MET A 1 56  ? -6.463  5.049   -5.155  1.00 38.09  ? 120 MET A CA  1 
ATOM   338 C  C   . MET A 1 56  ? -7.543  3.978   -4.990  1.00 38.01  ? 120 MET A C   1 
ATOM   339 O  O   . MET A 1 56  ? -7.812  3.213   -5.917  1.00 38.71  ? 120 MET A O   1 
ATOM   340 C  CB  . MET A 1 56  ? -5.167  4.612   -4.445  1.00 29.58  ? 120 MET A CB  1 
ATOM   341 C  CG  . MET A 1 56  ? -4.697  3.185   -4.776  1.00 27.45  ? 120 MET A CG  1 
ATOM   342 S  SD  . MET A 1 56  ? -3.394  2.584   -3.667  1.00 34.99  ? 120 MET A SD  1 
ATOM   343 C  CE  . MET A 1 56  ? -2.116  3.783   -3.896  1.00 31.22  ? 120 MET A CE  1 
ATOM   344 N  N   . MET A 1 57  ? -8.166  3.929   -3.816  1.00 34.59  ? 121 MET A N   1 
ATOM   345 C  CA  . MET A 1 57  ? -9.211  2.941   -3.553  1.00 35.19  ? 121 MET A CA  1 
ATOM   346 C  C   . MET A 1 57  ? -10.453 3.183   -4.395  1.00 39.38  ? 121 MET A C   1 
ATOM   347 O  O   . MET A 1 57  ? -11.115 2.232   -4.829  1.00 39.85  ? 121 MET A O   1 
ATOM   348 C  CB  . MET A 1 57  ? -9.550  2.883   -2.062  1.00 30.85  ? 121 MET A CB  1 
ATOM   349 C  CG  . MET A 1 57  ? -8.344  2.495   -1.184  1.00 26.30  ? 121 MET A CG  1 
ATOM   350 S  SD  . MET A 1 57  ? -7.564  0.907   -1.630  1.00 29.90  ? 121 MET A SD  1 
ATOM   351 C  CE  . MET A 1 57  ? -8.843  -0.255  -1.147  1.00 27.31  ? 121 MET A CE  1 
ATOM   352 N  N   . GLU A 1 58  ? -10.779 4.453   -4.618  1.00 36.38  ? 122 GLU A N   1 
ATOM   353 C  CA  . GLU A 1 58  ? -11.853 4.800   -5.533  1.00 38.52  ? 122 GLU A CA  1 
ATOM   354 C  C   . GLU A 1 58  ? -11.569 4.280   -6.933  1.00 42.18  ? 122 GLU A C   1 
ATOM   355 O  O   . GLU A 1 58  ? -12.446 3.708   -7.572  1.00 42.26  ? 122 GLU A O   1 
ATOM   356 C  CB  . GLU A 1 58  ? -12.061 6.313   -5.587  1.00 46.59  ? 122 GLU A CB  1 
ATOM   357 C  CG  . GLU A 1 58  ? -12.697 6.899   -4.354  1.00 53.22  ? 122 GLU A CG  1 
ATOM   358 C  CD  . GLU A 1 58  ? -12.776 8.411   -4.396  1.00 63.64  ? 122 GLU A CD  1 
ATOM   359 O  OE1 . GLU A 1 58  ? -12.332 9.007   -5.399  1.00 73.10  ? 122 GLU A OE1 1 
ATOM   360 O  OE2 . GLU A 1 58  ? -13.280 9.002   -3.420  1.00 63.66  ? 122 GLU A OE2 1 
ATOM   361 N  N   . LYS A 1 59  ? -10.332 4.450   -7.396  1.00 38.72  ? 123 LYS A N   1 
ATOM   362 C  CA  . LYS A 1 59  ? -9.997  4.130   -8.781  1.00 47.70  ? 123 LYS A CA  1 
ATOM   363 C  C   . LYS A 1 59  ? -9.777  2.649   -8.997  1.00 46.89  ? 123 LYS A C   1 
ATOM   364 O  O   . LYS A 1 59  ? -9.776  2.170   -10.126 1.00 50.30  ? 123 LYS A O   1 
ATOM   365 C  CB  . LYS A 1 59  ? -8.804  4.958   -9.273  1.00 54.65  ? 123 LYS A CB  1 
ATOM   366 C  CG  . LYS A 1 59  ? -9.072  6.454   -9.243  1.00 61.08  ? 123 LYS A CG  1 
ATOM   367 C  CD  . LYS A 1 59  ? -10.200 6.824   -10.212 1.00 73.38  ? 123 LYS A CD  1 
ATOM   368 C  CE  . LYS A 1 59  ? -10.452 8.331   -10.267 1.00 77.59  ? 123 LYS A CE  1 
ATOM   369 N  NZ  . LYS A 1 59  ? -11.572 8.701   -11.195 1.00 81.26  ? 123 LYS A NZ  1 
ATOM   370 N  N   . LEU A 1 60  ? -9.591  1.930   -7.898  1.00 43.25  ? 124 LEU A N   1 
ATOM   371 C  CA  . LEU A 1 60  ? -9.491  0.481   -7.930  1.00 42.47  ? 124 LEU A CA  1 
ATOM   372 C  C   . LEU A 1 60  ? -10.882 -0.140  -7.973  1.00 47.55  ? 124 LEU A C   1 
ATOM   373 O  O   . LEU A 1 60  ? -11.042 -1.326  -8.283  1.00 46.10  ? 124 LEU A O   1 
ATOM   374 C  CB  . LEU A 1 60  ? -8.757  -0.022  -6.694  1.00 35.11  ? 124 LEU A CB  1 
ATOM   375 C  CG  . LEU A 1 60  ? -7.262  0.234   -6.703  1.00 33.43  ? 124 LEU A CG  1 
ATOM   376 C  CD1 . LEU A 1 60  ? -6.689  -0.301  -5.399  1.00 30.46  ? 124 LEU A CD1 1 
ATOM   377 C  CD2 . LEU A 1 60  ? -6.635  -0.458  -7.920  1.00 34.97  ? 124 LEU A CD2 1 
ATOM   378 N  N   . GLY A 1 61  ? -11.884 0.672   -7.657  1.00 45.05  ? 125 GLY A N   1 
ATOM   379 C  CA  . GLY A 1 61  ? -13.260 0.228   -7.655  1.00 48.27  ? 125 GLY A CA  1 
ATOM   380 C  C   . GLY A 1 61  ? -13.711 -0.247  -6.294  1.00 44.52  ? 125 GLY A C   1 
ATOM   381 O  O   . GLY A 1 61  ? -14.716 -0.926  -6.190  1.00 52.32  ? 125 GLY A O   1 
ATOM   382 N  N   . ALA A 1 62  ? -12.976 0.101   -5.246  1.00 34.78  ? 126 ALA A N   1 
ATOM   383 C  CA  . ALA A 1 62  ? -13.381 -0.291  -3.894  1.00 42.19  ? 126 ALA A CA  1 
ATOM   384 C  C   . ALA A 1 62  ? -13.181 0.837   -2.885  1.00 39.88  ? 126 ALA A C   1 
ATOM   385 O  O   . ALA A 1 62  ? -12.354 0.728   -1.995  1.00 40.12  ? 126 ALA A O   1 
ATOM   386 C  CB  . ALA A 1 62  ? -12.628 -1.545  -3.442  1.00 35.62  ? 126 ALA A CB  1 
ATOM   387 N  N   . PRO A 1 63  ? -13.972 1.914   -3.005  1.00 51.80  ? 127 PRO A N   1 
ATOM   388 C  CA  . PRO A 1 63  ? -13.842 3.063   -2.100  1.00 45.44  ? 127 PRO A CA  1 
ATOM   389 C  C   . PRO A 1 63  ? -14.017 2.666   -0.631  1.00 45.91  ? 127 PRO A C   1 
ATOM   390 O  O   . PRO A 1 63  ? -14.815 1.785   -0.308  1.00 46.47  ? 127 PRO A O   1 
ATOM   391 C  CB  . PRO A 1 63  ? -14.968 3.993   -2.558  1.00 44.27  ? 127 PRO A CB  1 
ATOM   392 C  CG  . PRO A 1 63  ? -15.949 3.095   -3.215  1.00 47.53  ? 127 PRO A CG  1 
ATOM   393 C  CD  . PRO A 1 63  ? -15.129 2.051   -3.901  1.00 41.24  ? 127 PRO A CD  1 
ATOM   394 N  N   . GLN A 1 64  ? -13.249 3.306   0.244   1.00 40.96  ? 128 GLN A N   1 
ATOM   395 C  CA  . GLN A 1 64  ? -13.241 2.969   1.660   1.00 38.57  ? 128 GLN A CA  1 
ATOM   396 C  C   . GLN A 1 64  ? -13.734 4.147   2.476   1.00 47.16  ? 128 GLN A C   1 
ATOM   397 O  O   . GLN A 1 64  ? -13.684 5.282   2.018   1.00 51.83  ? 128 GLN A O   1 
ATOM   398 C  CB  . GLN A 1 64  ? -11.824 2.597   2.094   1.00 35.78  ? 128 GLN A CB  1 
ATOM   399 C  CG  . GLN A 1 64  ? -11.290 1.375   1.387   1.00 38.39  ? 128 GLN A CG  1 
ATOM   400 C  CD  . GLN A 1 64  ? -12.001 0.118   1.813   1.00 42.55  ? 128 GLN A CD  1 
ATOM   401 O  OE1 . GLN A 1 64  ? -12.264 -0.077  2.996   1.00 47.09  ? 128 GLN A OE1 1 
ATOM   402 N  NE2 . GLN A 1 64  ? -12.332 -0.738  0.851   1.00 42.13  ? 128 GLN A NE2 1 
ATOM   403 N  N   . THR A 1 65  ? -14.230 3.872   3.680   1.00 49.91  ? 129 THR A N   1 
ATOM   404 C  CA  . THR A 1 65  ? -14.657 4.930   4.581   1.00 51.04  ? 129 THR A CA  1 
ATOM   405 C  C   . THR A 1 65  ? -13.434 5.700   5.084   1.00 52.24  ? 129 THR A C   1 
ATOM   406 O  O   . THR A 1 65  ? -12.316 5.186   5.053   1.00 45.11  ? 129 THR A O   1 
ATOM   407 C  CB  . THR A 1 65  ? -15.485 4.367   5.753   1.00 54.47  ? 129 THR A CB  1 
ATOM   408 O  OG1 . THR A 1 65  ? -16.660 3.727   5.249   1.00 61.07  ? 129 THR A OG1 1 
ATOM   409 C  CG2 . THR A 1 65  ? -15.893 5.444   6.717   1.00 44.53  ? 129 THR A CG2 1 
ATOM   410 N  N   . HIS A 1 66  ? -13.655 6.940   5.520   1.00 55.77  ? 130 HIS A N   1 
ATOM   411 C  CA  . HIS A 1 66  ? -12.588 7.802   6.020   1.00 53.97  ? 130 HIS A CA  1 
ATOM   412 C  C   . HIS A 1 66  ? -11.781 7.131   7.137   1.00 48.26  ? 130 HIS A C   1 
ATOM   413 O  O   . HIS A 1 66  ? -10.537 7.137   7.136   1.00 39.86  ? 130 HIS A O   1 
ATOM   414 C  CB  . HIS A 1 66  ? -13.185 9.113   6.531   1.00 60.08  ? 130 HIS A CB  1 
ATOM   415 C  CG  . HIS A 1 66  ? -12.163 10.142  6.898   1.00 68.70  ? 130 HIS A CG  1 
ATOM   416 N  ND1 . HIS A 1 66  ? -11.561 10.961  5.971   1.00 74.18  ? 130 HIS A ND1 1 
ATOM   417 C  CD2 . HIS A 1 66  ? -11.634 10.485  8.101   1.00 73.26  ? 130 HIS A CD2 1 
ATOM   418 C  CE1 . HIS A 1 66  ? -10.705 11.764  6.577   1.00 76.66  ? 130 HIS A CE1 1 
ATOM   419 N  NE2 . HIS A 1 66  ? -10.731 11.492  7.872   1.00 76.04  ? 130 HIS A NE2 1 
ATOM   420 N  N   . LEU A 1 67  ? -12.512 6.568   8.090   1.00 49.61  ? 131 LEU A N   1 
ATOM   421 C  CA  . LEU A 1 67  ? -11.933 5.842   9.208   1.00 46.54  ? 131 LEU A CA  1 
ATOM   422 C  C   . LEU A 1 67  ? -11.232 4.568   8.734   1.00 41.98  ? 131 LEU A C   1 
ATOM   423 O  O   . LEU A 1 67  ? -10.192 4.189   9.269   1.00 41.45  ? 131 LEU A O   1 
ATOM   424 C  CB  . LEU A 1 67  ? -13.040 5.512   10.215  1.00 55.48  ? 131 LEU A CB  1 
ATOM   425 C  CG  . LEU A 1 67  ? -12.692 5.396   11.696  1.00 56.44  ? 131 LEU A CG  1 
ATOM   426 C  CD1 . LEU A 1 67  ? -11.803 6.539   12.146  1.00 53.67  ? 131 LEU A CD1 1 
ATOM   427 C  CD2 . LEU A 1 67  ? -13.977 5.387   12.516  1.00 54.56  ? 131 LEU A CD2 1 
ATOM   428 N  N   . GLY A 1 68  ? -11.785 3.914   7.719   1.00 44.38  ? 132 GLY A N   1 
ATOM   429 C  CA  . GLY A 1 68  ? -11.166 2.722   7.151   1.00 40.85  ? 132 GLY A CA  1 
ATOM   430 C  C   . GLY A 1 68  ? -9.854  3.052   6.465   1.00 35.07  ? 132 GLY A C   1 
ATOM   431 O  O   . GLY A 1 68  ? -8.855  2.345   6.632   1.00 31.62  ? 132 GLY A O   1 
ATOM   432 N  N   . LEU A 1 69  ? -9.841  4.152   5.713   1.00 30.64  ? 133 LEU A N   1 
ATOM   433 C  CA  . LEU A 1 69  ? -8.584  4.665   5.143   1.00 27.15  ? 133 LEU A CA  1 
ATOM   434 C  C   . LEU A 1 69  ? -7.540  4.952   6.224   1.00 29.01  ? 133 LEU A C   1 
ATOM   435 O  O   . LEU A 1 69  ? -6.377  4.560   6.099   1.00 28.00  ? 133 LEU A O   1 
ATOM   436 C  CB  . LEU A 1 69  ? -8.845  5.912   4.299   1.00 30.08  ? 133 LEU A CB  1 
ATOM   437 C  CG  . LEU A 1 69  ? -9.655  5.619   3.037   1.00 34.17  ? 133 LEU A CG  1 
ATOM   438 C  CD1 . LEU A 1 69  ? -10.359 6.873   2.525   1.00 38.12  ? 133 LEU A CD1 1 
ATOM   439 C  CD2 . LEU A 1 69  ? -8.762  5.007   1.962   1.00 29.09  ? 133 LEU A CD2 1 
ATOM   440 N  N   . LYS A 1 70  ? -7.957  5.628   7.288   1.00 33.27  ? 134 LYS A N   1 
ATOM   441 C  CA  . LYS A 1 70  ? -7.073  5.916   8.416   1.00 33.89  ? 134 LYS A CA  1 
ATOM   442 C  C   . LYS A 1 70  ? -6.484  4.641   9.047   1.00 33.62  ? 134 LYS A C   1 
ATOM   443 O  O   . LYS A 1 70  ? -5.289  4.579   9.389   1.00 30.42  ? 134 LYS A O   1 
ATOM   444 C  CB  . LYS A 1 70  ? -7.846  6.706   9.480   1.00 38.77  ? 134 LYS A CB  1 
ATOM   445 C  CG  . LYS A 1 70  ? -7.080  6.948   10.779  1.00 46.55  ? 134 LYS A CG  1 
ATOM   446 C  CD  . LYS A 1 70  ? -6.470  8.339   10.823  1.00 55.02  ? 134 LYS A CD  1 
ATOM   447 C  CE  . LYS A 1 70  ? -7.185  9.227   11.840  1.00 61.28  ? 134 LYS A CE  1 
ATOM   448 N  NZ  . LYS A 1 70  ? -7.014  8.723   13.237  1.00 64.43  ? 134 LYS A NZ  1 
ATOM   449 N  N   . ASN A 1 71  ? -7.336  3.640   9.221   1.00 31.11  ? 135 ASN A N   1 
ATOM   450 C  CA  . ASN A 1 71  ? -6.934  2.376   9.821   1.00 33.37  ? 135 ASN A CA  1 
ATOM   451 C  C   . ASN A 1 71  ? -5.997  1.583   8.924   1.00 31.79  ? 135 ASN A C   1 
ATOM   452 O  O   . ASN A 1 71  ? -5.103  0.893   9.416   1.00 28.83  ? 135 ASN A O   1 
ATOM   453 C  CB  . ASN A 1 71  ? -8.171  1.538   10.180  1.00 30.32  ? 135 ASN A CB  1 
ATOM   454 C  CG  . ASN A 1 71  ? -8.829  2.005   11.456  1.00 38.12  ? 135 ASN A CG  1 
ATOM   455 O  OD1 . ASN A 1 71  ? -8.218  2.712   12.259  1.00 40.89  ? 135 ASN A OD1 1 
ATOM   456 N  ND2 . ASN A 1 71  ? -10.085 1.619   11.652  1.00 40.57  ? 135 ASN A ND2 1 
ATOM   457 N  N   . MET A 1 72  ? -6.205  1.690   7.612   1.00 26.22  ? 136 MET A N   1 
ATOM   458 C  CA  . MET A 1 72  ? -5.309  1.087   6.626   1.00 24.59  ? 136 MET A CA  1 
ATOM   459 C  C   . MET A 1 72  ? -3.923  1.676   6.799   1.00 27.56  ? 136 MET A C   1 
ATOM   460 O  O   . MET A 1 72  ? -2.918  0.964   6.883   1.00 23.37  ? 136 MET A O   1 
ATOM   461 C  CB  . MET A 1 72  ? -5.797  1.388   5.200   1.00 26.03  ? 136 MET A CB  1 
ATOM   462 C  CG  . MET A 1 72  ? -7.009  0.547   4.719   1.00 21.32  ? 136 MET A CG  1 
ATOM   463 S  SD  . MET A 1 72  ? -7.639  1.158   3.132   1.00 27.92  ? 136 MET A SD  1 
ATOM   464 C  CE  . MET A 1 72  ? -6.382  0.639   1.962   1.00 24.99  ? 136 MET A CE  1 
ATOM   465 N  N   . ILE A 1 73  ? -3.861  2.997   6.868   1.00 20.18  ? 137 ILE A N   1 
ATOM   466 C  CA  . ILE A 1 73  ? -2.560  3.626   6.984   1.00 21.30  ? 137 ILE A CA  1 
ATOM   467 C  C   . ILE A 1 73  ? -1.910  3.254   8.315   1.00 23.11  ? 137 ILE A C   1 
ATOM   468 O  O   . ILE A 1 73  ? -0.757  2.868   8.349   1.00 23.80  ? 137 ILE A O   1 
ATOM   469 C  CB  . ILE A 1 73  ? -2.670  5.152   6.788   1.00 24.49  ? 137 ILE A CB  1 
ATOM   470 C  CG1 . ILE A 1 73  ? -2.940  5.455   5.311   1.00 24.04  ? 137 ILE A CG1 1 
ATOM   471 C  CG2 . ILE A 1 73  ? -1.388  5.840   7.219   1.00 29.66  ? 137 ILE A CG2 1 
ATOM   472 C  CD1 . ILE A 1 73  ? -3.248  6.926   5.009   1.00 29.18  ? 137 ILE A CD1 1 
ATOM   473 N  N   . LYS A 1 74  ? -2.676  3.318   9.397   1.00 26.38  ? 138 LYS A N   1 
ATOM   474 C  CA  . LYS A 1 74  ? -2.148  3.074   10.735  1.00 28.96  ? 138 LYS A CA  1 
ATOM   475 C  C   . LYS A 1 74  ? -1.504  1.701   10.872  1.00 31.75  ? 138 LYS A C   1 
ATOM   476 O  O   . LYS A 1 74  ? -0.518  1.545   11.585  1.00 30.37  ? 138 LYS A O   1 
ATOM   477 C  CB  . LYS A 1 74  ? -3.265  3.197   11.769  1.00 42.70  ? 138 LYS A CB  1 
ATOM   478 C  CG  . LYS A 1 74  ? -2.770  3.325   13.189  1.00 51.95  ? 138 LYS A CG  1 
ATOM   479 C  CD  . LYS A 1 74  ? -3.931  3.386   14.164  1.00 60.25  ? 138 LYS A CD  1 
ATOM   480 C  CE  . LYS A 1 74  ? -4.676  2.064   14.192  1.00 62.86  ? 138 LYS A CE  1 
ATOM   481 N  NZ  . LYS A 1 74  ? -5.562  1.954   15.385  1.00 69.49  ? 138 LYS A NZ  1 
ATOM   482 N  N   . GLU A 1 75  ? -2.069  0.706   10.195  1.00 26.09  ? 139 GLU A N   1 
ATOM   483 C  CA  . GLU A 1 75  ? -1.542  -0.655  10.264  1.00 24.78  ? 139 GLU A CA  1 
ATOM   484 C  C   . GLU A 1 75  ? -0.077  -0.759  9.813   1.00 29.32  ? 139 GLU A C   1 
ATOM   485 O  O   . GLU A 1 75  ? 0.678   -1.582  10.343  1.00 26.81  ? 139 GLU A O   1 
ATOM   486 C  CB  . GLU A 1 75  ? -2.413  -1.608  9.431   1.00 32.91  ? 139 GLU A CB  1 
ATOM   487 C  CG  . GLU A 1 75  ? -2.119  -3.080  9.658   1.00 45.86  ? 139 GLU A CG  1 
ATOM   488 C  CD  . GLU A 1 75  ? -2.820  -3.627  10.885  1.00 62.32  ? 139 GLU A CD  1 
ATOM   489 O  OE1 . GLU A 1 75  ? -3.528  -2.852  11.564  1.00 68.02  ? 139 GLU A OE1 1 
ATOM   490 O  OE2 . GLU A 1 75  ? -2.669  -4.833  11.167  1.00 71.35  ? 139 GLU A OE2 1 
ATOM   491 N  N   . VAL A 1 76  ? 0.320   0.070   8.850   1.00 22.25  ? 140 VAL A N   1 
ATOM   492 C  CA  . VAL A 1 76  ? 1.669   -0.009  8.287   1.00 26.25  ? 140 VAL A CA  1 
ATOM   493 C  C   . VAL A 1 76  ? 2.500   1.278   8.464   1.00 25.22  ? 140 VAL A C   1 
ATOM   494 O  O   . VAL A 1 76  ? 3.589   1.394   7.908   1.00 28.39  ? 140 VAL A O   1 
ATOM   495 C  CB  . VAL A 1 76  ? 1.656   -0.413  6.787   1.00 24.23  ? 140 VAL A CB  1 
ATOM   496 C  CG1 . VAL A 1 76  ? 1.232   -1.895  6.604   1.00 25.05  ? 140 VAL A CG1 1 
ATOM   497 C  CG2 . VAL A 1 76  ? 0.780   0.531   5.974   1.00 27.43  ? 140 VAL A CG2 1 
ATOM   498 N  N   . ASP A 1 77  ? 1.984   2.229   9.234   1.00 28.51  ? 141 ASP A N   1 
ATOM   499 C  CA  . ASP A 1 77  ? 2.613   3.546   9.382   1.00 31.43  ? 141 ASP A CA  1 
ATOM   500 C  C   . ASP A 1 77  ? 3.606   3.500   10.528  1.00 37.50  ? 141 ASP A C   1 
ATOM   501 O  O   . ASP A 1 77  ? 3.287   3.855   11.665  1.00 34.87  ? 141 ASP A O   1 
ATOM   502 C  CB  . ASP A 1 77  ? 1.550   4.632   9.608   1.00 24.44  ? 141 ASP A CB  1 
ATOM   503 C  CG  . ASP A 1 77  ? 2.153   6.045   9.790   1.00 25.92  ? 141 ASP A CG  1 
ATOM   504 O  OD1 . ASP A 1 77  ? 3.205   6.341   9.216   1.00 26.87  ? 141 ASP A OD1 1 
ATOM   505 O  OD2 . ASP A 1 77  ? 1.545   6.865   10.501  1.00 33.17  ? 141 ASP A OD2 1 
ATOM   506 N  N   . GLU A 1 78  ? 4.817   3.048   10.213  1.00 31.72  ? 142 GLU A N   1 
ATOM   507 C  CA  . GLU A 1 78  ? 5.845   2.852   11.223  1.00 39.65  ? 142 GLU A CA  1 
ATOM   508 C  C   . GLU A 1 78  ? 6.513   4.118   11.751  1.00 37.40  ? 142 GLU A C   1 
ATOM   509 O  O   . GLU A 1 78  ? 7.165   4.065   12.783  1.00 36.76  ? 142 GLU A O   1 
ATOM   510 C  CB  . GLU A 1 78  ? 6.897   1.872   10.703  1.00 41.84  ? 142 GLU A CB  1 
ATOM   511 C  CG  . GLU A 1 78  ? 6.258   0.563   10.306  1.00 37.50  ? 142 GLU A CG  1 
ATOM   512 C  CD  . GLU A 1 78  ? 7.233   -0.597  10.310  1.00 46.15  ? 142 GLU A CD  1 
ATOM   513 O  OE1 . GLU A 1 78  ? 8.458   -0.354  10.209  1.00 51.25  ? 142 GLU A OE1 1 
ATOM   514 O  OE2 . GLU A 1 78  ? 6.760   -1.752  10.415  1.00 47.65  ? 142 GLU A OE2 1 
ATOM   515 N  N   . ASP A 1 79  ? 6.359   5.247   11.062  1.00 33.28  ? 143 ASP A N   1 
ATOM   516 C  CA  . ASP A 1 79  ? 6.983   6.480   11.549  1.00 36.37  ? 143 ASP A CA  1 
ATOM   517 C  C   . ASP A 1 79  ? 5.952   7.542   11.897  1.00 41.22  ? 143 ASP A C   1 
ATOM   518 O  O   . ASP A 1 79  ? 6.279   8.717   12.008  1.00 44.14  ? 143 ASP A O   1 
ATOM   519 C  CB  . ASP A 1 79  ? 8.049   7.021   10.584  1.00 38.29  ? 143 ASP A CB  1 
ATOM   520 C  CG  . ASP A 1 79  ? 7.514   7.287   9.194   1.00 40.99  ? 143 ASP A CG  1 
ATOM   521 O  OD1 . ASP A 1 79  ? 6.285   7.328   9.002   1.00 35.98  ? 143 ASP A OD1 1 
ATOM   522 O  OD2 . ASP A 1 79  ? 8.345   7.474   8.290   1.00 48.84  ? 143 ASP A OD2 1 
ATOM   523 N  N   . PHE A 1 80  ? 4.708   7.107   12.045  1.00 33.22  ? 144 PHE A N   1 
ATOM   524 C  CA  . PHE A 1 80  ? 3.684   7.902   12.705  1.00 39.83  ? 144 PHE A CA  1 
ATOM   525 C  C   . PHE A 1 80  ? 3.499   9.310   12.120  1.00 40.90  ? 144 PHE A C   1 
ATOM   526 O  O   . PHE A 1 80  ? 3.254   10.274  12.851  1.00 39.09  ? 144 PHE A O   1 
ATOM   527 C  CB  . PHE A 1 80  ? 3.985   7.942   14.206  1.00 40.76  ? 144 PHE A CB  1 
ATOM   528 C  CG  . PHE A 1 80  ? 4.107   6.571   14.820  1.00 46.07  ? 144 PHE A CG  1 
ATOM   529 C  CD1 . PHE A 1 80  ? 2.984   5.895   15.263  1.00 49.76  ? 144 PHE A CD1 1 
ATOM   530 C  CD2 . PHE A 1 80  ? 5.339   5.939   14.904  1.00 44.67  ? 144 PHE A CD2 1 
ATOM   531 C  CE1 . PHE A 1 80  ? 3.092   4.616   15.804  1.00 50.73  ? 144 PHE A CE1 1 
ATOM   532 C  CE2 . PHE A 1 80  ? 5.455   4.669   15.443  1.00 45.60  ? 144 PHE A CE2 1 
ATOM   533 C  CZ  . PHE A 1 80  ? 4.332   4.006   15.895  1.00 47.28  ? 144 PHE A CZ  1 
ATOM   534 N  N   . ASP A 1 81  ? 3.624   9.425   10.801  1.00 36.14  ? 145 ASP A N   1 
ATOM   535 C  CA  . ASP A 1 81  ? 3.351   10.699  10.146  1.00 39.00  ? 145 ASP A CA  1 
ATOM   536 C  C   . ASP A 1 81  ? 2.031   10.661  9.371   1.00 35.72  ? 145 ASP A C   1 
ATOM   537 O  O   . ASP A 1 81  ? 1.742   11.573  8.595   1.00 34.17  ? 145 ASP A O   1 
ATOM   538 C  CB  . ASP A 1 81  ? 4.511   11.134  9.253   1.00 42.79  ? 145 ASP A CB  1 
ATOM   539 C  CG  . ASP A 1 81  ? 4.765   10.181  8.104   1.00 40.07  ? 145 ASP A CG  1 
ATOM   540 O  OD1 . ASP A 1 81  ? 4.151   9.094   8.069   1.00 38.96  ? 145 ASP A OD1 1 
ATOM   541 O  OD2 . ASP A 1 81  ? 5.595   10.529  7.235   1.00 41.17  ? 145 ASP A OD2 1 
ATOM   542 N  N   . SER A 1 82  ? 1.262   9.588   9.576   1.00 31.26  ? 146 SER A N   1 
ATOM   543 C  CA  . SER A 1 82  ? -0.086  9.446   9.014   1.00 29.01  ? 146 SER A CA  1 
ATOM   544 C  C   . SER A 1 82  ? -0.097  9.402   7.496   1.00 30.09  ? 146 SER A C   1 
ATOM   545 O  O   . SER A 1 82  ? -1.116  9.673   6.859   1.00 30.80  ? 146 SER A O   1 
ATOM   546 C  CB  . SER A 1 82  ? -0.999  10.584  9.516   1.00 30.63  ? 146 SER A CB  1 
ATOM   547 O  OG  . SER A 1 82  ? -1.247  10.445  10.901  1.00 35.03  ? 146 SER A OG  1 
ATOM   548 N  N   . LYS A 1 83  ? 1.046   9.094   6.906   1.00 31.51  ? 147 LYS A N   1 
ATOM   549 C  CA  . LYS A 1 83  ? 1.109   8.910   5.469   1.00 30.30  ? 147 LYS A CA  1 
ATOM   550 C  C   . LYS A 1 83  ? 2.056   7.758   5.178   1.00 32.19  ? 147 LYS A C   1 
ATOM   551 O  O   . LYS A 1 83  ? 2.791   7.324   6.054   1.00 32.35  ? 147 LYS A O   1 
ATOM   552 C  CB  . LYS A 1 83  ? 1.557   10.191  4.755   1.00 28.61  ? 147 LYS A CB  1 
ATOM   553 C  CG  . LYS A 1 83  ? 2.876   10.797  5.267   1.00 33.50  ? 147 LYS A CG  1 
ATOM   554 C  CD  . LYS A 1 83  ? 3.248   12.076  4.518   1.00 35.23  ? 147 LYS A CD  1 
ATOM   555 C  CE  . LYS A 1 83  ? 4.562   12.646  5.033   1.00 39.96  ? 147 LYS A CE  1 
ATOM   556 N  NZ  . LYS A 1 83  ? 4.980   13.832  4.251   1.00 51.53  ? 147 LYS A NZ  1 
ATOM   557 N  N   . LEU A 1 84  ? 2.027   7.261   3.949   1.00 26.31  ? 148 LEU A N   1 
ATOM   558 C  CA  . LEU A 1 84  ? 2.790   6.066   3.602   1.00 22.75  ? 148 LEU A CA  1 
ATOM   559 C  C   . LEU A 1 84  ? 4.002   6.383   2.765   1.00 24.58  ? 148 LEU A C   1 
ATOM   560 O  O   . LEU A 1 84  ? 3.872   6.944   1.679   1.00 29.60  ? 148 LEU A O   1 
ATOM   561 C  CB  . LEU A 1 84  ? 1.910   5.094   2.802   1.00 23.84  ? 148 LEU A CB  1 
ATOM   562 C  CG  . LEU A 1 84  ? 0.579   4.594   3.361   1.00 29.83  ? 148 LEU A CG  1 
ATOM   563 C  CD1 . LEU A 1 84  ? -0.112  3.710   2.328   1.00 26.77  ? 148 LEU A CD1 1 
ATOM   564 C  CD2 . LEU A 1 84  ? 0.788   3.824   4.638   1.00 30.83  ? 148 LEU A CD2 1 
ATOM   565 N  N   . SER A 1 85  ? 5.173   5.990   3.252   1.00 27.87  ? 149 SER A N   1 
ATOM   566 C  CA  . SER A 1 85  ? 6.380   5.988   2.437   1.00 26.66  ? 149 SER A CA  1 
ATOM   567 C  C   . SER A 1 85  ? 6.376   4.751   1.545   1.00 27.90  ? 149 SER A C   1 
ATOM   568 O  O   . SER A 1 85  ? 5.544   3.855   1.725   1.00 28.26  ? 149 SER A O   1 
ATOM   569 C  CB  . SER A 1 85  ? 7.614   5.944   3.330   1.00 28.65  ? 149 SER A CB  1 
ATOM   570 O  OG  . SER A 1 85  ? 7.715   4.684   3.964   1.00 27.51  ? 149 SER A OG  1 
ATOM   571 N  N   . PHE A 1 86  ? 7.314   4.672   0.603   1.00 30.47  ? 150 PHE A N   1 
ATOM   572 C  CA  . PHE A 1 86  ? 7.337   3.520   -0.286  1.00 28.11  ? 150 PHE A CA  1 
ATOM   573 C  C   . PHE A 1 86  ? 7.619   2.245   0.504   1.00 25.88  ? 150 PHE A C   1 
ATOM   574 O  O   . PHE A 1 86  ? 7.044   1.186   0.225   1.00 23.87  ? 150 PHE A O   1 
ATOM   575 C  CB  . PHE A 1 86  ? 8.348   3.703   -1.427  1.00 34.26  ? 150 PHE A CB  1 
ATOM   576 C  CG  . PHE A 1 86  ? 8.438   2.515   -2.343  1.00 34.70  ? 150 PHE A CG  1 
ATOM   577 C  CD1 . PHE A 1 86  ? 7.289   1.883   -2.784  1.00 32.34  ? 150 PHE A CD1 1 
ATOM   578 C  CD2 . PHE A 1 86  ? 9.666   2.021   -2.743  1.00 39.54  ? 150 PHE A CD2 1 
ATOM   579 C  CE1 . PHE A 1 86  ? 7.358   0.779   -3.620  1.00 28.16  ? 150 PHE A CE1 1 
ATOM   580 C  CE2 . PHE A 1 86  ? 9.749   0.924   -3.581  1.00 37.21  ? 150 PHE A CE2 1 
ATOM   581 C  CZ  . PHE A 1 86  ? 8.594   0.304   -4.028  1.00 31.01  ? 150 PHE A CZ  1 
ATOM   582 N  N   . ARG A 1 87  ? 8.472   2.357   1.518   1.00 27.11  ? 151 ARG A N   1 
ATOM   583 C  CA  . ARG A 1 87  ? 8.762   1.213   2.371   1.00 27.85  ? 151 ARG A CA  1 
ATOM   584 C  C   . ARG A 1 87  ? 7.504   0.687   3.050   1.00 27.29  ? 151 ARG A C   1 
ATOM   585 O  O   . ARG A 1 87  ? 7.302   -0.530  3.150   1.00 29.50  ? 151 ARG A O   1 
ATOM   586 C  CB  . ARG A 1 87  ? 9.795   1.549   3.444   1.00 33.15  ? 151 ARG A CB  1 
ATOM   587 C  CG  . ARG A 1 87  ? 10.025  0.378   4.384   1.00 42.56  ? 151 ARG A CG  1 
ATOM   588 C  CD  . ARG A 1 87  ? 10.900  0.698   5.584   1.00 51.09  ? 151 ARG A CD  1 
ATOM   589 N  NE  . ARG A 1 87  ? 10.940  -0.469  6.462   1.00 61.33  ? 151 ARG A NE  1 
ATOM   590 C  CZ  . ARG A 1 87  ? 10.113  -0.666  7.485   1.00 65.01  ? 151 ARG A CZ  1 
ATOM   591 N  NH1 . ARG A 1 87  ? 9.197   0.247   7.784   1.00 64.96  ? 151 ARG A NH1 1 
ATOM   592 N  NH2 . ARG A 1 87  ? 10.208  -1.767  8.219   1.00 70.18  ? 151 ARG A NH2 1 
ATOM   593 N  N   . GLU A 1 88  ? 6.668   1.604   3.527   1.00 26.94  ? 152 GLU A N   1 
ATOM   594 C  CA  . GLU A 1 88  ? 5.455   1.233   4.233   1.00 24.38  ? 152 GLU A CA  1 
ATOM   595 C  C   . GLU A 1 88  ? 4.414   0.652   3.263   1.00 25.37  ? 152 GLU A C   1 
ATOM   596 O  O   . GLU A 1 88  ? 3.621   -0.206  3.646   1.00 25.28  ? 152 GLU A O   1 
ATOM   597 C  CB  . GLU A 1 88  ? 4.886   2.417   5.034   1.00 28.11  ? 152 GLU A CB  1 
ATOM   598 C  CG  . GLU A 1 88  ? 5.755   2.867   6.234   1.00 28.67  ? 152 GLU A CG  1 
ATOM   599 C  CD  . GLU A 1 88  ? 5.396   4.275   6.714   1.00 30.51  ? 152 GLU A CD  1 
ATOM   600 O  OE1 . GLU A 1 88  ? 4.748   5.000   5.934   1.00 33.61  ? 152 GLU A OE1 1 
ATOM   601 O  OE2 . GLU A 1 88  ? 5.763   4.670   7.844   1.00 31.92  ? 152 GLU A OE2 1 
ATOM   602 N  N   . PHE A 1 89  ? 4.439   1.108   2.016   1.00 23.50  ? 153 PHE A N   1 
ATOM   603 C  CA  . PHE A 1 89  ? 3.585   0.569   0.956   1.00 24.73  ? 153 PHE A CA  1 
ATOM   604 C  C   . PHE A 1 89  ? 3.947   -0.879  0.733   1.00 27.47  ? 153 PHE A C   1 
ATOM   605 O  O   . PHE A 1 89  ? 3.081   -1.741  0.653   1.00 24.01  ? 153 PHE A O   1 
ATOM   606 C  CB  . PHE A 1 89  ? 3.794   1.340   -0.346  1.00 25.12  ? 153 PHE A CB  1 
ATOM   607 C  CG  . PHE A 1 89  ? 2.764   1.055   -1.409  1.00 21.84  ? 153 PHE A CG  1 
ATOM   608 C  CD1 . PHE A 1 89  ? 1.421   1.364   -1.203  1.00 21.36  ? 153 PHE A CD1 1 
ATOM   609 C  CD2 . PHE A 1 89  ? 3.140   0.517   -2.621  1.00 23.52  ? 153 PHE A CD2 1 
ATOM   610 C  CE1 . PHE A 1 89  ? 0.472   1.119   -2.208  1.00 24.42  ? 153 PHE A CE1 1 
ATOM   611 C  CE2 . PHE A 1 89  ? 2.200   0.272   -3.619  1.00 25.35  ? 153 PHE A CE2 1 
ATOM   612 C  CZ  . PHE A 1 89  ? 0.869   0.567   -3.409  1.00 24.79  ? 153 PHE A CZ  1 
ATOM   613 N  N   . LEU A 1 90  ? 5.242   -1.142  0.645   1.00 24.24  ? 154 LEU A N   1 
ATOM   614 C  CA  . LEU A 1 90  ? 5.745   -2.513  0.525   1.00 23.27  ? 154 LEU A CA  1 
ATOM   615 C  C   . LEU A 1 90  ? 5.325   -3.394  1.700   1.00 24.53  ? 154 LEU A C   1 
ATOM   616 O  O   . LEU A 1 90  ? 5.024   -4.584  1.524   1.00 26.91  ? 154 LEU A O   1 
ATOM   617 C  CB  . LEU A 1 90  ? 7.271   -2.508  0.366   1.00 21.90  ? 154 LEU A CB  1 
ATOM   618 C  CG  . LEU A 1 90  ? 7.823   -1.852  -0.895  1.00 27.23  ? 154 LEU A CG  1 
ATOM   619 C  CD1 . LEU A 1 90  ? 9.353   -1.846  -0.821  1.00 29.78  ? 154 LEU A CD1 1 
ATOM   620 C  CD2 . LEU A 1 90  ? 7.413   -2.569  -2.155  1.00 28.91  ? 154 LEU A CD2 1 
ATOM   621 N  N   . LEU A 1 91  ? 5.275   -2.818  2.895   1.00 22.44  ? 155 LEU A N   1 
ATOM   622 C  CA  . LEU A 1 91  ? 4.883   -3.558  4.096   1.00 26.30  ? 155 LEU A CA  1 
ATOM   623 C  C   . LEU A 1 91  ? 3.458   -4.086  3.966   1.00 30.41  ? 155 LEU A C   1 
ATOM   624 O  O   . LEU A 1 91  ? 3.098   -5.099  4.576   1.00 25.73  ? 155 LEU A O   1 
ATOM   625 C  CB  . LEU A 1 91  ? 4.960   -2.659  5.325   1.00 37.04  ? 155 LEU A CB  1 
ATOM   626 C  CG  . LEU A 1 91  ? 5.450   -3.240  6.651   1.00 52.46  ? 155 LEU A CG  1 
ATOM   627 C  CD1 . LEU A 1 91  ? 4.723   -2.572  7.814   1.00 45.13  ? 155 LEU A CD1 1 
ATOM   628 C  CD2 . LEU A 1 91  ? 5.339   -4.761  6.747   1.00 56.90  ? 155 LEU A CD2 1 
ATOM   629 N  N   . ILE A 1 92  ? 2.630   -3.385  3.200   1.00 25.72  ? 156 ILE A N   1 
ATOM   630 C  CA  . ILE A 1 92  ? 1.261   -3.873  2.974   1.00 20.22  ? 156 ILE A CA  1 
ATOM   631 C  C   . ILE A 1 92  ? 1.345   -5.248  2.276   1.00 20.56  ? 156 ILE A C   1 
ATOM   632 O  O   . ILE A 1 92  ? 0.675   -6.194  2.652   1.00 21.73  ? 156 ILE A O   1 
ATOM   633 C  CB  . ILE A 1 92  ? 0.482   -2.933  2.073   1.00 17.44  ? 156 ILE A CB  1 
ATOM   634 C  CG1 . ILE A 1 92  ? 0.295   -1.564  2.756   1.00 20.10  ? 156 ILE A CG1 1 
ATOM   635 C  CG2 . ILE A 1 92  ? -0.914  -3.532  1.767   1.00 25.39  ? 156 ILE A CG2 1 
ATOM   636 C  CD1 . ILE A 1 92  ? -0.299  -0.481  1.838   1.00 21.63  ? 156 ILE A CD1 1 
ATOM   637 N  N   . PHE A 1 93  ? 2.156   -5.318  1.233   1.00 22.86  ? 157 PHE A N   1 
ATOM   638 C  CA  . PHE A 1 93  ? 2.304   -6.538  0.455   1.00 24.89  ? 157 PHE A CA  1 
ATOM   639 C  C   . PHE A 1 93  ? 3.040   -7.625  1.228   1.00 28.22  ? 157 PHE A C   1 
ATOM   640 O  O   . PHE A 1 93  ? 2.723   -8.802  1.075   1.00 28.52  ? 157 PHE A O   1 
ATOM   641 C  CB  . PHE A 1 93  ? 2.963   -6.236  -0.897  1.00 25.74  ? 157 PHE A CB  1 
ATOM   642 C  CG  . PHE A 1 93  ? 2.101   -5.384  -1.789  1.00 26.92  ? 157 PHE A CG  1 
ATOM   643 C  CD1 . PHE A 1 93  ? 2.178   -4.007  -1.734  1.00 26.93  ? 157 PHE A CD1 1 
ATOM   644 C  CD2 . PHE A 1 93  ? 1.183   -5.967  -2.649  1.00 32.85  ? 157 PHE A CD2 1 
ATOM   645 C  CE1 . PHE A 1 93  ? 1.363   -3.228  -2.532  1.00 27.53  ? 157 PHE A CE1 1 
ATOM   646 C  CE2 . PHE A 1 93  ? 0.371   -5.193  -3.454  1.00 34.27  ? 157 PHE A CE2 1 
ATOM   647 C  CZ  . PHE A 1 93  ? 0.459   -3.821  -3.392  1.00 35.54  ? 157 PHE A CZ  1 
ATOM   648 N  N   . ARG A 1 94  ? 3.992   -7.237  2.073   1.00 26.41  ? 158 ARG A N   1 
ATOM   649 C  CA  . ARG A 1 94  ? 4.646   -8.201  2.960   1.00 27.18  ? 158 ARG A CA  1 
ATOM   650 C  C   . ARG A 1 94  ? 3.621   -8.823  3.903   1.00 29.13  ? 158 ARG A C   1 
ATOM   651 O  O   . ARG A 1 94  ? 3.613   -10.035 4.125   1.00 30.07  ? 158 ARG A O   1 
ATOM   652 C  CB  . ARG A 1 94  ? 5.758   -7.540  3.771   1.00 29.56  ? 158 ARG A CB  1 
ATOM   653 C  CG  . ARG A 1 94  ? 6.099   -8.309  5.039   1.00 31.43  ? 158 ARG A CG  1 
ATOM   654 C  CD  . ARG A 1 94  ? 7.425   -7.876  5.615   1.00 37.75  ? 158 ARG A CD  1 
ATOM   655 N  NE  . ARG A 1 94  ? 8.535   -8.231  4.737   1.00 40.37  ? 158 ARG A NE  1 
ATOM   656 C  CZ  . ARG A 1 94  ? 9.805   -7.895  4.953   1.00 47.69  ? 158 ARG A CZ  1 
ATOM   657 N  NH1 . ARG A 1 94  ? 10.132  -7.175  6.018   1.00 50.68  ? 158 ARG A NH1 1 
ATOM   658 N  NH2 . ARG A 1 94  ? 10.749  -8.279  4.101   1.00 39.64  ? 158 ARG A NH2 1 
ATOM   659 N  N   . LYS A 1 95  ? 2.736   -7.991  4.443   1.00 27.46  ? 159 LYS A N   1 
ATOM   660 C  CA  . LYS A 1 95  ? 1.747   -8.486  5.389   1.00 32.56  ? 159 LYS A CA  1 
ATOM   661 C  C   . LYS A 1 95  ? 0.743   -9.400  4.689   1.00 26.70  ? 159 LYS A C   1 
ATOM   662 O  O   . LYS A 1 95  ? 0.305   -10.395 5.253   1.00 34.39  ? 159 LYS A O   1 
ATOM   663 C  CB  . LYS A 1 95  ? 1.031   -7.319  6.077   1.00 31.12  ? 159 LYS A CB  1 
ATOM   664 C  CG  . LYS A 1 95  ? 1.811   -6.697  7.227   1.00 35.51  ? 159 LYS A CG  1 
ATOM   665 C  CD  . LYS A 1 95  ? 1.041   -5.550  7.859   1.00 43.25  ? 159 LYS A CD  1 
ATOM   666 C  CE  . LYS A 1 95  ? 1.921   -4.705  8.771   1.00 51.70  ? 159 LYS A CE  1 
ATOM   667 N  NZ  . LYS A 1 95  ? 2.009   -5.228  10.158  1.00 59.23  ? 159 LYS A NZ  1 
ATOM   668 N  N   . ALA A 1 96  ? 0.429   -9.072  3.445   1.00 24.76  ? 160 ALA A N   1 
ATOM   669 C  CA  . ALA A 1 96  ? -0.503  -9.857  2.660   1.00 27.89  ? 160 ALA A CA  1 
ATOM   670 C  C   . ALA A 1 96  ? 0.095   -11.232 2.404   1.00 31.76  ? 160 ALA A C   1 
ATOM   671 O  O   . ALA A 1 96  ? -0.607  -12.249 2.436   1.00 32.06  ? 160 ALA A O   1 
ATOM   672 C  CB  . ALA A 1 96  ? -0.789  -9.152  1.344   1.00 30.71  ? 160 ALA A CB  1 
ATOM   673 N  N   . ALA A 1 97  ? 1.398   -11.253 2.164   1.00 34.20  ? 161 ALA A N   1 
ATOM   674 C  CA  . ALA A 1 97  ? 2.100   -12.492 1.868   1.00 26.66  ? 161 ALA A CA  1 
ATOM   675 C  C   . ALA A 1 97  ? 2.552   -13.246 3.119   1.00 32.90  ? 161 ALA A C   1 
ATOM   676 O  O   . ALA A 1 97  ? 2.937   -14.425 3.040   1.00 35.02  ? 161 ALA A O   1 
ATOM   677 C  CB  . ALA A 1 97  ? 3.293   -12.208 0.933   1.00 30.43  ? 161 ALA A CB  1 
ATOM   678 N  N   . ALA A 1 98  ? 2.496   -12.588 4.271   1.00 29.07  ? 162 ALA A N   1 
ATOM   679 C  CA  . ALA A 1 98  ? 2.832   -13.244 5.529   1.00 29.97  ? 162 ALA A CA  1 
ATOM   680 C  C   . ALA A 1 98  ? 1.575   -13.792 6.200   1.00 31.24  ? 162 ALA A C   1 
ATOM   681 O  O   . ALA A 1 98  ? 1.643   -14.471 7.238   1.00 32.44  ? 162 ALA A O   1 
ATOM   682 C  CB  . ALA A 1 98  ? 3.551   -12.292 6.452   1.00 41.56  ? 162 ALA A CB  1 
ATOM   683 N  N   . GLY A 1 99  ? 0.426   -13.504 5.598   1.00 31.32  ? 163 GLY A N   1 
ATOM   684 C  CA  . GLY A 1 99  ? -0.831  -14.057 6.076   1.00 33.24  ? 163 GLY A CA  1 
ATOM   685 C  C   . GLY A 1 99  ? -1.353  -13.258 7.246   1.00 37.43  ? 163 GLY A C   1 
ATOM   686 O  O   . GLY A 1 99  ? -2.086  -13.766 8.098   1.00 34.18  ? 163 GLY A O   1 
ATOM   687 N  N   . GLU A 1 100 ? -0.976  -11.988 7.286   1.00 28.29  ? 164 GLU A N   1 
ATOM   688 C  CA  . GLU A 1 100 ? -1.308  -11.166 8.446   1.00 35.83  ? 164 GLU A CA  1 
ATOM   689 C  C   . GLU A 1 100 ? -2.464  -10.187 8.259   1.00 28.08  ? 164 GLU A C   1 
ATOM   690 O  O   . GLU A 1 100 ? -2.869  -9.546  9.210   1.00 31.95  ? 164 GLU A O   1 
ATOM   691 C  CB  . GLU A 1 100 ? -0.065  -10.428 8.947   1.00 39.61  ? 164 GLU A CB  1 
ATOM   692 C  CG  . GLU A 1 100 ? 0.858   -11.316 9.756   1.00 47.53  ? 164 GLU A CG  1 
ATOM   693 C  CD  . GLU A 1 100 ? 2.130   -10.608 10.151  1.00 54.72  ? 164 GLU A CD  1 
ATOM   694 O  OE1 . GLU A 1 100 ? 2.232   -9.393  9.894   1.00 52.47  ? 164 GLU A OE1 1 
ATOM   695 O  OE2 . GLU A 1 100 ? 3.032   -11.264 10.717  1.00 61.39  ? 164 GLU A OE2 1 
ATOM   696 N  N   . LEU A 1 101 ? -3.001  -10.074 7.051   1.00 29.84  ? 165 LEU A N   1 
ATOM   697 C  CA  . LEU A 1 101 ? -4.106  -9.139  6.829   1.00 28.98  ? 165 LEU A CA  1 
ATOM   698 C  C   . LEU A 1 101 ? -5.453  -9.792  7.121   1.00 32.12  ? 165 LEU A C   1 
ATOM   699 O  O   . LEU A 1 101 ? -5.672  -10.962 6.813   1.00 31.07  ? 165 LEU A O   1 
ATOM   700 C  CB  . LEU A 1 101 ? -4.089  -8.601  5.396   1.00 29.31  ? 165 LEU A CB  1 
ATOM   701 C  CG  . LEU A 1 101 ? -2.833  -7.831  4.963   1.00 30.09  ? 165 LEU A CG  1 
ATOM   702 C  CD1 . LEU A 1 101 ? -3.027  -7.273  3.564   1.00 26.25  ? 165 LEU A CD1 1 
ATOM   703 C  CD2 . LEU A 1 101 ? -2.526  -6.715  5.953   1.00 26.90  ? 165 LEU A CD2 1 
ATOM   704 N  N   . GLN A 1 102 ? -6.345  -9.026  7.735   1.00 29.80  ? 166 GLN A N   1 
ATOM   705 C  CA  . GLN A 1 102 ? -7.678  -9.505  8.042   1.00 32.64  ? 166 GLN A CA  1 
ATOM   706 C  C   . GLN A 1 102 ? -8.467  -9.661  6.764   1.00 29.29  ? 166 GLN A C   1 
ATOM   707 O  O   . GLN A 1 102 ? -8.385  -8.816  5.873   1.00 30.56  ? 166 GLN A O   1 
ATOM   708 C  CB  . GLN A 1 102 ? -8.393  -8.545  8.981   1.00 32.90  ? 166 GLN A CB  1 
ATOM   709 C  CG  . GLN A 1 102 ? -9.856  -8.915  9.198   1.00 50.16  ? 166 GLN A CG  1 
ATOM   710 C  CD  . GLN A 1 102 ? -10.505 -8.105  10.291  1.00 63.98  ? 166 GLN A CD  1 
ATOM   711 O  OE1 . GLN A 1 102 ? -9.825  -7.577  11.173  1.00 68.60  ? 166 GLN A OE1 1 
ATOM   712 N  NE2 . GLN A 1 102 ? -11.828 -7.999  10.243  1.00 68.71  ? 166 GLN A NE2 1 
ATOM   713 N  N   . GLU A 1 103 ? -9.208  -10.765 6.679   1.00 32.79  ? 167 GLU A N   1 
ATOM   714 C  CA  . GLU A 1 103 ? -10.066 -11.056 5.543   1.00 37.77  ? 167 GLU A CA  1 
ATOM   715 C  C   . GLU A 1 103 ? -10.942 -9.864  5.175   1.00 36.51  ? 167 GLU A C   1 
ATOM   716 O  O   . GLU A 1 103 ? -11.699 -9.351  6.004   1.00 31.66  ? 167 GLU A O   1 
ATOM   717 C  CB  . GLU A 1 103 ? -10.956 -12.266 5.851   1.00 39.18  ? 167 GLU A CB  1 
ATOM   718 C  CG  . GLU A 1 103 ? -11.912 -12.637 4.719   1.00 48.95  ? 167 GLU A CG  1 
ATOM   719 C  CD  . GLU A 1 103 ? -13.033 -13.566 5.159   1.00 65.04  ? 167 GLU A CD  1 
ATOM   720 O  OE1 . GLU A 1 103 ? -13.832 -13.178 6.043   1.00 71.36  ? 167 GLU A OE1 1 
ATOM   721 O  OE2 . GLU A 1 103 ? -13.122 -14.686 4.612   1.00 69.31  ? 167 GLU A OE2 1 
ATOM   722 N  N   . ASP A 1 104 ? -10.840 -9.456  3.917   1.00 25.58  ? 168 ASP A N   1 
ATOM   723 C  CA  . ASP A 1 104 ? -11.658 -8.391  3.344   1.00 30.41  ? 168 ASP A CA  1 
ATOM   724 C  C   . ASP A 1 104 ? -11.465 -7.026  4.015   1.00 28.77  ? 168 ASP A C   1 
ATOM   725 O  O   . ASP A 1 104 ? -12.321 -6.143  3.883   1.00 30.74  ? 168 ASP A O   1 
ATOM   726 C  CB  . ASP A 1 104 ? -13.136 -8.772  3.295   1.00 32.05  ? 168 ASP A CB  1 
ATOM   727 C  CG  . ASP A 1 104 ? -13.414 -9.926  2.328   1.00 31.70  ? 168 ASP A CG  1 
ATOM   728 O  OD1 . ASP A 1 104 ? -12.765 -9.986  1.263   1.00 38.19  ? 168 ASP A OD1 1 
ATOM   729 O  OD2 . ASP A 1 104 ? -14.298 -10.740 2.627   1.00 37.44  ? 168 ASP A OD2 1 
ATOM   730 N  N   . SER A 1 105 ? -10.345 -6.845  4.716   1.00 29.41  ? 169 SER A N   1 
ATOM   731 C  CA  . SER A 1 105 ? -10.004 -5.526  5.270   1.00 25.65  ? 169 SER A CA  1 
ATOM   732 C  C   . SER A 1 105 ? -9.560  -4.633  4.126   1.00 28.73  ? 169 SER A C   1 
ATOM   733 O  O   . SER A 1 105 ? -9.201  -5.140  3.083   1.00 24.50  ? 169 SER A O   1 
ATOM   734 C  CB  . SER A 1 105 ? -8.847  -5.665  6.262   1.00 31.28  ? 169 SER A CB  1 
ATOM   735 O  OG  . SER A 1 105 ? -7.662  -6.083  5.593   1.00 27.96  ? 169 SER A OG  1 
ATOM   736 N  N   . GLY A 1 106 ? -9.526  -3.315  4.330   1.00 27.66  ? 170 GLY A N   1 
ATOM   737 C  CA  . GLY A 1 106 ? -9.024  -2.411  3.309   1.00 22.94  ? 170 GLY A CA  1 
ATOM   738 C  C   . GLY A 1 106 ? -7.666  -2.789  2.704   1.00 27.13  ? 170 GLY A C   1 
ATOM   739 O  O   . GLY A 1 106 ? -7.480  -2.748  1.486   1.00 24.96  ? 170 GLY A O   1 
ATOM   740 N  N   . LEU A 1 107 ? -6.698  -3.145  3.544   1.00 21.71  ? 171 LEU A N   1 
ATOM   741 C  CA  . LEU A 1 107 ? -5.383  -3.514  3.031   1.00 22.89  ? 171 LEU A CA  1 
ATOM   742 C  C   . LEU A 1 107 ? -5.435  -4.788  2.177   1.00 25.72  ? 171 LEU A C   1 
ATOM   743 O  O   . LEU A 1 107 ? -4.727  -4.909  1.173   1.00 22.11  ? 171 LEU A O   1 
ATOM   744 C  CB  . LEU A 1 107 ? -4.388  -3.693  4.178   1.00 21.93  ? 171 LEU A CB  1 
ATOM   745 C  CG  . LEU A 1 107 ? -3.969  -2.375  4.859   1.00 24.38  ? 171 LEU A CG  1 
ATOM   746 C  CD1 . LEU A 1 107 ? -2.899  -2.628  5.911   1.00 28.95  ? 171 LEU A CD1 1 
ATOM   747 C  CD2 . LEU A 1 107 ? -3.481  -1.365  3.827   1.00 23.36  ? 171 LEU A CD2 1 
ATOM   748 N  N   . CYS A 1 108 ? -6.258  -5.743  2.593   1.00 24.27  ? 172 CYS A N   1 
ATOM   749 C  CA  . CYS A 1 108 ? -6.403  -7.001  1.837   1.00 19.70  ? 172 CYS A CA  1 
ATOM   750 C  C   . CYS A 1 108 ? -6.956  -6.677  0.450   1.00 24.42  ? 172 CYS A C   1 
ATOM   751 O  O   . CYS A 1 108 ? -6.505  -7.216  -0.558  1.00 24.43  ? 172 CYS A O   1 
ATOM   752 C  CB  . CYS A 1 108 ? -7.364  -7.945  2.560   1.00 19.05  ? 172 CYS A CB  1 
ATOM   753 S  SG  . CYS A 1 108 ? -7.781  -9.479  1.622   1.00 31.71  ? 172 CYS A SG  1 
ATOM   754 N  N   . VAL A 1 109 ? -7.955  -5.798  0.414   1.00 24.97  ? 173 VAL A N   1 
ATOM   755 C  CA  . VAL A 1 109 ? -8.570  -5.385  -0.847  1.00 23.73  ? 173 VAL A CA  1 
ATOM   756 C  C   . VAL A 1 109 ? -7.587  -4.650  -1.741  1.00 30.32  ? 173 VAL A C   1 
ATOM   757 O  O   . VAL A 1 109 ? -7.555  -4.894  -2.945  1.00 33.11  ? 173 VAL A O   1 
ATOM   758 C  CB  . VAL A 1 109 ? -9.811  -4.486  -0.605  1.00 31.11  ? 173 VAL A CB  1 
ATOM   759 C  CG1 . VAL A 1 109 ? -10.408 -4.049  -1.929  1.00 31.41  ? 173 VAL A CG1 1 
ATOM   760 C  CG2 . VAL A 1 109 ? -10.849 -5.267  0.160   1.00 32.67  ? 173 VAL A CG2 1 
ATOM   761 N  N   . LEU A 1 110 ? -6.785  -3.758  -1.153  1.00 26.51  ? 174 LEU A N   1 
ATOM   762 C  CA  . LEU A 1 110 ? -5.772  -3.033  -1.918  1.00 24.15  ? 174 LEU A CA  1 
ATOM   763 C  C   . LEU A 1 110 ? -4.846  -4.017  -2.589  1.00 23.00  ? 174 LEU A C   1 
ATOM   764 O  O   . LEU A 1 110 ? -4.596  -3.914  -3.784  1.00 28.80  ? 174 LEU A O   1 
ATOM   765 C  CB  . LEU A 1 110 ? -4.963  -2.090  -1.019  1.00 25.58  ? 174 LEU A CB  1 
ATOM   766 C  CG  . LEU A 1 110 ? -4.009  -1.052  -1.615  1.00 30.30  ? 174 LEU A CG  1 
ATOM   767 C  CD1 . LEU A 1 110 ? -3.546  -0.109  -0.513  1.00 30.35  ? 174 LEU A CD1 1 
ATOM   768 C  CD2 . LEU A 1 110 ? -2.765  -1.634  -2.280  1.00 34.09  ? 174 LEU A CD2 1 
ATOM   769 N  N   . ALA A 1 111 ? -4.336  -4.974  -1.819  1.00 23.63  ? 175 ALA A N   1 
ATOM   770 C  CA  . ALA A 1 111 ? -3.361  -5.913  -2.357  1.00 23.29  ? 175 ALA A CA  1 
ATOM   771 C  C   . ALA A 1 111 ? -3.988  -6.792  -3.433  1.00 27.37  ? 175 ALA A C   1 
ATOM   772 O  O   . ALA A 1 111 ? -3.370  -7.061  -4.458  1.00 29.04  ? 175 ALA A O   1 
ATOM   773 C  CB  . ALA A 1 111 ? -2.749  -6.752  -1.245  1.00 31.79  ? 175 ALA A CB  1 
ATOM   774 N  N   . ARG A 1 112 ? -5.217  -7.233  -3.196  1.00 30.80  ? 176 ARG A N   1 
ATOM   775 C  CA  . ARG A 1 112 ? -5.935  -8.040  -4.176  1.00 35.46  ? 176 ARG A CA  1 
ATOM   776 C  C   . ARG A 1 112 ? -6.124  -7.299  -5.485  1.00 32.41  ? 176 ARG A C   1 
ATOM   777 O  O   . ARG A 1 112 ? -5.794  -7.819  -6.547  1.00 37.21  ? 176 ARG A O   1 
ATOM   778 C  CB  . ARG A 1 112 ? -7.308  -8.466  -3.646  1.00 38.51  ? 176 ARG A CB  1 
ATOM   779 C  CG  . ARG A 1 112 ? -7.283  -9.603  -2.657  1.00 43.53  ? 176 ARG A CG  1 
ATOM   780 C  CD  . ARG A 1 112 ? -8.687  -10.173 -2.443  1.00 41.09  ? 176 ARG A CD  1 
ATOM   781 N  NE  . ARG A 1 112 ? -9.240  -10.802 -3.647  1.00 45.50  ? 176 ARG A NE  1 
ATOM   782 C  CZ  . ARG A 1 112 ? -10.544 -10.981 -3.866  1.00 40.40  ? 176 ARG A CZ  1 
ATOM   783 N  NH1 . ARG A 1 112 ? -11.432 -10.578 -2.967  1.00 40.04  ? 176 ARG A NH1 1 
ATOM   784 N  NH2 . ARG A 1 112 ? -10.968 -11.555 -4.984  1.00 47.82  ? 176 ARG A NH2 1 
ATOM   785 N  N   . LEU A 1 113 ? -6.645  -6.080  -5.403  1.00 27.29  ? 177 LEU A N   1 
ATOM   786 C  CA  . LEU A 1 113 ? -7.053  -5.354  -6.602  1.00 33.23  ? 177 LEU A CA  1 
ATOM   787 C  C   . LEU A 1 113 ? -5.889  -4.790  -7.402  1.00 34.13  ? 177 LEU A C   1 
ATOM   788 O  O   . LEU A 1 113 ? -6.041  -4.468  -8.575  1.00 39.28  ? 177 LEU A O   1 
ATOM   789 C  CB  . LEU A 1 113 ? -8.022  -4.230  -6.251  1.00 32.58  ? 177 LEU A CB  1 
ATOM   790 C  CG  . LEU A 1 113 ? -9.330  -4.732  -5.641  1.00 40.10  ? 177 LEU A CG  1 
ATOM   791 C  CD1 . LEU A 1 113 ? -10.314 -3.582  -5.510  1.00 41.96  ? 177 LEU A CD1 1 
ATOM   792 C  CD2 . LEU A 1 113 ? -9.911  -5.856  -6.477  1.00 41.86  ? 177 LEU A CD2 1 
ATOM   793 N  N   . SER A 1 114 ? -4.730  -4.647  -6.774  1.00 33.08  ? 178 SER A N   1 
ATOM   794 C  CA  . SER A 1 114 ? -3.565  -4.227  -7.520  1.00 38.76  ? 178 SER A CA  1 
ATOM   795 C  C   . SER A 1 114 ? -3.231  -5.356  -8.490  1.00 49.07  ? 178 SER A C   1 
ATOM   796 O  O   . SER A 1 114 ? -3.601  -6.508  -8.255  1.00 49.21  ? 178 SER A O   1 
ATOM   797 C  CB  . SER A 1 114 ? -2.389  -3.969  -6.578  1.00 42.16  ? 178 SER A CB  1 
ATOM   798 O  OG  . SER A 1 114 ? -1.965  -5.171  -5.963  1.00 45.64  ? 178 SER A OG  1 
ATOM   799 N  N   . GLU A 1 115 ? -2.527  -5.034  -9.571  1.00 66.68  ? 179 GLU A N   1 
ATOM   800 C  CA  . GLU A 1 115 ? -2.117  -6.039  -10.556 1.00 76.00  ? 179 GLU A CA  1 
ATOM   801 C  C   . GLU A 1 115 ? -1.004  -6.930  -10.011 1.00 76.09  ? 179 GLU A C   1 
ATOM   802 O  O   . GLU A 1 115 ? -0.458  -7.773  -10.723 1.00 84.04  ? 179 GLU A O   1 
ATOM   803 C  CB  . GLU A 1 115 ? -1.637  -5.360  -11.844 1.00 84.28  ? 179 GLU A CB  1 
ATOM   804 C  CG  . GLU A 1 115 ? -0.378  -4.509  -11.665 1.00 90.68  ? 179 GLU A CG  1 
ATOM   805 C  CD  . GLU A 1 115 ? 0.223   -4.048  -12.983 1.00 101.63 ? 179 GLU A CD  1 
ATOM   806 O  OE1 . GLU A 1 115 ? -0.314  -4.419  -14.049 1.00 107.51 ? 179 GLU A OE1 1 
ATOM   807 O  OE2 . GLU A 1 115 ? 1.237   -3.316  -12.952 1.00 104.02 ? 179 GLU A OE2 1 
ATOM   808 N  N   . ILE A 1 116 ? -0.683  -6.741  -8.738  1.00 65.69  ? 180 ILE A N   1 
ATOM   809 C  CA  . ILE A 1 116 ? 0.470   -7.371  -8.117  1.00 61.25  ? 180 ILE A CA  1 
ATOM   810 C  C   . ILE A 1 116 ? 0.059   -8.559  -7.249  1.00 63.72  ? 180 ILE A C   1 
ATOM   811 O  O   . ILE A 1 116 ? -0.589  -8.396  -6.214  1.00 57.56  ? 180 ILE A O   1 
ATOM   812 C  CB  . ILE A 1 116 ? 1.229   -6.332  -7.283  1.00 53.06  ? 180 ILE A CB  1 
ATOM   813 C  CG1 . ILE A 1 116 ? 1.448   -5.072  -8.128  1.00 54.35  ? 180 ILE A CG1 1 
ATOM   814 C  CG2 . ILE A 1 116 ? 2.537   -6.896  -6.789  1.00 52.89  ? 180 ILE A CG2 1 
ATOM   815 C  CD1 . ILE A 1 116 ? 1.816   -3.847  -7.332  1.00 50.22  ? 180 ILE A CD1 1 
ATOM   816 N  N   . ASP A 1 117 ? 0.439   -9.754  -7.692  1.00 71.19  ? 181 ASP A N   1 
ATOM   817 C  CA  . ASP A 1 117 ? 0.028   -10.996 -7.045  1.00 76.44  ? 181 ASP A CA  1 
ATOM   818 C  C   . ASP A 1 117 ? 1.175   -11.577 -6.226  1.00 77.18  ? 181 ASP A C   1 
ATOM   819 O  O   . ASP A 1 117 ? 2.059   -12.253 -6.762  1.00 78.85  ? 181 ASP A O   1 
ATOM   820 C  CB  . ASP A 1 117 ? -0.437  -12.006 -8.100  1.00 86.42  ? 181 ASP A CB  1 
ATOM   821 C  CG  . ASP A 1 117 ? -1.046  -13.263 -7.493  1.00 87.47  ? 181 ASP A CG  1 
ATOM   822 O  OD1 . ASP A 1 117 ? -1.412  -13.238 -6.297  1.00 85.55  ? 181 ASP A OD1 1 
ATOM   823 O  OD2 . ASP A 1 117 ? -1.167  -14.275 -8.219  1.00 88.33  ? 181 ASP A OD2 1 
ATOM   824 N  N   . VAL A 1 118 ? 1.154   -11.309 -4.926  1.00 78.84  ? 182 VAL A N   1 
ATOM   825 C  CA  . VAL A 1 118 ? 2.252   -11.703 -4.062  1.00 55.72  ? 182 VAL A CA  1 
ATOM   826 C  C   . VAL A 1 118 ? 1.945   -13.027 -3.373  1.00 61.42  ? 182 VAL A C   1 
ATOM   827 O  O   . VAL A 1 118 ? 2.819   -13.873 -3.212  1.00 65.01  ? 182 VAL A O   1 
ATOM   828 C  CB  . VAL A 1 118 ? 2.534   -10.624 -3.011  1.00 62.14  ? 182 VAL A CB  1 
ATOM   829 C  CG1 . VAL A 1 118 ? 2.822   -9.293  -3.689  1.00 62.85  ? 182 VAL A CG1 1 
ATOM   830 C  CG2 . VAL A 1 118 ? 1.344   -10.477 -2.070  1.00 61.68  ? 182 VAL A CG2 1 
HETATM 831 CA CA  . CA  B 2 .   ? 1.827   12.450  -1.808  1.00 35.50  ? 201 CA  A CA  1 
HETATM 832 CA CA  . CA  C 2 .   ? 4.627   6.890   7.494   1.00 28.94  ? 202 CA  A CA  1 
HETATM 833 O  O   . HOH D 3 .   ? 5.133   -13.548 -3.613  1.00 55.12  ? 301 HOH A O   1 
HETATM 834 O  O   . HOH D 3 .   ? 1.489   -1.440  -11.471 1.00 59.44  ? 302 HOH A O   1 
HETATM 835 O  O   . HOH D 3 .   ? 1.836   13.043  0.693   1.00 41.64  ? 303 HOH A O   1 
HETATM 836 O  O   . HOH D 3 .   ? 11.630  5.677   -10.342 1.00 63.88  ? 304 HOH A O   1 
HETATM 837 O  O   . HOH D 3 .   ? 18.858  -6.806  -7.319  1.00 36.18  ? 305 HOH A O   1 
HETATM 838 O  O   . HOH D 3 .   ? -2.459  -13.721 10.677  1.00 49.75  ? 306 HOH A O   1 
HETATM 839 O  O   . HOH D 3 .   ? 6.014   -11.498 3.533   1.00 34.79  ? 307 HOH A O   1 
HETATM 840 O  O   . HOH D 3 .   ? 2.994   -13.720 9.835   1.00 36.98  ? 308 HOH A O   1 
HETATM 841 O  O   . HOH D 3 .   ? -13.734 7.630   -1.243  1.00 56.86  ? 309 HOH A O   1 
HETATM 842 O  O   . HOH D 3 .   ? -3.852  9.244   -5.780  1.00 40.45  ? 310 HOH A O   1 
HETATM 843 O  O   . HOH D 3 .   ? 12.496  0.532   -6.366  1.00 43.10  ? 311 HOH A O   1 
HETATM 844 O  O   . HOH D 3 .   ? -10.751 -15.588 3.879   1.00 51.03  ? 312 HOH A O   1 
HETATM 845 O  O   . HOH D 3 .   ? -0.432  6.189   12.128  1.00 45.73  ? 313 HOH A O   1 
HETATM 846 O  O   . HOH D 3 .   ? -13.864 1.272   4.709   1.00 45.36  ? 314 HOH A O   1 
HETATM 847 O  O   . HOH D 3 .   ? -11.660 5.766   -1.026  1.00 35.64  ? 315 HOH A O   1 
HETATM 848 O  O   . HOH D 3 .   ? -10.964 -9.139  -0.598  1.00 31.03  ? 316 HOH A O   1 
HETATM 849 O  O   . HOH D 3 .   ? -2.707  -11.651 4.849   1.00 34.30  ? 317 HOH A O   1 
HETATM 850 O  O   . HOH D 3 .   ? 7.725   -11.707 -10.634 1.00 39.18  ? 318 HOH A O   1 
HETATM 851 O  O   . HOH D 3 .   ? 9.749   4.801   5.819   1.00 49.50  ? 319 HOH A O   1 
HETATM 852 O  O   . HOH D 3 .   ? 6.163   8.076   6.075   1.00 37.28  ? 320 HOH A O   1 
HETATM 853 O  O   . HOH D 3 .   ? 2.853   -16.946 4.203   1.00 37.39  ? 321 HOH A O   1 
HETATM 854 O  O   . HOH D 3 .   ? 20.606  -2.785  2.553   1.00 59.76  ? 322 HOH A O   1 
HETATM 855 O  O   . HOH D 3 .   ? -1.766  15.596  -1.278  1.00 52.65  ? 323 HOH A O   1 
HETATM 856 O  O   . HOH D 3 .   ? 8.420   3.670   7.899   1.00 43.12  ? 324 HOH A O   1 
HETATM 857 O  O   . HOH D 3 .   ? 9.049   6.992   -0.024  1.00 35.55  ? 325 HOH A O   1 
HETATM 858 O  O   . HOH D 3 .   ? -10.727 -2.540  6.852   1.00 56.77  ? 326 HOH A O   1 
HETATM 859 O  O   . HOH D 3 .   ? 8.400   11.106  7.805   1.00 44.53  ? 327 HOH A O   1 
HETATM 860 O  O   . HOH D 3 .   ? 10.501  4.444   1.863   1.00 34.89  ? 328 HOH A O   1 
HETATM 861 O  O   . HOH D 3 .   ? -14.239 -2.925  0.187   1.00 44.47  ? 329 HOH A O   1 
HETATM 862 O  O   . HOH D 3 .   ? 7.561   14.213  5.730   1.00 49.06  ? 330 HOH A O   1 
HETATM 863 O  O   . HOH D 3 .   ? -6.649  -12.240 4.257   1.00 53.10  ? 331 HOH A O   1 
HETATM 864 O  O   . HOH D 3 .   ? -6.958  -2.694  6.550   1.00 29.09  ? 332 HOH A O   1 
HETATM 865 O  O   . HOH D 3 .   ? -3.350  6.906   9.779   1.00 41.97  ? 333 HOH A O   1 
HETATM 866 O  O   . HOH D 3 .   ? -5.660  -6.066  8.121   1.00 35.53  ? 334 HOH A O   1 
HETATM 867 O  O   . HOH D 3 .   ? -14.542 -17.152 5.882   1.00 60.20  ? 335 HOH A O   1 
HETATM 868 O  O   . HOH D 3 .   ? 2.369   14.039  10.519  1.00 60.53  ? 336 HOH A O   1 
HETATM 869 O  O   . HOH D 3 .   ? 1.582   15.015  -1.999  1.00 35.98  ? 337 HOH A O   1 
HETATM 870 O  O   . HOH D 3 .   ? 1.487   17.112  1.125   1.00 65.32  ? 338 HOH A O   1 
HETATM 871 O  O   . HOH D 3 .   ? 11.825  4.611   4.461   1.00 54.64  ? 339 HOH A O   1 
# 
loop_
_atom_site_anisotrop.id 
_atom_site_anisotrop.type_symbol 
_atom_site_anisotrop.pdbx_label_atom_id 
_atom_site_anisotrop.pdbx_label_alt_id 
_atom_site_anisotrop.pdbx_label_comp_id 
_atom_site_anisotrop.pdbx_label_asym_id 
_atom_site_anisotrop.pdbx_label_seq_id 
_atom_site_anisotrop.pdbx_PDB_ins_code 
_atom_site_anisotrop.U[1][1] 
_atom_site_anisotrop.U[2][2] 
_atom_site_anisotrop.U[3][3] 
_atom_site_anisotrop.U[1][2] 
_atom_site_anisotrop.U[1][3] 
_atom_site_anisotrop.U[2][3] 
_atom_site_anisotrop.pdbx_auth_seq_id 
_atom_site_anisotrop.pdbx_auth_comp_id 
_atom_site_anisotrop.pdbx_auth_asym_id 
_atom_site_anisotrop.pdbx_auth_atom_id 
9   N N   . PRO A 18  ? 0.3904 0.7711 0.5789 0.0045  0.0778  -0.0487 82  PRO A N   
10  C CA  . PRO A 18  ? 0.3249 0.6531 0.4868 0.0265  0.0707  -0.0203 82  PRO A CA  
11  C C   . PRO A 18  ? 0.2886 0.6042 0.4415 0.0544  0.0773  -0.0068 82  PRO A C   
12  O O   . PRO A 18  ? 0.3349 0.6207 0.4760 0.0782  0.0762  0.0146  82  PRO A O   
13  C CB  . PRO A 18  ? 0.2609 0.5157 0.4032 -0.0006 0.0722  -0.0132 82  PRO A CB  
14  C CG  . PRO A 18  ? 0.2585 0.5122 0.4055 -0.0253 0.0857  -0.0245 82  PRO A CG  
15  C CD  . PRO A 18  ? 0.3316 0.6608 0.5138 -0.0318 0.0895  -0.0506 82  PRO A CD  
16  N N   . TYR A 19  ? 0.2293 0.5682 0.3913 0.0516  0.0869  -0.0205 83  TYR A N   
17  C CA  . TYR A 19  ? 0.2490 0.5699 0.4062 0.0770  0.0944  -0.0129 83  TYR A CA  
18  C C   . TYR A 19  ? 0.3739 0.7410 0.5412 0.1230  0.0922  -0.0045 83  TYR A C   
19  O O   . TYR A 19  ? 0.4371 0.7695 0.6003 0.1521  0.0992  0.0110  83  TYR A O   
20  C CB  . TYR A 19  ? 0.2545 0.5862 0.4157 0.0592  0.1057  -0.0312 83  TYR A CB  
21  C CG  . TYR A 19  ? 0.3703 0.6537 0.5133 0.0233  0.1098  -0.0297 83  TYR A CG  
22  C CD1 . TYR A 19  ? 0.3614 0.6552 0.5079 -0.0088 0.1127  -0.0361 83  TYR A CD1 
23  C CD2 . TYR A 19  ? 0.3262 0.5555 0.4505 0.0238  0.1126  -0.0226 83  TYR A CD2 
24  C CE1 . TYR A 19  ? 0.3758 0.6230 0.5013 -0.0335 0.1179  -0.0271 83  TYR A CE1 
25  C CE2 . TYR A 19  ? 0.3121 0.5104 0.4155 -0.0011 0.1148  -0.0195 83  TYR A CE2 
26  C CZ  . TYR A 19  ? 0.3771 0.5821 0.4781 -0.0269 0.1173  -0.0175 83  TYR A CZ  
27  O OH  . TYR A 19  ? 0.4465 0.6185 0.5228 -0.0443 0.1213  -0.0073 83  TYR A OH  
28  N N   . THR A 20  ? 0.3507 0.7979 0.5327 0.1320  0.0840  -0.0155 84  THR A N   
29  C CA  . THR A 20  ? 0.3928 0.8677 0.5660 0.1722  0.0748  -0.0038 84  THR A CA  
30  C C   . THR A 20  ? 0.3361 0.7980 0.4924 0.1903  0.0675  0.0237  84  THR A C   
31  O O   . THR A 20  ? 0.4086 0.8652 0.5483 0.2287  0.0678  0.0501  84  THR A O   
32  C CB  . THR A 20  ? 0.4088 0.9584 0.5888 0.1664  0.0639  -0.0336 84  THR A CB  
33  O OG1 . THR A 20  ? 0.4628 1.0376 0.6500 0.1333  0.0560  -0.0545 84  THR A OG1 
34  C CG2 . THR A 20  ? 0.4357 0.9976 0.6302 0.1506  0.0733  -0.0572 84  THR A CG2 
35  N N   . GLU A 21  ? 0.4124 0.8672 0.5711 0.1624  0.0628  0.0192  85  GLU A N   
36  C CA  . GLU A 21  ? 0.4457 0.8894 0.5878 0.1759  0.0568  0.0440  85  GLU A CA  
37  C C   . GLU A 21  ? 0.4495 0.8143 0.5830 0.1879  0.0716  0.0781  85  GLU A C   
38  O O   . GLU A 21  ? 0.4968 0.8447 0.6154 0.2183  0.0766  0.1111  85  GLU A O   
39  C CB  . GLU A 21  ? 0.4568 0.9210 0.6055 0.1428  0.0451  0.0229  85  GLU A CB  
40  C CG  . GLU A 21  ? 0.5380 0.9858 0.6705 0.1513  0.0405  0.0467  85  GLU A CG  
41  C CD  . GLU A 21  ? 0.7226 1.1957 0.8280 0.1902  0.0389  0.0738  85  GLU A CD  
42  O OE1 . GLU A 21  ? 0.7973 1.3176 0.8947 0.2096  0.0353  0.0665  85  GLU A OE1 
43  O OE2 . GLU A 21  ? 0.7951 1.2436 0.8851 0.2017  0.0436  0.1038  85  GLU A OE2 
44  N N   . PHE A 22  ? 0.3699 0.6648 0.5005 0.1532  0.0768  0.0671  86  PHE A N   
45  C CA  . PHE A 22  ? 0.3162 0.5231 0.4343 0.1481  0.0880  0.0855  86  PHE A CA  
46  C C   . PHE A 22  ? 0.3632 0.5260 0.4877 0.1604  0.1045  0.0854  86  PHE A C   
47  O O   . PHE A 22  ? 0.3504 0.4727 0.4754 0.1344  0.1093  0.0671  86  PHE A O   
48  C CB  . PHE A 22  ? 0.2819 0.4513 0.3920 0.1061  0.0814  0.0705  86  PHE A CB  
49  C CG  . PHE A 22  ? 0.2505 0.4506 0.3574 0.0963  0.0671  0.0699  86  PHE A CG  
50  C CD1 . PHE A 22  ? 0.2545 0.4346 0.3516 0.1022  0.0678  0.0895  86  PHE A CD1 
51  C CD2 . PHE A 22  ? 0.2871 0.5374 0.4052 0.0794  0.0556  0.0466  86  PHE A CD2 
52  C CE1 . PHE A 22  ? 0.2765 0.4931 0.3725 0.0944  0.0539  0.0846  86  PHE A CE1 
53  C CE2 . PHE A 22  ? 0.3396 0.6199 0.4613 0.0707  0.0433  0.0393  86  PHE A CE2 
54  C CZ  . PHE A 22  ? 0.3342 0.6012 0.4435 0.0797  0.0407  0.0578  86  PHE A CZ  
55  N N   . LYS A 23  ? 0.3709 0.5476 0.5007 0.2042  0.1136  0.1052  87  LYS A N   
56  C CA  . LYS A 23  ? 0.4139 0.5517 0.5558 0.2231  0.1306  0.1034  87  LYS A CA  
57  C C   . LYS A 23  ? 0.4481 0.4909 0.5941 0.2121  0.1505  0.1092  87  LYS A C   
58  O O   . LYS A 23  ? 0.4586 0.4640 0.6213 0.2185  0.1658  0.0961  87  LYS A O   
59  C CB  . LYS A 23  ? 0.4412 0.6112 0.5842 0.2775  0.1351  0.1275  87  LYS A CB  
60  C CG  . LYS A 23  ? 0.5169 0.7841 0.6573 0.2824  0.1147  0.1077  87  LYS A CG  
61  C CD  . LYS A 23  ? 0.6759 0.9648 0.8008 0.3249  0.1135  0.1286  87  LYS A CD  
62  C CE  . LYS A 23  ? 0.7549 1.1430 0.8787 0.3266  0.0940  0.1018  87  LYS A CE  
63  N NZ  . LYS A 23  ? 0.7754 1.1854 0.9243 0.2958  0.0922  0.0606  87  LYS A NZ  
64  N N   . GLU A 24  ? 0.4966 0.5065 0.6325 0.1957  0.1519  0.1241  88  GLU A N   
65  C CA  . GLU A 24  ? 0.5569 0.4841 0.7028 0.1805  0.1739  0.1238  88  GLU A CA  
66  C C   . GLU A 24  ? 0.5336 0.4462 0.6848 0.1387  0.1700  0.0811  88  GLU A C   
67  O O   . GLU A 24  ? 0.5328 0.3918 0.7006 0.1240  0.1885  0.0649  88  GLU A O   
68  C CB  . GLU A 24  ? 0.6005 0.5046 0.7353 0.1763  0.1797  0.1527  88  GLU A CB  
69  C CG  . GLU A 24  ? 0.5148 0.4556 0.6328 0.1434  0.1561  0.1394  88  GLU A CG  
70  C CD  . GLU A 24  ? 0.5284 0.5438 0.6315 0.1620  0.1364  0.1574  88  GLU A CD  
71  O OE1 . GLU A 24  ? 0.4311 0.5025 0.5364 0.1820  0.1260  0.1527  88  GLU A OE1 
72  O OE2 . GLU A 24  ? 0.4656 0.4924 0.5581 0.1561  0.1319  0.1710  88  GLU A OE2 
73  N N   . PHE A 25  ? 0.4709 0.4358 0.6101 0.1210  0.1486  0.0617  89  PHE A N   
74  C CA  . PHE A 25  ? 0.4460 0.4083 0.5818 0.0877  0.1438  0.0288  89  PHE A CA  
75  C C   . PHE A 25  ? 0.4567 0.4501 0.5987 0.0899  0.1438  0.0068  89  PHE A C   
76  O O   . PHE A 25  ? 0.4772 0.5137 0.6198 0.1059  0.1379  0.0135  89  PHE A O   
77  C CB  . PHE A 25  ? 0.3998 0.3885 0.5137 0.0642  0.1232  0.0287  89  PHE A CB  
78  C CG  . PHE A 25  ? 0.4397 0.4082 0.5474 0.0596  0.1213  0.0446  89  PHE A CG  
79  C CD1 . PHE A 25  ? 0.5095 0.4297 0.6283 0.0546  0.1388  0.0426  89  PHE A CD1 
80  C CD2 . PHE A 25  ? 0.4441 0.4461 0.5403 0.0590  0.1048  0.0576  89  PHE A CD2 
81  C CE1 . PHE A 25  ? 0.5101 0.4171 0.6242 0.0485  0.1398  0.0569  89  PHE A CE1 
82  C CE2 . PHE A 25  ? 0.4704 0.4626 0.5614 0.0557  0.1031  0.0704  89  PHE A CE2 
83  C CZ  . PHE A 25  ? 0.4233 0.3689 0.5213 0.0504  0.1207  0.0720  89  PHE A CZ  
84  N N   . SER A 26  ? 0.3696 0.3529 0.5174 0.0736  0.1507  -0.0231 90  SER A N   
85  C CA  . SER A 26  ? 0.4155 0.4385 0.5653 0.0720  0.1505  -0.0458 90  SER A CA  
86  C C   . SER A 26  ? 0.3313 0.3968 0.4553 0.0526  0.1349  -0.0411 90  SER A C   
87  O O   . SER A 26  ? 0.3142 0.3711 0.4214 0.0394  0.1242  -0.0274 90  SER A O   
88  C CB  . SER A 26  ? 0.4384 0.4524 0.6002 0.0596  0.1614  -0.0824 90  SER A CB  
89  O OG  . SER A 26  ? 0.3764 0.3964 0.5170 0.0352  0.1523  -0.0904 90  SER A OG  
90  N N   . ARG A 27  ? 0.3274 0.4368 0.4506 0.0503  0.1361  -0.0528 91  ARG A N   
91  C CA  . ARG A 27  ? 0.3096 0.4498 0.4110 0.0284  0.1292  -0.0474 91  ARG A CA  
92  C C   . ARG A 27  ? 0.4132 0.5393 0.4902 0.0105  0.1261  -0.0503 91  ARG A C   
93  O O   . ARG A 27  ? 0.3439 0.4654 0.4014 -0.0028 0.1187  -0.0344 91  ARG A O   
94  C CB  . ARG A 27  ? 0.3279 0.5196 0.4344 0.0264  0.1368  -0.0600 91  ARG A CB  
95  C CG  . ARG A 27  ? 0.3290 0.5532 0.4582 0.0456  0.1377  -0.0601 91  ARG A CG  
96  C CD  . ARG A 27  ? 0.4860 0.7719 0.6190 0.0337  0.1452  -0.0738 91  ARG A CD  
97  N NE  . ARG A 27  ? 0.5318 0.8210 0.6464 0.0015  0.1465  -0.0623 91  ARG A NE  
98  C CZ  . ARG A 27  ? 0.4621 0.7709 0.5859 -0.0114 0.1454  -0.0572 91  ARG A CZ  
99  N NH1 . ARG A 27  ? 0.3523 0.6960 0.5002 0.0071  0.1400  -0.0641 91  ARG A NH1 
100 N NH2 . ARG A 27  ? 0.4868 0.7833 0.5975 -0.0409 0.1514  -0.0464 91  ARG A NH2 
101 N N   . LYS A 28  ? 0.4318 0.5556 0.5129 0.0127  0.1323  -0.0738 92  LYS A N   
102 C CA  . LYS A 28  ? 0.4134 0.5418 0.4714 0.0016  0.1281  -0.0820 92  LYS A CA  
103 C C   . LYS A 28  ? 0.3535 0.4464 0.4028 -0.0030 0.1176  -0.0689 92  LYS A C   
104 O O   . LYS A 28  ? 0.3690 0.4675 0.3911 -0.0097 0.1090  -0.0602 92  LYS A O   
105 C CB  . LYS A 28  ? 0.5233 0.6691 0.5971 0.0050  0.1374  -0.1213 92  LYS A CB  
106 C CG  . LYS A 28  ? 0.6117 0.7918 0.6599 -0.0014 0.1326  -0.1366 92  LYS A CG  
107 C CD  . LYS A 28  ? 0.7052 0.8621 0.7614 -0.0059 0.1287  -0.1520 92  LYS A CD  
108 C CE  . LYS A 28  ? 0.7498 0.9598 0.7810 -0.0062 0.1224  -0.1732 92  LYS A CE  
109 N NZ  . LYS A 28  ? 0.7936 1.0637 0.8381 -0.0029 0.1322  -0.2167 92  LYS A NZ  
110 N N   . GLN A 29  ? 0.3199 0.3781 0.3916 0.0034  0.1197  -0.0654 93  GLN A N   
111 C CA  . GLN A 29  ? 0.3624 0.3935 0.4282 -0.0015 0.1113  -0.0538 93  GLN A CA  
112 C C   . GLN A 29  ? 0.3534 0.3885 0.4021 -0.0049 0.0980  -0.0271 93  GLN A C   
113 O O   . GLN A 29  ? 0.3024 0.3332 0.3334 -0.0120 0.0875  -0.0220 93  GLN A O   
114 C CB  . GLN A 29  ? 0.3655 0.3599 0.4578 0.0071  0.1214  -0.0501 93  GLN A CB  
115 C CG  . GLN A 29  ? 0.4174 0.3923 0.5345 0.0033  0.1385  -0.0812 93  GLN A CG  
116 C CD  . GLN A 29  ? 0.5193 0.4453 0.6639 0.0136  0.1563  -0.0691 93  GLN A CD  
117 O OE1 . GLN A 29  ? 0.4523 0.3697 0.6034 0.0347  0.1605  -0.0452 93  GLN A OE1 
118 N NE2 . GLN A 29  ? 0.5876 0.4845 0.7491 0.0001  0.1692  -0.0848 93  GLN A NE2 
119 N N   . ILE A 30  ? 0.3313 0.3799 0.3899 0.0012  0.0994  -0.0149 94  ILE A N   
120 C CA  . ILE A 30  ? 0.3161 0.3755 0.3687 -0.0058 0.0903  0.0004  94  ILE A CA  
121 C C   . ILE A 30  ? 0.3037 0.3673 0.3341 -0.0203 0.0897  0.0034  94  ILE A C   
122 O O   . ILE A 30  ? 0.3669 0.4173 0.3872 -0.0275 0.0817  0.0128  94  ILE A O   
123 C CB  . ILE A 30  ? 0.2783 0.3684 0.3507 0.0028  0.0933  0.0037  94  ILE A CB  
124 C CG1 . ILE A 30  ? 0.2708 0.3568 0.3577 0.0239  0.0919  0.0130  94  ILE A CG1 
125 C CG2 . ILE A 30  ? 0.2652 0.3763 0.3392 -0.0127 0.0890  0.0069  94  ILE A CG2 
126 C CD1 . ILE A 30  ? 0.2744 0.3961 0.3799 0.0466  0.0975  0.0139  94  ILE A CD1 
127 N N   . LYS A 31  ? 0.2973 0.3791 0.3192 -0.0225 0.0996  -0.0033 95  LYS A N   
128 C CA  . LYS A 31  ? 0.3104 0.3954 0.3049 -0.0317 0.1034  0.0074  95  LYS A CA  
129 C C   . LYS A 31  ? 0.4013 0.4702 0.3708 -0.0267 0.0935  0.0098  95  LYS A C   
130 O O   . LYS A 31  ? 0.3990 0.4542 0.3470 -0.0288 0.0918  0.0281  95  LYS A O   
131 C CB  . LYS A 31  ? 0.3568 0.4758 0.3436 -0.0322 0.1169  0.0002  95  LYS A CB  
132 C CG  . LYS A 31  ? 0.4610 0.6062 0.4689 -0.0392 0.1282  -0.0022 95  LYS A CG  
133 C CD  . LYS A 31  ? 0.5885 0.7258 0.5987 -0.0576 0.1349  0.0149  95  LYS A CD  
134 C CE  . LYS A 31  ? 0.6426 0.7661 0.6203 -0.0670 0.1463  0.0377  95  LYS A CE  
135 N NZ  . LYS A 31  ? 0.6722 0.7868 0.6625 -0.0905 0.1636  0.0500  95  LYS A NZ  
136 N N   . ASP A 32  ? 0.3926 0.4642 0.3678 -0.0195 0.0889  -0.0104 96  ASP A N   
137 C CA  . ASP A 32  ? 0.4082 0.4789 0.3647 -0.0145 0.0787  -0.0164 96  ASP A CA  
138 C C   . ASP A 32  ? 0.4250 0.4672 0.3822 -0.0163 0.0665  -0.0030 96  ASP A C   
139 O O   . ASP A 32  ? 0.4056 0.4449 0.3400 -0.0106 0.0575  0.0042  96  ASP A O   
140 C CB  . ASP A 32  ? 0.3673 0.4503 0.3408 -0.0127 0.0809  -0.0497 96  ASP A CB  
141 C CG  . ASP A 32  ? 0.4679 0.5943 0.4364 -0.0086 0.0895  -0.0733 96  ASP A CG  
142 O OD1 . ASP A 32  ? 0.5228 0.6747 0.4633 -0.0040 0.0914  -0.0584 96  ASP A OD1 
143 O OD2 . ASP A 32  ? 0.5307 0.6677 0.5248 -0.0104 0.0966  -0.1080 96  ASP A OD2 
144 N N   . MET A 33  ? 0.3637 0.3914 0.3464 -0.0204 0.0658  -0.0004 97  MET A N   
145 C CA  . MET A 33  ? 0.3420 0.3548 0.3294 -0.0221 0.0545  0.0084  97  MET A CA  
146 C C   . MET A 33  ? 0.3730 0.3772 0.3533 -0.0273 0.0543  0.0245  97  MET A C   
147 O O   . MET A 33  ? 0.3970 0.3869 0.3707 -0.0261 0.0449  0.0290  97  MET A O   
148 C CB  . MET A 33  ? 0.2776 0.2909 0.2917 -0.0207 0.0552  0.0090  97  MET A CB  
149 C CG  . MET A 33  ? 0.2889 0.2942 0.3145 -0.0166 0.0613  -0.0011 97  MET A CG  
150 S SD  . MET A 33  ? 0.4383 0.4448 0.4887 -0.0048 0.0696  0.0128  97  MET A SD  
151 C CE  . MET A 33  ? 0.4296 0.4071 0.4953 -0.0015 0.0882  0.0025  97  MET A CE  
152 N N   . GLU A 34  ? 0.3689 0.3807 0.3541 -0.0342 0.0672  0.0305  98  GLU A N   
153 C CA  . GLU A 34  ? 0.3621 0.3598 0.3459 -0.0447 0.0752  0.0442  98  GLU A CA  
154 C C   . GLU A 34  ? 0.4586 0.4347 0.4073 -0.0367 0.0764  0.0612  98  GLU A C   
155 O O   . GLU A 34  ? 0.4488 0.3950 0.3946 -0.0374 0.0766  0.0732  98  GLU A O   
156 C CB  . GLU A 34  ? 0.3948 0.4118 0.3907 -0.0565 0.0930  0.0447  98  GLU A CB  
157 C CG  . GLU A 34  ? 0.5045 0.5037 0.5076 -0.0740 0.1084  0.0558  98  GLU A CG  
158 C CD  . GLU A 34  ? 0.6092 0.6315 0.6181 -0.0880 0.1301  0.0570  98  GLU A CD  
159 O OE1 . GLU A 34  ? 0.7440 0.7443 0.7425 -0.1005 0.1501  0.0756  98  GLU A OE1 
160 O OE2 . GLU A 34  ? 0.5506 0.6124 0.5746 -0.0851 0.1291  0.0407  98  GLU A OE2 
161 N N   . LYS A 35  ? 0.4064 0.4024 0.3298 -0.0259 0.0783  0.0605  99  LYS A N   
162 C CA  . LYS A 35  ? 0.4863 0.4805 0.3702 -0.0094 0.0781  0.0768  99  LYS A CA  
163 C C   . LYS A 35  ? 0.4377 0.4187 0.3132 0.0046  0.0597  0.0735  99  LYS A C   
164 O O   . LYS A 35  ? 0.4989 0.4560 0.3522 0.0177  0.0599  0.0954  99  LYS A O   
165 C CB  . LYS A 35  ? 0.6030 0.6439 0.4684 0.0007  0.0805  0.0639  99  LYS A CB  
166 C CG  . LYS A 35  ? 0.7526 0.8173 0.5746 0.0252  0.0770  0.0745  99  LYS A CG  
167 C CD  . LYS A 35  ? 0.8485 0.9749 0.6589 0.0319  0.0826  0.0553  99  LYS A CD  
168 C CE  . LYS A 35  ? 0.9087 1.0850 0.6800 0.0609  0.0739  0.0521  99  LYS A CE  
169 N NZ  . LYS A 35  ? 0.8725 1.0624 0.6574 0.0659  0.0548  0.0183  99  LYS A NZ  
170 N N   . MET A 36  ? 0.4616 0.4566 0.3558 0.0028  0.0460  0.0477  100 MET A N   
171 C CA  . MET A 36  ? 0.4854 0.4774 0.3760 0.0131  0.0288  0.0394  100 MET A CA  
172 C C   . MET A 36  ? 0.4472 0.4036 0.3537 0.0081  0.0252  0.0499  100 MET A C   
173 O O   . MET A 36  ? 0.4531 0.3947 0.3459 0.0228  0.0166  0.0566  100 MET A O   
174 C CB  . MET A 36  ? 0.4494 0.4641 0.3601 0.0070  0.0213  0.0099  100 MET A CB  
175 C CG  . MET A 36  ? 0.4454 0.4711 0.3520 0.0158  0.0051  -0.0047 100 MET A CG  
176 S SD  . MET A 36  ? 0.4471 0.4912 0.3835 0.0009  0.0059  -0.0355 100 MET A SD  
177 C CE  . MET A 36  ? 0.4843 0.5574 0.4110 0.0110  -0.0116 -0.0571 100 MET A CE  
178 N N   . PHE A 37  ? 0.4027 0.3523 0.3405 -0.0102 0.0315  0.0473  101 PHE A N   
179 C CA  . PHE A 37  ? 0.4276 0.3559 0.3893 -0.0183 0.0305  0.0478  101 PHE A CA  
180 C C   . PHE A 37  ? 0.5024 0.3891 0.4508 -0.0144 0.0428  0.0699  101 PHE A C   
181 O O   . PHE A 37  ? 0.4677 0.3284 0.4197 -0.0062 0.0368  0.0709  101 PHE A O   
182 C CB  . PHE A 37  ? 0.3800 0.3260 0.3770 -0.0363 0.0377  0.0378  101 PHE A CB  
183 C CG  . PHE A 37  ? 0.3596 0.3030 0.3895 -0.0464 0.0360  0.0262  101 PHE A CG  
184 C CD1 . PHE A 37  ? 0.4633 0.3800 0.5088 -0.0601 0.0531  0.0302  101 PHE A CD1 
185 C CD2 . PHE A 37  ? 0.2828 0.2543 0.3311 -0.0436 0.0200  0.0084  101 PHE A CD2 
186 C CE1 . PHE A 37  ? 0.4878 0.4062 0.5728 -0.0723 0.0538  0.0096  101 PHE A CE1 
187 C CE2 . PHE A 37  ? 0.3195 0.3019 0.4021 -0.0522 0.0179  -0.0101 101 PHE A CE2 
188 C CZ  . PHE A 37  ? 0.4041 0.3604 0.5079 -0.0672 0.0345  -0.0131 101 PHE A CZ  
189 N N   . LYS A 38  ? 0.4175 0.2964 0.3513 -0.0188 0.0623  0.0892  102 LYS A N   
190 C CA  . LYS A 38  ? 0.4818 0.3147 0.4010 -0.0157 0.0819  0.1187  102 LYS A CA  
191 C C   . LYS A 38  ? 0.5991 0.4181 0.4756 0.0182  0.0733  0.1390  102 LYS A C   
192 O O   . LYS A 38  ? 0.6065 0.3753 0.4775 0.0291  0.0827  0.1607  102 LYS A O   
193 C CB  . LYS A 38  ? 0.6305 0.4672 0.5417 -0.0292 0.1075  0.1362  102 LYS A CB  
194 C CG  . LYS A 38  ? 0.6298 0.4867 0.5857 -0.0599 0.1170  0.1141  102 LYS A CG  
195 C CD  . LYS A 38  ? 0.7745 0.6331 0.7269 -0.0763 0.1461  0.1304  102 LYS A CD  
196 C CE  . LYS A 38  ? 0.8311 0.7184 0.8325 -0.1055 0.1556  0.1028  102 LYS A CE  
197 N NZ  . LYS A 38  ? 0.8765 0.7409 0.9227 -0.1244 0.1611  0.0853  102 LYS A NZ  
198 N N   . GLN A 39  ? 0.5584 0.4241 0.4081 0.0362  0.0567  0.1289  103 GLN A N   
199 C CA  . GLN A 39  ? 0.6684 0.5439 0.4781 0.0725  0.0450  0.1402  103 GLN A CA  
200 C C   . GLN A 39  ? 0.6361 0.4832 0.4574 0.0849  0.0308  0.1341  103 GLN A C   
201 O O   . GLN A 39  ? 0.6658 0.4840 0.4613 0.1144  0.0330  0.1594  103 GLN A O   
202 C CB  . GLN A 39  ? 0.7668 0.7109 0.5615 0.0825  0.0288  0.1129  103 GLN A CB  
203 C CG  . GLN A 39  ? 0.9733 0.9565 0.7361 0.0924  0.0404  0.1241  103 GLN A CG  
204 C CD  . GLN A 39  ? 1.0891 1.1428 0.8514 0.0956  0.0273  0.0844  103 GLN A CD  
205 O OE1 . GLN A 39  ? 1.1284 1.1998 0.9072 0.0945  0.0105  0.0536  103 GLN A OE1 
206 N NE2 . GLN A 39  ? 1.1286 1.2262 0.8763 0.0974  0.0375  0.0813  103 GLN A NE2 
207 N N   . TYR A 40  ? 0.5656 0.4222 0.4256 0.0651  0.0177  0.1021  104 TYR A N   
208 C CA  . TYR A 40  ? 0.6076 0.4549 0.4806 0.0770  0.0008  0.0876  104 TYR A CA  
209 C C   . TYR A 40  ? 0.6381 0.4360 0.5506 0.0617  0.0101  0.0860  104 TYR A C   
210 O O   . TYR A 40  ? 0.6328 0.4192 0.5582 0.0740  -0.0019 0.0734  104 TYR A O   
211 C CB  . TYR A 40  ? 0.5696 0.4714 0.4544 0.0716  -0.0209 0.0517  104 TYR A CB  
212 C CG  . TYR A 40  ? 0.5590 0.5098 0.4110 0.0899  -0.0295 0.0439  104 TYR A CG  
213 C CD1 . TYR A 40  ? 0.4854 0.4561 0.3097 0.1240  -0.0434 0.0426  104 TYR A CD1 
214 C CD2 . TYR A 40  ? 0.4385 0.4215 0.2906 0.0750  -0.0229 0.0335  104 TYR A CD2 
215 C CE1 . TYR A 40  ? 0.5649 0.5974 0.3637 0.1406  -0.0513 0.0266  104 TYR A CE1 
216 C CE2 . TYR A 40  ? 0.5336 0.5697 0.3641 0.0887  -0.0289 0.0160  104 TYR A CE2 
217 C CZ  . TYR A 40  ? 0.5732 0.6389 0.3775 0.1206  -0.0433 0.0108  104 TYR A CZ  
218 O OH  . TYR A 40  ? 0.6345 0.7692 0.4216 0.1342  -0.0494 -0.0146 104 TYR A OH  
219 N N   . ASP A 41  ? 0.5602 0.3355 0.4957 0.0344  0.0322  0.0929  105 ASP A N   
220 C CA  . ASP A 41  ? 0.6105 0.3391 0.5875 0.0173  0.0484  0.0882  105 ASP A CA  
221 C C   . ASP A 41  ? 0.7480 0.4053 0.7031 0.0381  0.0691  0.1263  105 ASP A C   
222 O O   . ASP A 41  ? 0.7958 0.4172 0.7437 0.0276  0.0986  0.1554  105 ASP A O   
223 C CB  . ASP A 41  ? 0.6047 0.3453 0.6176 -0.0199 0.0668  0.0769  105 ASP A CB  
224 C CG  . ASP A 41  ? 0.6235 0.3258 0.6889 -0.0431 0.0872  0.0613  105 ASP A CG  
225 O OD1 . ASP A 41  ? 0.5918 0.2579 0.6720 -0.0315 0.0841  0.0542  105 ASP A OD1 
226 O OD2 . ASP A 41  ? 0.6404 0.3526 0.7368 -0.0736 0.1073  0.0512  105 ASP A OD2 
227 N N   . ALA A 42  ? 0.8423 0.4801 0.7862 0.0698  0.0553  0.1278  106 ALA A N   
228 C CA  . ALA A 42  ? 0.8724 0.4430 0.7864 0.1029  0.0727  0.1707  106 ALA A CA  
229 C C   . ALA A 42  ? 0.9016 0.3920 0.8548 0.0794  0.1097  0.1830  106 ALA A C   
230 O O   . ALA A 42  ? 1.0300 0.4904 0.9597 0.0886  0.1281  0.2186  106 ALA A O   
231 C CB  . ALA A 42  ? 0.8410 0.4147 0.7413 0.1447  0.0476  0.1630  106 ALA A CB  
232 N N   . GLY A 43  ? 0.8105 0.2988 0.8285 0.0429  0.1139  0.1404  107 GLY A N   
233 C CA  . GLY A 43  ? 0.8394 0.2858 0.9028 0.0147  0.1396  0.1303  107 GLY A CA  
234 C C   . GLY A 43  ? 0.8785 0.3422 0.9654 -0.0288 0.1644  0.1247  107 GLY A C   
235 O O   . GLY A 43  ? 0.9183 0.3556 1.0449 -0.0539 0.1882  0.1122  107 GLY A O   
236 N N   . ARG A 44  ? 0.8045 0.3156 0.8689 -0.0364 0.1595  0.1311  108 ARG A N   
237 C CA  . ARG A 44  ? 0.8377 0.3772 0.9199 -0.0727 0.1795  0.1247  108 ARG A CA  
238 C C   . ARG A 44  ? 0.8155 0.3861 0.9689 -0.1103 0.1845  0.0704  108 ARG A C   
239 O O   . ARG A 44  ? 0.8382 0.4182 1.0173 -0.1386 0.2074  0.0609  108 ARG A O   
240 C CB  . ARG A 44  ? 1.0719 0.5702 1.1305 -0.0724 0.2083  0.1645  108 ARG A CB  
241 C CG  . ARG A 44  ? 1.2249 0.7080 1.2137 -0.0304 0.2030  0.2157  108 ARG A CG  
242 C CD  . ARG A 44  ? 1.3104 0.8537 1.2608 -0.0213 0.1865  0.2212  108 ARG A CD  
243 N NE  . ARG A 44  ? 1.4735 1.0250 1.3590 0.0222  0.1768  0.2595  108 ARG A NE  
244 C CZ  . ARG A 44  ? 1.5010 1.1093 1.3468 0.0376  0.1621  0.2640  108 ARG A CZ  
245 N NH1 . ARG A 44  ? 1.4422 1.0916 1.3053 0.0132  0.1579  0.2386  108 ARG A NH1 
246 N NH2 . ARG A 44  ? 1.5626 1.1938 1.3545 0.0782  0.1522  0.2900  108 ARG A NH2 
247 N N   . ASP A 45  ? 0.7511 0.3478 0.9370 -0.1086 0.1624  0.0316  109 ASP A N   
248 C CA  . ASP A 45  ? 0.7445 0.3918 0.9964 -0.1379 0.1634  -0.0250 109 ASP A CA  
249 C C   . ASP A 45  ? 0.6480 0.3834 0.9137 -0.1530 0.1494  -0.0516 109 ASP A C   
250 O O   . ASP A 45  ? 0.5509 0.3501 0.8633 -0.1720 0.1492  -0.0964 109 ASP A O   
251 C CB  . ASP A 45  ? 0.7128 0.3585 0.9983 -0.1277 0.1478  -0.0590 109 ASP A CB  
252 C CG  . ASP A 45  ? 0.6364 0.3194 0.9095 -0.1070 0.1123  -0.0706 109 ASP A CG  
253 O OD1 . ASP A 45  ? 0.6805 0.3804 0.8995 -0.0892 0.0974  -0.0393 109 ASP A OD1 
254 O OD2 . ASP A 45  ? 0.6115 0.3275 0.9184 -0.1031 0.0948  -0.1106 109 ASP A OD2 
255 N N   . GLY A 46  ? 0.6617 0.4099 0.8798 -0.1374 0.1360  -0.0227 110 GLY A N   
256 C CA  . GLY A 46  ? 0.5549 0.3879 0.7708 -0.1402 0.1191  -0.0381 110 GLY A CA  
257 C C   . GLY A 46  ? 0.4427 0.3322 0.6530 -0.1197 0.0833  -0.0563 110 GLY A C   
258 O O   . GLY A 46  ? 0.4033 0.3626 0.6186 -0.1192 0.0710  -0.0704 110 GLY A O   
259 N N   . PHE A 47  ? 0.4085 0.2686 0.6084 -0.1011 0.0687  -0.0547 111 PHE A N   
260 C CA  . PHE A 47  ? 0.3570 0.2701 0.5520 -0.0839 0.0380  -0.0716 111 PHE A CA  
261 C C   . PHE A 47  ? 0.4040 0.2851 0.5515 -0.0562 0.0225  -0.0467 111 PHE A C   
262 O O   . PHE A 47  ? 0.4202 0.2377 0.5450 -0.0450 0.0329  -0.0213 111 PHE A O   
263 C CB  . PHE A 47  ? 0.3943 0.3387 0.6434 -0.0926 0.0324  -0.1171 111 PHE A CB  
264 C CG  . PHE A 47  ? 0.3959 0.3948 0.6980 -0.1192 0.0458  -0.1531 111 PHE A CG  
265 C CD1 . PHE A 47  ? 0.2988 0.3921 0.6082 -0.1163 0.0313  -0.1703 111 PHE A CD1 
266 C CD2 . PHE A 47  ? 0.4757 0.4350 0.8187 -0.1446 0.0755  -0.1683 111 PHE A CD2 
267 C CE1 . PHE A 47  ? 0.3175 0.4711 0.6595 -0.1280 0.0413  -0.1997 111 PHE A CE1 
268 C CE2 . PHE A 47  ? 0.4810 0.5046 0.8559 -0.1584 0.0860  -0.1992 111 PHE A CE2 
269 C CZ  . PHE A 47  ? 0.4226 0.5435 0.7959 -0.1487 0.0680  -0.2167 111 PHE A CZ  
270 N N   . ILE A 48  ? 0.3708 0.3012 0.5029 -0.0436 -0.0007 -0.0531 112 ILE A N   
271 C CA  . ILE A 48  ? 0.3492 0.2683 0.4494 -0.0201 -0.0177 -0.0452 112 ILE A CA  
272 C C   . ILE A 48  ? 0.3831 0.3393 0.5127 -0.0170 -0.0349 -0.0786 112 ILE A C   
273 O O   . ILE A 48  ? 0.3031 0.3228 0.4481 -0.0234 -0.0444 -0.0960 112 ILE A O   
274 C CB  . ILE A 48  ? 0.3577 0.3056 0.4217 -0.0120 -0.0271 -0.0321 112 ILE A CB  
275 C CG1 . ILE A 48  ? 0.3951 0.3175 0.4325 -0.0139 -0.0111 -0.0055 112 ILE A CG1 
276 C CG2 . ILE A 48  ? 0.3124 0.2617 0.3504 0.0097  -0.0439 -0.0338 112 ILE A CG2 
277 C CD1 . ILE A 48  ? 0.5093 0.3806 0.5196 0.0014  -0.0033 0.0171  112 ILE A CD1 
278 N N   . ASP A 49  ? 0.4482 0.3672 0.5857 -0.0043 -0.0377 -0.0862 113 ASP A N   
286 N N   . LEU A 50  ? 0.5390 0.3297 0.5838 0.0380  0.0625  -0.0312 114 LEU A N   
287 C CA  . LEU A 50  ? 0.4193 0.2557 0.4998 0.0706  0.0563  -0.0332 114 LEU A CA  
288 C C   . LEU A 50  ? 0.4481 0.2667 0.5236 0.1051  0.0434  -0.0216 114 LEU A C   
289 O O   . LEU A 50  ? 0.4538 0.3275 0.5633 0.1182  0.0312  -0.0170 114 LEU A O   
290 C CB  . LEU A 50  ? 0.5027 0.3364 0.5852 0.0838  0.0680  -0.0523 114 LEU A CB  
291 C CG  . LEU A 50  ? 0.5206 0.4207 0.6492 0.1096  0.0673  -0.0588 114 LEU A CG  
292 C CD1 . LEU A 50  ? 0.5883 0.5217 0.7268 0.0928  0.0825  -0.0742 114 LEU A CD1 
293 C CD2 . LEU A 50  ? 0.6117 0.4919 0.7410 0.1566  0.0652  -0.0641 114 LEU A CD2 
294 N N   . MET A 51  ? 0.5252 0.2609 0.5511 0.1182  0.0449  -0.0172 115 MET A N   
295 C CA  . MET A 51  ? 0.6250 0.3266 0.6292 0.1564  0.0292  -0.0040 115 MET A CA  
296 C C   . MET A 51  ? 0.6013 0.3218 0.6034 0.1426  0.0173  0.0136  115 MET A C   
297 O O   . MET A 51  ? 0.5810 0.3332 0.5984 0.1699  -0.0022 0.0205  115 MET A O   
298 C CB  . MET A 51  ? 0.6920 0.2867 0.6267 0.1620  0.0339  -0.0002 115 MET A CB  
299 C CG  . MET A 51  ? 0.8209 0.3922 0.7309 0.1932  0.0140  0.0150  115 MET A CG  
300 S SD  . MET A 51  ? 1.7524 1.3970 1.7203 0.2484  -0.0025 0.0046  115 MET A SD  
301 C CE  . MET A 51  ? 1.0313 0.6209 0.9763 0.2602  0.0146  -0.0136 115 MET A CE  
302 N N   . GLU A 52  ? 0.5681 0.2734 0.5513 0.1001  0.0292  0.0185  116 GLU A N   
303 C CA  . GLU A 52  ? 0.5146 0.2367 0.4922 0.0850  0.0238  0.0322  116 GLU A CA  
304 C C   . GLU A 52  ? 0.4652 0.2757 0.4983 0.0867  0.0134  0.0280  116 GLU A C   
305 O O   . GLU A 52  ? 0.5484 0.3749 0.5794 0.0943  0.0002  0.0369  116 GLU A O   
306 C CB  . GLU A 52  ? 0.5218 0.2251 0.4779 0.0395  0.0429  0.0331  116 GLU A CB  
307 C CG  . GLU A 52  ? 0.6098 0.2118 0.4933 0.0272  0.0547  0.0421  116 GLU A CG  
308 C CD  . GLU A 52  ? 0.6709 0.2677 0.5454 -0.0256 0.0774  0.0346  116 GLU A CD  
309 O OE1 . GLU A 52  ? 0.6502 0.3106 0.5722 -0.0424 0.0804  0.0192  116 GLU A OE1 
310 O OE2 . GLU A 52  ? 0.7396 0.2709 0.5578 -0.0517 0.0923  0.0435  116 GLU A OE2 
311 N N   . LEU A 53  ? 0.4017 0.2610 0.4753 0.0770  0.0199  0.0144  117 LEU A N   
312 C CA  . LEU A 53  ? 0.3757 0.3039 0.4908 0.0747  0.0130  0.0104  117 LEU A CA  
313 C C   . LEU A 53  ? 0.3753 0.3371 0.5157 0.1034  -0.0024 0.0077  117 LEU A C   
314 O O   . LEU A 53  ? 0.3834 0.3828 0.5394 0.1012  -0.0144 0.0097  117 LEU A O   
315 C CB  . LEU A 53  ? 0.3329 0.2929 0.4708 0.0566  0.0243  -0.0013 117 LEU A CB  
316 C CG  . LEU A 53  ? 0.3041 0.3150 0.4683 0.0481  0.0211  -0.0039 117 LEU A CG  
317 C CD1 . LEU A 53  ? 0.2802 0.2922 0.4331 0.0370  0.0159  0.0052  117 LEU A CD1 
318 C CD2 . LEU A 53  ? 0.2639 0.2887 0.4338 0.0344  0.0320  -0.0134 117 LEU A CD2 
319 N N   . LYS A 54  ? 0.3677 0.3188 0.5124 0.1304  -0.0022 0.0007  118 LYS A N   
320 C CA  . LYS A 54  ? 0.3862 0.3797 0.5610 0.1650  -0.0186 -0.0043 118 LYS A CA  
321 C C   . LYS A 54  ? 0.4660 0.4482 0.6187 0.1793  -0.0428 0.0098  118 LYS A C   
322 O O   . LYS A 54  ? 0.4349 0.4791 0.6196 0.1820  -0.0594 0.0061  118 LYS A O   
323 C CB  . LYS A 54  ? 0.4476 0.4127 0.6172 0.2018  -0.0143 -0.0129 118 LYS A CB  
324 C CG  . LYS A 54  ? 0.4564 0.4725 0.6570 0.2360  -0.0290 -0.0164 118 LYS A CG  
325 C CD  . LYS A 54  ? 0.5299 0.5088 0.7179 0.2635  -0.0191 -0.0229 118 LYS A CD  
326 C CE  . LYS A 54  ? 0.6641 0.7063 0.8920 0.2948  -0.0312 -0.0288 118 LYS A CE  
327 N NZ  . LYS A 54  ? 0.7722 0.7785 0.9658 0.3221  -0.0580 -0.0137 118 LYS A NZ  
328 N N   . LEU A 55  ? 0.5572 0.4579 0.6489 0.1828  -0.0436 0.0252  119 LEU A N   
329 C CA  . LEU A 55  ? 0.6069 0.4808 0.6591 0.1949  -0.0647 0.0408  119 LEU A CA  
330 C C   . LEU A 55  ? 0.5191 0.4301 0.5785 0.1643  -0.0678 0.0429  119 LEU A C   
331 O O   . LEU A 55  ? 0.5281 0.4641 0.5856 0.1757  -0.0914 0.0455  119 LEU A O   
332 C CB  . LEU A 55  ? 0.7961 0.5622 0.7689 0.1957  -0.0569 0.0576  119 LEU A CB  
333 C CG  . LEU A 55  ? 0.9251 0.6504 0.8407 0.2058  -0.0748 0.0751  119 LEU A CG  
334 C CD1 . LEU A 55  ? 0.9953 0.7446 0.9213 0.2445  -0.0988 0.0734  119 LEU A CD1 
335 C CD2 . LEU A 55  ? 1.0765 0.7029 0.9147 0.1837  -0.0553 0.0892  119 LEU A CD2 
336 N N   . MET A 56  ? 0.4811 0.3944 0.5457 0.1283  -0.0460 0.0403  120 MET A N   
337 C CA  . MET A 56  ? 0.4808 0.4193 0.5472 0.1041  -0.0458 0.0404  120 MET A CA  
338 C C   . MET A 56  ? 0.4425 0.4487 0.5530 0.1034  -0.0600 0.0288  120 MET A C   
339 O O   . MET A 56  ? 0.4515 0.4691 0.5503 0.0988  -0.0748 0.0297  120 MET A O   
340 C CB  . MET A 56  ? 0.3724 0.3088 0.4426 0.0752  -0.0219 0.0376  120 MET A CB  
341 C CG  . MET A 56  ? 0.3374 0.2964 0.4095 0.0581  -0.0204 0.0352  120 MET A CG  
342 S SD  . MET A 56  ? 0.4225 0.3960 0.5110 0.0379  0.0003  0.0289  120 MET A SD  
343 C CE  . MET A 56  ? 0.3941 0.3340 0.4582 0.0278  0.0172  0.0343  120 MET A CE  
344 N N   . MET A 57  ? 0.3697 0.4185 0.5261 0.1037  -0.0536 0.0165  121 MET A N   
345 C CA  . MET A 57  ? 0.3406 0.4566 0.5397 0.0939  -0.0612 0.0034  121 MET A CA  
346 C C   . MET A 57  ? 0.3741 0.5312 0.5909 0.1178  -0.0890 -0.0004 121 MET A C   
347 O O   . MET A 57  ? 0.3590 0.5622 0.5931 0.1022  -0.1027 -0.0087 121 MET A O   
348 C CB  . MET A 57  ? 0.2614 0.4117 0.4992 0.0852  -0.0423 -0.0091 121 MET A CB  
349 C CG  . MET A 57  ? 0.2217 0.3379 0.4396 0.0621  -0.0209 -0.0062 121 MET A CG  
350 S SD  . MET A 57  ? 0.2820 0.3815 0.4727 0.0340  -0.0205 -0.0015 121 MET A SD  
351 C CE  . MET A 57  ? 0.2228 0.3728 0.4421 0.0105  -0.0202 -0.0150 121 MET A CE  
352 N N   . GLU A 58  ? 0.3451 0.4834 0.5538 0.1563  -0.0991 0.0046  122 GLU A N   
353 C CA  . GLU A 58  ? 0.3583 0.5300 0.5751 0.1898  -0.1320 0.0036  122 GLU A CA  
354 C C   . GLU A 58  ? 0.4300 0.5744 0.5983 0.1809  -0.1528 0.0143  122 GLU A C   
355 O O   . GLU A 58  ? 0.4056 0.6070 0.5933 0.1813  -0.1792 0.0058  122 GLU A O   
356 C CB  . GLU A 58  ? 0.4867 0.6088 0.6749 0.2262  -0.1309 0.0136  122 GLU A CB  
357 C CG  . GLU A 58  ? 0.5457 0.6993 0.7769 0.2374  -0.1124 0.0010  122 GLU A CG  
358 C CD  . GLU A 58  ? 0.7120 0.7999 0.9061 0.2725  -0.1110 0.0093  122 GLU A CD  
359 O OE1 . GLU A 58  ? 0.8767 0.8922 1.0087 0.2842  -0.1233 0.0261  122 GLU A OE1 
360 O OE2 . GLU A 58  ? 0.6981 0.8014 0.9195 0.2862  -0.0962 -0.0017 122 GLU A OE2 
361 N N   . LYS A 59  ? 0.4346 0.4965 0.5401 0.1693  -0.1392 0.0305  123 LYS A N   
362 C CA  . LYS A 59  ? 0.5807 0.6046 0.6270 0.1648  -0.1548 0.0414  123 LYS A CA  
363 C C   . LYS A 59  ? 0.5604 0.6097 0.6115 0.1270  -0.1509 0.0318  123 LYS A C   
364 O O   . LYS A 59  ? 0.6228 0.6565 0.6318 0.1218  -0.1672 0.0343  123 LYS A O   
365 C CB  . LYS A 59  ? 0.7246 0.6530 0.6986 0.1660  -0.1381 0.0609  123 LYS A CB  
366 C CG  . LYS A 59  ? 0.8323 0.7100 0.7783 0.2039  -0.1449 0.0722  123 LYS A CG  
367 C CD  . LYS A 59  ? 0.9650 0.8912 0.9321 0.2353  -0.1759 0.0674  123 LYS A CD  
368 C CE  . LYS A 59  ? 1.0315 0.9251 0.9914 0.2647  -0.1713 0.0712  123 LYS A CE  
369 N NZ  . LYS A 59  ? 1.0426 1.0026 1.0422 0.2956  -0.1972 0.0624  123 LYS A NZ  
370 N N   . LEU A 60  ? 0.4907 0.5691 0.5837 0.1018  -0.1292 0.0208  124 LEU A N   
371 C CA  . LEU A 60  ? 0.4758 0.5684 0.5696 0.0679  -0.1246 0.0105  124 LEU A CA  
372 C C   . LEU A 60  ? 0.5017 0.6677 0.6373 0.0576  -0.1466 -0.0065 124 LEU A C   
373 O O   . LEU A 60  ? 0.4849 0.6569 0.6099 0.0270  -0.1501 -0.0167 124 LEU A O   
374 C CB  . LEU A 60  ? 0.3791 0.4644 0.4904 0.0477  -0.0945 0.0075  124 LEU A CB  
375 C CG  . LEU A 60  ? 0.3886 0.4176 0.4641 0.0485  -0.0733 0.0189  124 LEU A CG  
376 C CD1 . LEU A 60  ? 0.3423 0.3761 0.4389 0.0336  -0.0515 0.0143  124 LEU A CD1 
377 C CD2 . LEU A 60  ? 0.4379 0.4299 0.4610 0.0414  -0.0751 0.0219  124 LEU A CD2 
378 N N   . GLY A 61  ? 0.4352 0.6581 0.6183 0.0825  -0.1606 -0.0116 125 GLY A N   
379 C CA  . GLY A 61  ? 0.4271 0.7423 0.6649 0.0741  -0.1812 -0.0311 125 GLY A CA  
380 C C   . GLY A 61  ? 0.3421 0.7113 0.6383 0.0480  -0.1563 -0.0464 125 GLY A C   
381 O O   . GLY A 61  ? 0.4011 0.8462 0.7407 0.0224  -0.1638 -0.0655 125 GLY A O   
382 N N   . ALA A 62  ? 0.2322 0.5632 0.5260 0.0503  -0.1263 -0.0394 126 ALA A N   
383 C CA  . ALA A 62  ? 0.2975 0.6708 0.6348 0.0263  -0.1006 -0.0525 126 ALA A CA  
384 C C   . ALA A 62  ? 0.2650 0.6310 0.6195 0.0553  -0.0822 -0.0496 126 ALA A C   
385 O O   . ALA A 62  ? 0.2898 0.6109 0.6236 0.0422  -0.0574 -0.0443 126 ALA A O   
386 C CB  . ALA A 62  ? 0.2437 0.5660 0.5437 -0.0170 -0.0789 -0.0504 126 ALA A CB  
387 N N   . PRO A 63  ? 0.3980 0.7947 0.7757 0.0933  -0.0926 -0.0506 127 PRO A N   
388 C CA  . PRO A 63  ? 0.3253 0.6977 0.7035 0.1208  -0.0739 -0.0479 127 PRO A CA  
389 C C   . PRO A 63  ? 0.3153 0.7125 0.7167 0.0943  -0.0419 -0.0595 127 PRO A C   
390 O O   . PRO A 63  ? 0.2957 0.7463 0.7235 0.0634  -0.0347 -0.0703 127 PRO A O   
391 C CB  . PRO A 63  ? 0.2944 0.6978 0.6897 0.1582  -0.0904 -0.0484 127 PRO A CB  
392 C CG  . PRO A 63  ? 0.3021 0.7761 0.7276 0.1382  -0.1090 -0.0577 127 PRO A CG  
393 C CD  . PRO A 63  ? 0.2415 0.6883 0.6369 0.1074  -0.1188 -0.0537 127 PRO A CD  
394 N N   . GLN A 64  ? 0.2740 0.6250 0.6573 0.1034  -0.0225 -0.0572 128 GLN A N   
395 C CA  . GLN A 64  ? 0.2385 0.5988 0.6281 0.0790  0.0072  -0.0665 128 GLN A CA  
396 C C   . GLN A 64  ? 0.3439 0.7070 0.7412 0.1087  0.0210  -0.0734 128 GLN A C   
397 O O   . GLN A 64  ? 0.4174 0.7490 0.8028 0.1472  0.0101  -0.0679 128 GLN A O   
398 C CB  . GLN A 64  ? 0.2363 0.5338 0.5895 0.0588  0.0185  -0.0589 128 GLN A CB  
399 C CG  . GLN A 64  ? 0.2860 0.5607 0.6119 0.0297  0.0087  -0.0484 128 GLN A CG  
400 C CD  . GLN A 64  ? 0.3205 0.6353 0.6608 -0.0092 0.0194  -0.0586 128 GLN A CD  
401 O OE1 . GLN A 64  ? 0.3720 0.7002 0.7171 -0.0265 0.0429  -0.0667 128 GLN A OE1 
402 N NE2 . GLN A 64  ? 0.3109 0.6392 0.6507 -0.0269 0.0035  -0.0590 128 GLN A NE2 
403 N N   . THR A 65  ? 0.3646 0.7573 0.7745 0.0902  0.0459  -0.0850 129 THR A N   
404 C CA  . THR A 65  ? 0.3774 0.7707 0.7913 0.1167  0.0630  -0.0946 129 THR A CA  
405 C C   . THR A 65  ? 0.4324 0.7487 0.8039 0.1272  0.0714  -0.0925 129 THR A C   
406 O O   . THR A 65  ? 0.3629 0.6401 0.7110 0.1042  0.0703  -0.0859 129 THR A O   
407 C CB  . THR A 65  ? 0.3977 0.8413 0.8306 0.0906  0.0898  -0.1087 129 THR A CB  
408 O OG1 . THR A 65  ? 0.4559 0.9428 0.9216 0.1228  0.0961  -0.1198 129 THR A OG1 
409 C CG2 . THR A 65  ? 0.2989 0.6990 0.6939 0.0697  0.1146  -0.1125 129 THR A CG2 
410 N N   . HIS A 66  ? 0.4885 0.7802 0.8505 0.1614  0.0796  -0.0991 130 HIS A N   
411 C CA  . HIS A 66  ? 0.5069 0.7191 0.8245 0.1695  0.0879  -0.1014 130 HIS A CA  
412 C C   . HIS A 66  ? 0.4448 0.6440 0.7449 0.1297  0.1079  -0.1085 130 HIS A C   
413 O O   . HIS A 66  ? 0.3695 0.5107 0.6343 0.1126  0.1042  -0.0999 130 HIS A O   
414 C CB  . HIS A 66  ? 0.5960 0.7850 0.9021 0.2085  0.0998  -0.1113 130 HIS A CB  
415 C CG  . HIS A 66  ? 0.7558 0.8487 1.0059 0.2168  0.1056  -0.1154 130 HIS A CG  
416 N ND1 . HIS A 66  ? 0.8624 0.8787 1.0776 0.2349  0.0899  -0.1029 130 HIS A ND1 
417 C CD2 . HIS A 66  ? 0.8372 0.8916 1.0548 0.2027  0.1259  -0.1313 130 HIS A CD2 
418 C CE1 . HIS A 66  ? 0.9381 0.8733 1.1014 0.2293  0.0983  -0.1130 130 HIS A CE1 
419 N NE2 . HIS A 66  ? 0.9216 0.8796 1.0881 0.2091  0.1205  -0.1299 130 HIS A NE2 
420 N N   . LEU A 67  ? 0.4416 0.6890 0.7543 0.1118  0.1277  -0.1187 131 LEU A N   
421 C CA  . LEU A 67  ? 0.4159 0.6505 0.7020 0.0739  0.1479  -0.1231 131 LEU A CA  
422 C C   . LEU A 67  ? 0.3620 0.5920 0.6408 0.0406  0.1369  -0.1073 131 LEU A C   
423 O O   . LEU A 67  ? 0.3871 0.5692 0.6186 0.0189  0.1358  -0.0978 131 LEU A O   
424 C CB  . LEU A 67  ? 0.5098 0.7933 0.8047 0.0621  0.1714  -0.1349 131 LEU A CB  
425 C CG  . LEU A 67  ? 0.5462 0.8020 0.7961 0.0387  0.1982  -0.1449 131 LEU A CG  
426 C CD1 . LEU A 67  ? 0.5464 0.7359 0.7570 0.0564  0.2008  -0.1537 131 LEU A CD1 
427 C CD2 . LEU A 67  ? 0.5007 0.8071 0.7654 0.0379  0.2214  -0.1577 131 LEU A CD2 
428 N N   . GLY A 68  ? 0.3681 0.6385 0.6795 0.0378  0.1217  -0.1002 132 GLY A N   
429 C CA  . GLY A 68  ? 0.3342 0.5886 0.6293 0.0100  0.1091  -0.0846 132 GLY A CA  
430 C C   . GLY A 68  ? 0.2920 0.4853 0.5549 0.0201  0.0881  -0.0679 132 GLY A C   
431 O O   . GLY A 68  ? 0.2727 0.4294 0.4993 0.0013  0.0839  -0.0565 132 GLY A O   
432 N N   . LEU A 69  ? 0.2365 0.4179 0.5098 0.0508  0.0761  -0.0671 133 LEU A N   
433 C CA  . LEU A 69  ? 0.2232 0.3456 0.4629 0.0552  0.0633  -0.0540 133 LEU A CA  
434 C C   . LEU A 69  ? 0.2719 0.3551 0.4754 0.0406  0.0732  -0.0563 133 LEU A C   
435 O O   . LEU A 69  ? 0.2743 0.3346 0.4550 0.0255  0.0655  -0.0464 133 LEU A O   
436 C CB  . LEU A 69  ? 0.2667 0.3674 0.5089 0.0887  0.0533  -0.0529 133 LEU A CB  
437 C CG  . LEU A 69  ? 0.2978 0.4337 0.5669 0.1051  0.0343  -0.0476 133 LEU A CG  
438 C CD1 . LEU A 69  ? 0.3497 0.4748 0.6239 0.1494  0.0250  -0.0508 133 LEU A CD1 
439 C CD2 . LEU A 69  ? 0.2505 0.3596 0.4951 0.0901  0.0197  -0.0305 133 LEU A CD2 
440 N N   . LYS A 70  ? 0.3283 0.4090 0.5270 0.0462  0.0897  -0.0715 134 LYS A N   
441 C CA  . LYS A 70  ? 0.3605 0.4070 0.5203 0.0303  0.0974  -0.0772 134 LYS A CA  
442 C C   . LYS A 70  ? 0.3614 0.4154 0.5007 0.0040  0.0956  -0.0699 134 LYS A C   
443 O O   . LYS A 70  ? 0.3380 0.3691 0.4487 -0.0079 0.0864  -0.0659 134 LYS A O   
444 C CB  . LYS A 70  ? 0.4245 0.4695 0.5790 0.0413  0.1188  -0.0978 134 LYS A CB  
445 C CG  . LYS A 70  ? 0.5501 0.5614 0.6571 0.0221  0.1270  -0.1072 134 LYS A CG  
446 C CD  . LYS A 70  ? 0.6860 0.6400 0.7644 0.0284  0.1256  -0.1163 134 LYS A CD  
447 C CE  . LYS A 70  ? 0.7788 0.7124 0.8369 0.0423  0.1485  -0.1401 134 LYS A CE  
448 N NZ  . LYS A 70  ? 0.8284 0.7676 0.8521 0.0187  0.1603  -0.1498 134 LYS A NZ  
449 N N   . ASN A 71  ? 0.3151 0.4008 0.4661 -0.0049 0.1042  -0.0691 135 ASN A N   
450 C CA  . ASN A 71  ? 0.3580 0.4341 0.4759 -0.0272 0.1041  -0.0604 135 ASN A CA  
451 C C   . ASN A 71  ? 0.3448 0.4067 0.4563 -0.0281 0.0829  -0.0437 135 ASN A C   
452 O O   . ASN A 71  ? 0.3273 0.3661 0.4021 -0.0347 0.0748  -0.0359 135 ASN A O   
453 C CB  . ASN A 71  ? 0.3069 0.4123 0.4327 -0.0438 0.1235  -0.0651 135 ASN A CB  
454 C CG  . ASN A 71  ? 0.4070 0.5214 0.5202 -0.0493 0.1500  -0.0817 135 ASN A CG  
455 O OD1 . ASN A 71  ? 0.4625 0.5475 0.5437 -0.0446 0.1515  -0.0877 135 ASN A OD1 
456 N ND2 . ASN A 71  ? 0.4149 0.5739 0.5528 -0.0621 0.1727  -0.0918 135 ASN A ND2 
457 N N   . MET A 72  ? 0.2591 0.3347 0.4026 -0.0175 0.0733  -0.0391 136 MET A N   
458 C CA  . MET A 72  ? 0.2448 0.3072 0.3824 -0.0151 0.0566  -0.0261 136 MET A CA  
459 C C   . MET A 72  ? 0.2921 0.3389 0.4159 -0.0112 0.0483  -0.0248 136 MET A C   
460 O O   . MET A 72  ? 0.2474 0.2876 0.3530 -0.0119 0.0386  -0.0182 136 MET A O   
461 C CB  . MET A 72  ? 0.2485 0.3246 0.4158 -0.0038 0.0488  -0.0235 136 MET A CB  
462 C CG  . MET A 72  ? 0.1739 0.2768 0.3591 -0.0118 0.0495  -0.0252 136 MET A CG  
463 S SD  . MET A 72  ? 0.2403 0.3641 0.4564 0.0074  0.0341  -0.0241 136 MET A SD  
464 C CE  . MET A 72  ? 0.2252 0.3122 0.4122 0.0081  0.0207  -0.0101 136 MET A CE  
465 N N   . ILE A 73  ? 0.1978 0.2394 0.3297 -0.0069 0.0521  -0.0328 137 ILE A N   
466 C CA  . ILE A 73  ? 0.2189 0.2505 0.3400 -0.0125 0.0457  -0.0347 137 ILE A CA  
467 C C   . ILE A 73  ? 0.2498 0.2834 0.3447 -0.0221 0.0423  -0.0396 137 ILE A C   
468 O O   . ILE A 73  ? 0.2562 0.3020 0.3461 -0.0241 0.0295  -0.0367 137 ILE A O   
469 C CB  . ILE A 73  ? 0.2671 0.2748 0.3888 -0.0109 0.0524  -0.0429 137 ILE A CB  
470 C CG1 . ILE A 73  ? 0.2603 0.2584 0.3948 0.0006  0.0495  -0.0333 137 ILE A CG1 
471 C CG2 . ILE A 73  ? 0.3410 0.3390 0.4468 -0.0288 0.0495  -0.0502 137 ILE A CG2 
472 C CD1 . ILE A 73  ? 0.3437 0.2994 0.4656 0.0089  0.0555  -0.0379 137 ILE A CD1 
473 N N   . LYS A 74  ? 0.2999 0.3256 0.3769 -0.0257 0.0533  -0.0475 138 LYS A N   
474 C CA  . LYS A 74  ? 0.3475 0.3665 0.3864 -0.0346 0.0495  -0.0524 138 LYS A CA  
475 C C   . LYS A 74  ? 0.3894 0.4102 0.4068 -0.0306 0.0343  -0.0391 138 LYS A C   
476 O O   . LYS A 74  ? 0.3790 0.4029 0.3718 -0.0305 0.0186  -0.0404 138 LYS A O   
477 C CB  . LYS A 74  ? 0.5325 0.5400 0.5500 -0.0395 0.0698  -0.0620 138 LYS A CB  
478 C CG  . LYS A 74  ? 0.6717 0.6629 0.6395 -0.0499 0.0677  -0.0708 138 LYS A CG  
479 C CD  . LYS A 74  ? 0.7888 0.7689 0.7316 -0.0560 0.0939  -0.0809 138 LYS A CD  
480 C CE  . LYS A 74  ? 0.8249 0.8066 0.7568 -0.0620 0.1039  -0.0681 138 LYS A CE  
481 N NZ  . LYS A 74  ? 0.9257 0.8964 0.8180 -0.0761 0.1311  -0.0777 138 LYS A NZ  
482 N N   . GLU A 75  ? 0.3175 0.3336 0.3404 -0.0259 0.0372  -0.0276 139 GLU A N   
483 C CA  . GLU A 75  ? 0.3170 0.3162 0.3084 -0.0180 0.0246  -0.0146 139 GLU A CA  
484 C C   . GLU A 75  ? 0.3636 0.3838 0.3666 -0.0018 0.0029  -0.0121 139 GLU A C   
485 O O   . GLU A 75  ? 0.3459 0.3570 0.3159 0.0122  -0.0133 -0.0059 139 GLU A O   
486 C CB  . GLU A 75  ? 0.4239 0.4081 0.4182 -0.0206 0.0329  -0.0059 139 GLU A CB  
487 C CG  . GLU A 75  ? 0.6196 0.5609 0.5618 -0.0151 0.0252  0.0070  139 GLU A CG  
488 C CD  . GLU A 75  ? 0.8600 0.7624 0.7454 -0.0326 0.0383  0.0098  139 GLU A CD  
489 O OE1 . GLU A 75  ? 0.9238 0.8432 0.8173 -0.0483 0.0550  -0.0006 139 GLU A OE1 
490 O OE2 . GLU A 75  ? 1.0122 0.8606 0.8382 -0.0303 0.0340  0.0222  139 GLU A OE2 
491 N N   . VAL A 76  ? 0.2497 0.2985 0.2969 -0.0025 0.0034  -0.0171 140 VAL A N   
492 C CA  . VAL A 76  ? 0.2823 0.3646 0.3503 0.0086  -0.0109 -0.0176 140 VAL A CA  
493 C C   . VAL A 76  ? 0.2499 0.3665 0.3419 -0.0071 -0.0133 -0.0316 140 VAL A C   
494 O O   . VAL A 76  ? 0.2673 0.4248 0.3867 -0.0056 -0.0200 -0.0355 140 VAL A O   
495 C CB  . VAL A 76  ? 0.2485 0.3330 0.3393 0.0176  -0.0062 -0.0107 140 VAL A CB  
496 C CG1 . VAL A 76  ? 0.2810 0.3301 0.3406 0.0327  -0.0086 0.0006  140 VAL A CG1 
497 C CG2 . VAL A 76  ? 0.2850 0.3608 0.3966 0.0044  0.0085  -0.0123 140 VAL A CG2 
498 N N   . ASP A 77  ? 0.3014 0.4009 0.3809 -0.0242 -0.0055 -0.0411 141 ASP A N   
499 C CA  . ASP A 77  ? 0.3300 0.4431 0.4211 -0.0462 -0.0043 -0.0563 141 ASP A CA  
500 C C   . ASP A 77  ? 0.4015 0.5453 0.4778 -0.0521 -0.0241 -0.0670 141 ASP A C   
501 O O   . ASP A 77  ? 0.3871 0.5093 0.4288 -0.0612 -0.0250 -0.0757 141 ASP A O   
502 C CB  . ASP A 77  ? 0.2607 0.3297 0.3383 -0.0573 0.0142  -0.0637 141 ASP A CB  
503 C CG  . ASP A 77  ? 0.2837 0.3436 0.3574 -0.0834 0.0176  -0.0805 141 ASP A CG  
504 O OD1 . ASP A 77  ? 0.2794 0.3678 0.3738 -0.0987 0.0130  -0.0838 141 ASP A OD1 
505 O OD2 . ASP A 77  ? 0.3974 0.4186 0.4443 -0.0905 0.0279  -0.0920 141 ASP A OD2 
506 N N   . GLU A 78  ? 0.3010 0.5005 0.4037 -0.0448 -0.0409 -0.0680 142 GLU A N   
507 C CA  . GLU A 78  ? 0.3887 0.6338 0.4838 -0.0430 -0.0673 -0.0782 142 GLU A CA  
508 C C   . GLU A 78  ? 0.3489 0.6209 0.4511 -0.0802 -0.0712 -0.1010 142 GLU A C   
509 O O   . GLU A 78  ? 0.3353 0.6396 0.4218 -0.0825 -0.0954 -0.1120 142 GLU A O   
510 C CB  . GLU A 78  ? 0.3857 0.6917 0.5123 -0.0145 -0.0852 -0.0736 142 GLU A CB  
511 C CG  . GLU A 78  ? 0.3530 0.6155 0.4564 0.0207  -0.0826 -0.0528 142 GLU A CG  
512 C CD  . GLU A 78  ? 0.4481 0.7500 0.5553 0.0614  -0.1070 -0.0486 142 GLU A CD  
513 O OE1 . GLU A 78  ? 0.4696 0.8556 0.6220 0.0643  -0.1215 -0.0627 142 GLU A OE1 
514 O OE2 . GLU A 78  ? 0.5000 0.7476 0.5631 0.0906  -0.1108 -0.0322 142 GLU A OE2 
515 N N   . ASP A 79  ? 0.2981 0.5508 0.4158 -0.1100 -0.0493 -0.1086 143 ASP A N   
516 C CA  . ASP A 79  ? 0.3348 0.5980 0.4490 -0.1525 -0.0504 -0.1319 143 ASP A CA  
517 C C   . ASP A 79  ? 0.4399 0.6163 0.5101 -0.1699 -0.0293 -0.1381 143 ASP A C   
518 O O   . ASP A 79  ? 0.4877 0.6436 0.5459 -0.2075 -0.0217 -0.1561 143 ASP A O   
519 C CB  . ASP A 79  ? 0.3250 0.6429 0.4869 -0.1818 -0.0439 -0.1416 143 ASP A CB  
520 C CG  . ASP A 79  ? 0.3709 0.6450 0.5417 -0.1815 -0.0157 -0.1272 143 ASP A CG  
521 O OD1 . ASP A 79  ? 0.3414 0.5420 0.4838 -0.1636 -0.0024 -0.1139 143 ASP A OD1 
522 O OD2 . ASP A 79  ? 0.4458 0.7606 0.6493 -0.1979 -0.0069 -0.1293 143 ASP A OD2 
523 N N   . PHE A 80  ? 0.3635 0.4892 0.4095 -0.1423 -0.0187 -0.1245 144 PHE A N   
524 C CA  . PHE A 80  ? 0.4847 0.5412 0.4876 -0.1473 -0.0018 -0.1334 144 PHE A CA  
525 C C   . PHE A 80  ? 0.5190 0.5210 0.5140 -0.1697 0.0186  -0.1433 144 PHE A C   
526 O O   . PHE A 80  ? 0.5268 0.4779 0.4807 -0.1862 0.0270  -0.1615 144 PHE A O   
527 C CB  . PHE A 80  ? 0.5097 0.5695 0.4697 -0.1586 -0.0172 -0.1496 144 PHE A CB  
528 C CG  . PHE A 80  ? 0.5690 0.6627 0.5187 -0.1330 -0.0378 -0.1367 144 PHE A CG  
529 C CD1 . PHE A 80  ? 0.6390 0.6948 0.5569 -0.1114 -0.0257 -0.1247 144 PHE A CD1 
530 C CD2 . PHE A 80  ? 0.5215 0.6839 0.4917 -0.1292 -0.0682 -0.1364 144 PHE A CD2 
531 C CE1 . PHE A 80  ? 0.6557 0.7230 0.5487 -0.0905 -0.0426 -0.1103 144 PHE A CE1 
532 C CE2 . PHE A 80  ? 0.5355 0.7130 0.4840 -0.0990 -0.0890 -0.1223 144 PHE A CE2 
533 C CZ  . PHE A 80  ? 0.5908 0.7115 0.4940 -0.0813 -0.0757 -0.1080 144 PHE A CZ  
534 N N   . ASP A 81  ? 0.4488 0.4513 0.4730 -0.1693 0.0273  -0.1315 145 ASP A N   
535 C CA  . ASP A 81  ? 0.5154 0.4479 0.5185 -0.1849 0.0470  -0.1356 145 ASP A CA  
536 C C   . ASP A 81  ? 0.4891 0.3765 0.4917 -0.1479 0.0606  -0.1187 145 ASP A C   
537 O O   . ASP A 81  ? 0.4965 0.3225 0.4796 -0.1494 0.0738  -0.1158 145 ASP A O   
538 C CB  . ASP A 81  ? 0.5507 0.5038 0.5714 -0.2207 0.0493  -0.1374 145 ASP A CB  
539 C CG  . ASP A 81  ? 0.4837 0.4899 0.5489 -0.2026 0.0472  -0.1176 145 ASP A CG  
540 O OD1 . ASP A 81  ? 0.4563 0.4856 0.5385 -0.1649 0.0396  -0.1034 145 ASP A OD1 
541 O OD2 . ASP A 81  ? 0.4883 0.5095 0.5666 -0.2300 0.0556  -0.1179 145 ASP A OD2 
542 N N   . SER A 82  ? 0.4164 0.3344 0.4370 -0.1162 0.0560  -0.1079 146 SER A N   
543 C CA  . SER A 82  ? 0.3931 0.2883 0.4209 -0.0823 0.0658  -0.0964 146 SER A CA  
544 C C   . SER A 82  ? 0.4020 0.2929 0.4484 -0.0737 0.0662  -0.0793 146 SER A C   
545 O O   . SER A 82  ? 0.4210 0.2828 0.4667 -0.0484 0.0718  -0.0721 146 SER A O   
546 C CB  . SER A 82  ? 0.4462 0.2769 0.4406 -0.0717 0.0814  -0.1103 146 SER A CB  
547 O OG  . SER A 82  ? 0.5063 0.3434 0.4813 -0.0739 0.0845  -0.1254 146 SER A OG  
548 N N   . LYS A 83  ? 0.4042 0.3273 0.4656 -0.0935 0.0600  -0.0743 147 LYS A N   
549 C CA  . LYS A 83  ? 0.3854 0.3073 0.4586 -0.0869 0.0619  -0.0582 147 LYS A CA  
550 C C   . LYS A 83  ? 0.3757 0.3665 0.4808 -0.0910 0.0525  -0.0532 147 LYS A C   
551 O O   . LYS A 83  ? 0.3593 0.3944 0.4755 -0.1002 0.0430  -0.0625 147 LYS A O   
552 C CB  . LYS A 83  ? 0.3941 0.2570 0.4359 -0.1103 0.0743  -0.0592 147 LYS A CB  
553 C CG  . LYS A 83  ? 0.4548 0.3286 0.4893 -0.1568 0.0781  -0.0758 147 LYS A CG  
554 C CD  . LYS A 83  ? 0.5158 0.3153 0.5075 -0.1874 0.0951  -0.0759 147 LYS A CD  
555 C CE  . LYS A 83  ? 0.5683 0.3926 0.5572 -0.2382 0.0981  -0.0942 147 LYS A CE  
556 N NZ  . LYS A 83  ? 0.7512 0.5134 0.6936 -0.2602 0.1127  -0.0887 147 LYS A NZ  
557 N N   . LEU A 84  ? 0.2955 0.2931 0.4111 -0.0800 0.0540  -0.0393 148 LEU A N   
558 C CA  . LEU A 84  ? 0.2219 0.2782 0.3643 -0.0740 0.0468  -0.0352 148 LEU A CA  
559 C C   . LEU A 84  ? 0.2336 0.3144 0.3858 -0.0970 0.0564  -0.0377 148 LEU A C   
560 O O   . LEU A 84  ? 0.3161 0.3589 0.4496 -0.1043 0.0689  -0.0297 148 LEU A O   
561 C CB  . LEU A 84  ? 0.2372 0.2870 0.3814 -0.0464 0.0432  -0.0211 148 LEU A CB  
562 C CG  . LEU A 84  ? 0.3190 0.3549 0.4597 -0.0270 0.0377  -0.0183 148 LEU A CG  
563 C CD1 . LEU A 84  ? 0.2803 0.3140 0.4230 -0.0103 0.0342  -0.0071 148 LEU A CD1 
564 C CD2 . LEU A 84  ? 0.3229 0.3837 0.4647 -0.0252 0.0298  -0.0238 148 LEU A CD2 
565 N N   . SER A 85  ? 0.2436 0.3916 0.4239 -0.1073 0.0502  -0.0489 149 SER A N   
571 N N   . PHE A 86  ? 0.3385 0.4468 0.3726 -0.0432 0.0384  -0.0100 150 PHE A N   
572 C CA  . PHE A 86  ? 0.3013 0.4196 0.3471 -0.0216 0.0465  0.0048  150 PHE A CA  
573 C C   . PHE A 86  ? 0.2580 0.4114 0.3141 -0.0066 0.0449  0.0155  150 PHE A C   
574 O O   . PHE A 86  ? 0.2365 0.3771 0.2935 0.0135  0.0525  0.0202  150 PHE A O   
575 C CB  . PHE A 86  ? 0.3699 0.5029 0.4288 -0.0282 0.0549  0.0154  150 PHE A CB  
576 C CG  . PHE A 86  ? 0.3744 0.5088 0.4352 -0.0076 0.0710  0.0230  150 PHE A CG  
577 C CD1 . PHE A 86  ? 0.3653 0.4602 0.4031 0.0058  0.0719  0.0177  150 PHE A CD1 
578 C CD2 . PHE A 86  ? 0.4130 0.5870 0.5024 -0.0029 0.0873  0.0336  150 PHE A CD2 
579 C CE1 . PHE A 86  ? 0.3191 0.4030 0.3479 0.0198  0.0873  0.0183  150 PHE A CE1 
580 C CE2 . PHE A 86  ? 0.3878 0.5516 0.4744 0.0170  0.1101  0.0338  150 PHE A CE2 
581 C CZ  . PHE A 86  ? 0.3389 0.4519 0.3875 0.0264  0.1096  0.0237  150 PHE A CZ  
582 N N   . ARG A 87  ? 0.2577 0.4518 0.3204 -0.0193 0.0316  0.0215  151 ARG A N   
583 C CA  . ARG A 87  ? 0.2525 0.4804 0.3251 -0.0065 0.0239  0.0401  151 ARG A CA  
584 C C   . ARG A 87  ? 0.2661 0.4629 0.3078 0.0026  0.0284  0.0349  151 ARG A C   
585 O O   . ARG A 87  ? 0.2896 0.4887 0.3425 0.0225  0.0324  0.0514  151 ARG A O   
586 C CB  . ARG A 87  ? 0.3015 0.5800 0.3781 -0.0291 -0.0012 0.0509  151 ARG A CB  
587 C CG  . ARG A 87  ? 0.4073 0.7192 0.4906 -0.0165 -0.0154 0.0786  151 ARG A CG  
588 C CD  . ARG A 87  ? 0.5021 0.8638 0.5753 -0.0449 -0.0504 0.0930  151 ARG A CD  
589 N NE  . ARG A 87  ? 0.6244 1.0097 0.6963 -0.0313 -0.0655 0.1261  151 ARG A NE  
590 C CZ  . ARG A 87  ? 0.7018 1.0612 0.7070 -0.0404 -0.0685 0.1235  151 ARG A CZ  
591 N NH1 . ARG A 87  ? 0.7384 1.0503 0.6792 -0.0604 -0.0538 0.0852  151 ARG A NH1 
592 N NH2 . ARG A 87  ? 0.7604 1.1402 0.7658 -0.0289 -0.0830 0.1614  151 ARG A NH2 
593 N N   . GLU A 88  ? 0.2832 0.4490 0.2915 -0.0120 0.0316  0.0124  152 GLU A N   
594 C CA  . GLU A 88  ? 0.2665 0.4083 0.2515 -0.0059 0.0430  0.0065  152 GLU A CA  
595 C C   . GLU A 88  ? 0.2806 0.3938 0.2897 0.0146  0.0561  0.0075  152 GLU A C   
596 O O   . GLU A 88  ? 0.2816 0.3881 0.2910 0.0239  0.0642  0.0149  152 GLU A O   
597 C CB  . GLU A 88  ? 0.3345 0.4503 0.2832 -0.0252 0.0514  -0.0217 152 GLU A CB  
598 C CG  . GLU A 88  ? 0.3498 0.4866 0.2530 -0.0542 0.0357  -0.0269 152 GLU A CG  
599 C CD  . GLU A 88  ? 0.3991 0.4946 0.2656 -0.0769 0.0476  -0.0648 152 GLU A CD  
600 O OE1 . GLU A 88  ? 0.4416 0.4994 0.3359 -0.0670 0.0634  -0.0799 152 GLU A OE1 
601 O OE2 . GLU A 88  ? 0.4361 0.5322 0.2446 -0.1055 0.0404  -0.0792 152 GLU A OE2 
602 N N   . PHE A 89  ? 0.2569 0.3536 0.2824 0.0168  0.0556  0.0026  153 PHE A N   
603 C CA  . PHE A 89  ? 0.2763 0.3473 0.3160 0.0291  0.0590  0.0049  153 PHE A CA  
604 C C   . PHE A 89  ? 0.3062 0.3847 0.3529 0.0427  0.0616  0.0192  153 PHE A C   
605 O O   . PHE A 89  ? 0.2665 0.3269 0.3190 0.0497  0.0650  0.0224  153 PHE A O   
606 C CB  . PHE A 89  ? 0.2872 0.3406 0.3268 0.0233  0.0544  0.0018  153 PHE A CB  
607 C CG  . PHE A 89  ? 0.2546 0.2783 0.2971 0.0275  0.0492  0.0037  153 PHE A CG  
608 C CD1 . PHE A 89  ? 0.2461 0.2558 0.3096 0.0292  0.0454  0.0018  153 PHE A CD1 
609 C CD2 . PHE A 89  ? 0.2858 0.2972 0.3106 0.0270  0.0484  0.0073  153 PHE A CD2 
610 C CE1 . PHE A 89  ? 0.2883 0.2786 0.3611 0.0284  0.0311  0.0086  153 PHE A CE1 
611 C CE2 . PHE A 89  ? 0.3221 0.3043 0.3367 0.0229  0.0363  0.0088  153 PHE A CE2 
612 C CZ  . PHE A 89  ? 0.3085 0.2835 0.3501 0.0224  0.0230  0.0119  153 PHE A CZ  
613 N N   . LEU A 90  ? 0.2539 0.3588 0.3082 0.0461  0.0615  0.0284  154 LEU A N   
614 C CA  . LEU A 90  ? 0.2339 0.3442 0.3062 0.0642  0.0686  0.0433  154 LEU A CA  
615 C C   . LEU A 90  ? 0.2476 0.3625 0.3218 0.0705  0.0657  0.0593  154 LEU A C   
616 O O   . LEU A 90  ? 0.2816 0.3740 0.3668 0.0839  0.0732  0.0681  154 LEU A O   
617 C CB  . LEU A 90  ? 0.1940 0.3444 0.2937 0.0692  0.0710  0.0547  154 LEU A CB  
618 C CG  . LEU A 90  ? 0.2632 0.4096 0.3617 0.0631  0.0826  0.0434  154 LEU A CG  
619 C CD1 . LEU A 90  ? 0.2623 0.4636 0.4059 0.0672  0.0877  0.0590  154 LEU A CD1 
620 C CD2 . LEU A 90  ? 0.3057 0.4067 0.3863 0.0725  0.1011  0.0321  154 LEU A CD2 
621 N N   . LEU A 91  ? 0.2199 0.3567 0.2761 0.0574  0.0563  0.0625  155 LEU A N   
622 C CA  . LEU A 91  ? 0.2715 0.4131 0.3147 0.0578  0.0549  0.0810  155 LEU A CA  
623 C C   . LEU A 91  ? 0.3360 0.4408 0.3787 0.0601  0.0692  0.0757  155 LEU A C   
624 O O   . LEU A 91  ? 0.2786 0.3768 0.3222 0.0643  0.0733  0.0960  155 LEU A O   
625 C CB  . LEU A 91  ? 0.4141 0.5765 0.4168 0.0360  0.0464  0.0765  155 LEU A CB  
626 C CG  . LEU A 91  ? 0.6082 0.7988 0.5860 0.0292  0.0319  0.1058  155 LEU A CG  
627 C CD1 . LEU A 91  ? 0.5396 0.7212 0.4539 0.0052  0.0399  0.0906  155 LEU A CD1 
628 C CD2 . LEU A 91  ? 0.6589 0.8423 0.6608 0.0492  0.0341  0.1399  155 LEU A CD2 
629 N N   . ILE A 92  ? 0.2822 0.3658 0.3292 0.0552  0.0743  0.0528  156 ILE A N   
630 C CA  . ILE A 92  ? 0.2158 0.2742 0.2784 0.0547  0.0829  0.0506  156 ILE A CA  
631 C C   . ILE A 92  ? 0.2232 0.2570 0.3011 0.0644  0.0822  0.0616  156 ILE A C   
632 O O   . ILE A 92  ? 0.2393 0.2587 0.3276 0.0636  0.0883  0.0742  156 ILE A O   
633 C CB  . ILE A 92  ? 0.1804 0.2250 0.2570 0.0496  0.0798  0.0318  156 ILE A CB  
634 C CG1 . ILE A 92  ? 0.2131 0.2686 0.2818 0.0427  0.0866  0.0176  156 ILE A CG1 
635 C CG2 . ILE A 92  ? 0.2760 0.3049 0.3835 0.0465  0.0816  0.0347  156 ILE A CG2 
636 C CD1 . ILE A 92  ? 0.2299 0.2704 0.3215 0.0415  0.0806  0.0053  156 ILE A CD1 
637 N N   . PHE A 93  ? 0.2557 0.2796 0.3331 0.0715  0.0789  0.0543  157 PHE A N   
638 C CA  . PHE A 93  ? 0.2911 0.2795 0.3753 0.0804  0.0847  0.0552  157 PHE A CA  
639 C C   . PHE A 93  ? 0.3261 0.3187 0.4276 0.0972  0.0915  0.0805  157 PHE A C   
640 O O   . PHE A 93  ? 0.3391 0.2931 0.4515 0.1024  0.0988  0.0867  157 PHE A O   
641 C CB  . PHE A 93  ? 0.3115 0.2852 0.3812 0.0820  0.0877  0.0367  157 PHE A CB  
642 C CG  . PHE A 93  ? 0.3379 0.2971 0.3880 0.0640  0.0753  0.0199  157 PHE A CG  
643 C CD1 . PHE A 93  ? 0.3309 0.3152 0.3773 0.0570  0.0673  0.0172  157 PHE A CD1 
644 C CD2 . PHE A 93  ? 0.4307 0.3489 0.4687 0.0518  0.0677  0.0098  157 PHE A CD2 
645 C CE1 . PHE A 93  ? 0.3460 0.3163 0.3837 0.0434  0.0525  0.0099  157 PHE A CE1 
646 C CE2 . PHE A 93  ? 0.4553 0.3663 0.4806 0.0340  0.0478  0.0027  157 PHE A CE2 
647 C CZ  . PHE A 93  ? 0.4612 0.3991 0.4900 0.0325  0.0404  0.0056  157 PHE A CZ  
648 N N   . ARG A 94  ? 0.2868 0.3238 0.3927 0.1031  0.0856  0.0977  158 ARG A N   
649 C CA  . ARG A 94  ? 0.2856 0.3349 0.4123 0.1181  0.0835  0.1326  158 ARG A CA  
650 C C   . ARG A 94  ? 0.3198 0.3525 0.4344 0.1086  0.0842  0.1511  158 ARG A C   
651 O O   . ARG A 94  ? 0.3344 0.3400 0.4682 0.1197  0.0889  0.1754  158 ARG A O   
652 C CB  . ARG A 94  ? 0.2949 0.4038 0.4246 0.1175  0.0667  0.1508  158 ARG A CB  
653 C CG  . ARG A 94  ? 0.3101 0.4390 0.4454 0.1226  0.0530  0.1948  158 ARG A CG  
654 C CD  . ARG A 94  ? 0.3634 0.5549 0.5158 0.1233  0.0292  0.2181  158 ARG A CD  
655 N NE  . ARG A 94  ? 0.3736 0.5750 0.5856 0.1443  0.0372  0.2177  158 ARG A NE  
656 C CZ  . ARG A 94  ? 0.4381 0.6921 0.6818 0.1421  0.0208  0.2312  158 ARG A CZ  
657 N NH1 . ARG A 94  ? 0.4652 0.7723 0.6881 0.1214  -0.0118 0.2503  158 ARG A NH1 
658 N NH2 . ARG A 94  ? 0.3211 0.5724 0.6125 0.1566  0.0367  0.2241  158 ARG A NH2 
659 N N   . LYS A 95  ? 0.3039 0.3493 0.3900 0.0882  0.0839  0.1399  159 LYS A N   
660 C CA  . LYS A 95  ? 0.3754 0.4120 0.4496 0.0765  0.0924  0.1575  159 LYS A CA  
661 C C   . LYS A 95  ? 0.3078 0.2981 0.4086 0.0741  0.1027  0.1528  159 LYS A C   
662 O O   . LYS A 95  ? 0.4095 0.3798 0.5173 0.0708  0.1097  0.1785  159 LYS A O   
663 C CB  . LYS A 95  ? 0.3599 0.4196 0.4030 0.0575  0.0997  0.1406  159 LYS A CB  
664 C CG  . LYS A 95  ? 0.4189 0.5140 0.4164 0.0487  0.0905  0.1508  159 LYS A CG  
665 C CD  . LYS A 95  ? 0.5263 0.6290 0.4879 0.0301  0.1073  0.1249  159 LYS A CD  
666 C CE  . LYS A 95  ? 0.6433 0.7723 0.5487 0.0149  0.0944  0.1216  159 LYS A CE  
667 N NZ  . LYS A 95  ? 0.7544 0.8941 0.6021 -0.0004 0.0933  0.1516  159 LYS A NZ  
668 N N   . ALA A 96  ? 0.2857 0.2573 0.3976 0.0722  0.1005  0.1223  160 ALA A N   
669 C CA  . ALA A 96  ? 0.3336 0.2613 0.4648 0.0626  0.1026  0.1135  160 ALA A CA  
670 C C   . ALA A 96  ? 0.3947 0.2759 0.5362 0.0759  0.1078  0.1263  160 ALA A C   
671 O O   . ALA A 96  ? 0.4067 0.2478 0.5636 0.0659  0.1128  0.1355  160 ALA A O   
672 C CB  . ALA A 96  ? 0.3739 0.2922 0.5009 0.0550  0.0920  0.0812  160 ALA A CB  
673 N N   . ALA A 97  ? 0.4240 0.3103 0.5651 0.0984  0.1091  0.1276  161 ALA A N   
678 N N   . ALA A 98  ? 0.3828 0.3178 0.4038 0.1213  0.0740  0.0638  162 ALA A N   
679 C CA  . ALA A 98  ? 0.3935 0.3288 0.4164 0.1267  0.0713  0.0934  162 ALA A CA  
680 C C   . ALA A 98  ? 0.4290 0.3248 0.4333 0.1008  0.0708  0.0910  162 ALA A C   
681 O O   . ALA A 98  ? 0.4467 0.3380 0.4480 0.1025  0.0706  0.1204  162 ALA A O   
682 C CB  . ALA A 98  ? 0.5090 0.5175 0.5527 0.1214  0.0539  0.1118  162 ALA A CB  
683 N N   . GLY A 99  ? 0.4397 0.3148 0.4354 0.0765  0.0703  0.0621  163 GLY A N   
684 C CA  . GLY A 99  ? 0.4760 0.3220 0.4650 0.0495  0.0709  0.0645  163 GLY A CA  
685 C C   . GLY A 99  ? 0.5084 0.4158 0.4979 0.0318  0.0664  0.0726  163 GLY A C   
686 O O   . GLY A 99  ? 0.4675 0.3774 0.4537 0.0168  0.0710  0.0934  163 GLY A O   
687 N N   . GLU A 100 ? 0.3746 0.3321 0.3682 0.0348  0.0567  0.0569  164 GLU A N   
688 C CA  . GLU A 100 ? 0.4555 0.4661 0.4398 0.0272  0.0491  0.0563  164 GLU A CA  
689 C C   . GLU A 100 ? 0.3501 0.3799 0.3368 0.0111  0.0471  0.0264  164 GLU A C   
690 O O   . GLU A 100 ? 0.3905 0.4601 0.3635 0.0108  0.0436  0.0201  164 GLU A O   
691 C CB  . GLU A 100 ? 0.4895 0.5393 0.4761 0.0416  0.0315  0.0605  164 GLU A CB  
692 C CG  . GLU A 100 ? 0.5895 0.6465 0.5701 0.0578  0.0315  0.0982  164 GLU A CG  
693 C CD  . GLU A 100 ? 0.6619 0.7636 0.6536 0.0683  0.0087  0.1049  164 GLU A CD  
694 O OE1 . GLU A 100 ? 0.6230 0.7446 0.6261 0.0591  -0.0092 0.0793  164 GLU A OE1 
695 O OE2 . GLU A 100 ? 0.7408 0.8571 0.7349 0.0843  0.0054  0.1388  164 GLU A OE2 
696 N N   . LEU A 101 ? 0.3763 0.3804 0.3770 0.0018  0.0488  0.0075  165 LEU A N   
697 C CA  . LEU A 101 ? 0.3550 0.3812 0.3648 -0.0104 0.0459  -0.0167 165 LEU A CA  
698 C C   . LEU A 101 ? 0.3923 0.4225 0.4056 -0.0282 0.0587  -0.0074 165 LEU A C   
699 O O   . LEU A 101 ? 0.3905 0.3829 0.4073 -0.0399 0.0646  0.0091  165 LEU A O   
700 C CB  . LEU A 101 ? 0.3596 0.3689 0.3850 -0.0129 0.0385  -0.0360 165 LEU A CB  
701 C CG  . LEU A 101 ? 0.3633 0.3815 0.3983 0.0004  0.0266  -0.0369 165 LEU A CG  
702 C CD1 . LEU A 101 ? 0.3117 0.3248 0.3608 -0.0031 0.0223  -0.0488 165 LEU A CD1 
703 C CD2 . LEU A 101 ? 0.3107 0.3617 0.3496 0.0037  0.0101  -0.0436 165 LEU A CD2 
704 N N   . GLN A 102 ? 0.3464 0.4236 0.3623 -0.0291 0.0618  -0.0167 166 GLN A N   
705 C CA  . GLN A 102 ? 0.3688 0.4722 0.3991 -0.0457 0.0760  -0.0016 166 GLN A CA  
706 C C   . GLN A 102 ? 0.3246 0.4048 0.3834 -0.0665 0.0700  -0.0117 166 GLN A C   
707 O O   . GLN A 102 ? 0.3406 0.4144 0.4061 -0.0615 0.0582  -0.0375 166 GLN A O   
708 C CB  . GLN A 102 ? 0.3522 0.5216 0.3763 -0.0312 0.0839  -0.0122 166 GLN A CB  
709 C CG  . GLN A 102 ? 0.5459 0.7627 0.5971 -0.0464 0.1018  0.0082  166 GLN A CG  
710 C CD  . GLN A 102 ? 0.7007 0.9927 0.7377 -0.0216 0.1172  0.0013  166 GLN A CD  
711 O OE1 . GLN A 102 ? 0.7693 1.0733 0.7640 0.0046  0.1148  -0.0132 166 GLN A OE1 
712 N NE2 . GLN A 102 ? 0.7306 1.0777 0.8024 -0.0272 0.1319  0.0106  166 GLN A NE2 
713 N N   . GLU A 103 ? 0.3673 0.4345 0.4441 -0.0920 0.0746  0.0122  167 GLU A N   
714 C CA  . GLU A 103 ? 0.4284 0.4749 0.5316 -0.1176 0.0630  0.0039  167 GLU A CA  
715 C C   . GLU A 103 ? 0.3870 0.4872 0.5130 -0.1149 0.0599  -0.0156 167 GLU A C   
716 O O   . GLU A 103 ? 0.2979 0.4649 0.4401 -0.1085 0.0735  -0.0064 167 GLU A O   
717 C CB  . GLU A 103 ? 0.4381 0.4808 0.5696 -0.1512 0.0656  0.0392  167 GLU A CB  
718 C CG  . GLU A 103 ? 0.5588 0.5802 0.7209 -0.1844 0.0454  0.0308  167 GLU A CG  
719 C CD  . GLU A 103 ? 0.7398 0.7823 0.9492 -0.2245 0.0452  0.0724  167 GLU A CD  
720 O OE1 . GLU A 103 ? 0.7800 0.9122 1.0194 -0.2258 0.0647  0.1002  167 GLU A OE1 
721 O OE2 . GLU A 103 ? 0.8152 0.7851 1.0332 -0.2540 0.0247  0.0780  167 GLU A OE2 
722 N N   . ASP A 104 ? 0.2574 0.3311 0.3833 -0.1158 0.0428  -0.0402 168 ASP A N   
723 C CA  . ASP A 104 ? 0.2959 0.4118 0.4478 -0.1138 0.0350  -0.0549 168 ASP A CA  
724 C C   . ASP A 104 ? 0.2623 0.4178 0.4131 -0.0828 0.0416  -0.0678 168 ASP A C   
725 O O   . ASP A 104 ? 0.2635 0.4621 0.4424 -0.0754 0.0396  -0.0752 168 ASP A O   
726 C CB  . ASP A 104 ? 0.2873 0.4469 0.4834 -0.1414 0.0339  -0.0376 168 ASP A CB  
727 C CG  . ASP A 104 ? 0.2986 0.4073 0.4985 -0.1767 0.0135  -0.0352 168 ASP A CG  
728 O OD1 . ASP A 104 ? 0.4092 0.4638 0.5781 -0.1728 -0.0026 -0.0586 168 ASP A OD1 
729 O OD2 . ASP A 104 ? 0.3545 0.4796 0.5885 -0.2079 0.0121  -0.0096 168 ASP A OD2 
730 N N   . SER A 105 ? 0.2864 0.4244 0.4067 -0.0635 0.0455  -0.0718 169 SER A N   
731 C CA  . SER A 105 ? 0.2345 0.3914 0.3489 -0.0362 0.0416  -0.0913 169 SER A CA  
732 C C   . SER A 105 ? 0.2776 0.4101 0.4039 -0.0328 0.0217  -0.1059 169 SER A C   
733 O O   . SER A 105 ? 0.2346 0.3383 0.3581 -0.0457 0.0155  -0.1003 169 SER A O   
734 C CB  . SER A 105 ? 0.3217 0.4654 0.4013 -0.0229 0.0433  -0.0895 169 SER A CB  
735 O OG  . SER A 105 ? 0.2978 0.3969 0.3678 -0.0277 0.0341  -0.0839 169 SER A OG  
736 N N   . GLY A 106 ? 0.2578 0.3987 0.3943 -0.0135 0.0108  -0.1236 170 GLY A N   
737 C CA  . GLY A 106 ? 0.1995 0.3185 0.3537 -0.0123 -0.0097 -0.1275 170 GLY A CA  
738 C C   . GLY A 106 ? 0.2673 0.3559 0.4078 -0.0198 -0.0157 -0.1149 170 GLY A C   
739 O O   . GLY A 106 ? 0.2394 0.3208 0.3882 -0.0268 -0.0219 -0.1054 170 GLY A O   
740 N N   . LEU A 107 ? 0.2091 0.2878 0.3281 -0.0152 -0.0133 -0.1120 171 LEU A N   
741 C CA  . LEU A 107 ? 0.2315 0.2936 0.3446 -0.0172 -0.0161 -0.0957 171 LEU A CA  
742 C C   . LEU A 107 ? 0.2781 0.3251 0.3742 -0.0240 -0.0012 -0.0855 171 LEU A C   
743 O O   . LEU A 107 ? 0.2353 0.2753 0.3293 -0.0211 -0.0017 -0.0760 171 LEU A O   
744 C CB  . LEU A 107 ? 0.2245 0.2866 0.3220 -0.0099 -0.0187 -0.0918 171 LEU A CB  
745 C CG  . LEU A 107 ? 0.2504 0.3151 0.3608 -0.0041 -0.0443 -0.1058 171 LEU A CG  
746 C CD1 . LEU A 107 ? 0.3127 0.3820 0.4052 0.0000  -0.0527 -0.1002 171 LEU A CD1 
747 C CD2 . LEU A 107 ? 0.2266 0.2848 0.3761 -0.0106 -0.0641 -0.0968 171 LEU A CD2 
748 N N   . CYS A 108 ? 0.2655 0.3077 0.3489 -0.0322 0.0110  -0.0869 172 CYS A N   
749 C CA  . CYS A 108 ? 0.2234 0.2352 0.2899 -0.0413 0.0180  -0.0833 172 CYS A CA  
750 C C   . CYS A 108 ? 0.2810 0.2939 0.3528 -0.0482 0.0081  -0.0921 172 CYS A C   
751 O O   . CYS A 108 ? 0.2966 0.2857 0.3459 -0.0442 0.0078  -0.0945 172 CYS A O   
752 C CB  . CYS A 108 ? 0.2163 0.2250 0.2826 -0.0568 0.0268  -0.0774 172 CYS A CB  
753 S SG  . CYS A 108 ? 0.3997 0.3536 0.4515 -0.0760 0.0240  -0.0785 172 CYS A SG  
754 N N   . VAL A 109 ? 0.2688 0.3127 0.3673 -0.0545 0.0001  -0.0973 173 VAL A N   
755 C CA  . VAL A 109 ? 0.2466 0.3014 0.3536 -0.0610 -0.0128 -0.1010 173 VAL A CA  
756 C C   . VAL A 109 ? 0.3303 0.3879 0.4337 -0.0478 -0.0189 -0.0930 173 VAL A C   
757 O O   . VAL A 109 ? 0.3731 0.4282 0.4566 -0.0483 -0.0233 -0.0929 173 VAL A O   
758 C CB  . VAL A 109 ? 0.3140 0.4085 0.4595 -0.0642 -0.0197 -0.1028 173 VAL A CB  
759 C CG1 . VAL A 109 ? 0.3127 0.4185 0.4621 -0.0671 -0.0346 -0.0963 173 VAL A CG1 
760 C CG2 . VAL A 109 ? 0.3251 0.4347 0.4814 -0.0788 -0.0108 -0.1017 173 VAL A CG2 
761 N N   . LEU A 110 ? 0.2732 0.3390 0.3951 -0.0369 -0.0209 -0.0849 174 LEU A N   
762 C CA  . LEU A 110 ? 0.2364 0.3129 0.3681 -0.0289 -0.0272 -0.0663 174 LEU A CA  
763 C C   . LEU A 110 ? 0.2365 0.3043 0.3330 -0.0197 -0.0133 -0.0592 174 LEU A C   
764 O O   . LEU A 110 ? 0.3086 0.3921 0.3934 -0.0135 -0.0128 -0.0483 174 LEU A O   
765 C CB  . LEU A 110 ? 0.2440 0.3232 0.4049 -0.0248 -0.0370 -0.0587 174 LEU A CB  
766 C CG  . LEU A 110 ? 0.2873 0.3827 0.4814 -0.0244 -0.0508 -0.0310 174 LEU A CG  
767 C CD1 . LEU A 110 ? 0.2832 0.3658 0.5040 -0.0261 -0.0697 -0.0337 174 LEU A CD1 
768 C CD2 . LEU A 110 ? 0.3330 0.4470 0.5150 -0.0170 -0.0373 -0.0057 174 LEU A CD2 
769 N N   . ALA A 111 ? 0.2582 0.3038 0.3359 -0.0142 -0.0009 -0.0639 175 ALA A N   
770 C CA  . ALA A 111 ? 0.2681 0.3021 0.3149 0.0034  0.0139  -0.0581 175 ALA A CA  
771 C C   . ALA A 111 ? 0.3423 0.3508 0.3466 0.0047  0.0162  -0.0775 175 ALA A C   
772 O O   . ALA A 111 ? 0.3714 0.3855 0.3465 0.0244  0.0244  -0.0754 175 ALA A O   
773 C CB  . ALA A 111 ? 0.3850 0.3975 0.4252 0.0106  0.0239  -0.0562 175 ALA A CB  
774 N N   . ARG A 112 ? 0.3950 0.3796 0.3958 -0.0158 0.0074  -0.0962 176 ARG A N   
775 C CA  . ARG A 112 ? 0.4759 0.4316 0.4399 -0.0223 -0.0008 -0.1181 176 ARG A CA  
776 C C   . ARG A 112 ? 0.4293 0.4198 0.3823 -0.0184 -0.0106 -0.1163 176 ARG A C   
777 O O   . ARG A 112 ? 0.5104 0.4892 0.4143 -0.0021 -0.0091 -0.1285 176 ARG A O   
778 C CB  . ARG A 112 ? 0.5138 0.4542 0.4952 -0.0530 -0.0132 -0.1285 176 ARG A CB  
779 C CG  . ARG A 112 ? 0.5929 0.4890 0.5720 -0.0599 -0.0057 -0.1288 176 ARG A CG  
780 C CD  . ARG A 112 ? 0.5591 0.4449 0.5572 -0.0946 -0.0201 -0.1332 176 ARG A CD  
781 N NE  . ARG A 112 ? 0.6356 0.4895 0.6038 -0.1029 -0.0431 -0.1498 176 ARG A NE  
782 C CZ  . ARG A 112 ? 0.5601 0.4249 0.5500 -0.1289 -0.0657 -0.1446 176 ARG A CZ  
783 N NH1 . ARG A 112 ? 0.5223 0.4346 0.5645 -0.1471 -0.0621 -0.1230 176 ARG A NH1 
784 N NH2 . ARG A 112 ? 0.6730 0.5078 0.6363 -0.1329 -0.0923 -0.1626 176 ARG A NH2 
785 N N   . LEU A 113 ? 0.3360 0.3692 0.3318 -0.0294 -0.0209 -0.1010 177 LEU A N   
786 C CA  . LEU A 113 ? 0.4005 0.4696 0.3924 -0.0297 -0.0342 -0.0930 177 LEU A CA  
787 C C   . LEU A 113 ? 0.4041 0.5070 0.3854 -0.0067 -0.0240 -0.0672 177 LEU A C   
788 O O   . LEU A 113 ? 0.4665 0.6000 0.4260 -0.0010 -0.0308 -0.0583 177 LEU A O   
789 C CB  . LEU A 113 ? 0.3634 0.4637 0.4109 -0.0448 -0.0493 -0.0815 177 LEU A CB  
790 C CG  . LEU A 113 ? 0.4565 0.5467 0.5202 -0.0665 -0.0580 -0.0995 177 LEU A CG  
791 C CD1 . LEU A 113 ? 0.4487 0.5800 0.5657 -0.0716 -0.0710 -0.0876 177 LEU A CD1 
792 C CD2 . LEU A 113 ? 0.5006 0.5682 0.5216 -0.0799 -0.0706 -0.1207 177 LEU A CD2 
793 N N   . SER A 114 ? 0.3833 0.4904 0.3833 0.0058  -0.0084 -0.0498 178 SER A N   
794 C CA  . SER A 114 ? 0.4415 0.5920 0.4394 0.0267  0.0043  -0.0177 178 SER A CA  
795 C C   . SER A 114 ? 0.6000 0.7402 0.5241 0.0530  0.0194  -0.0373 178 SER A C   
796 O O   . SER A 114 ? 0.6334 0.7172 0.5190 0.0540  0.0196  -0.0749 178 SER A O   
797 C CB  . SER A 114 ? 0.4677 0.6276 0.5063 0.0318  0.0142  0.0051  178 SER A CB  
798 O OG  . SER A 114 ? 0.5338 0.6562 0.5440 0.0449  0.0290  -0.0158 178 SER A OG  
799 N N   . GLU A 115 ? 0.8119 1.0056 0.7160 0.0759  0.0317  -0.0112 179 GLU A N   
800 C CA  . GLU A 115 ? 0.9579 1.1478 0.7818 0.1117  0.0490  -0.0330 179 GLU A CA  
801 C C   . GLU A 115 ? 0.9692 1.1382 0.7837 0.1413  0.0749  -0.0385 179 GLU A C   
802 O O   . GLU A 115 ? 1.0925 1.2570 0.8438 0.1816  0.0943  -0.0565 179 GLU A O   
803 C CB  . GLU A 115 ? 1.0419 1.3136 0.8468 0.1330  0.0599  0.0046  179 GLU A CB  
804 C CG  . GLU A 115 ? 1.0773 1.4216 0.9466 0.1411  0.0793  0.0675  179 GLU A CG  
805 C CD  . GLU A 115 ? 1.1934 1.6289 1.0393 0.1681  0.0978  0.1119  179 GLU A CD  
806 O OE1 . GLU A 115 ? 1.2921 1.7237 1.0691 0.1819  0.0924  0.0860  179 GLU A OE1 
807 O OE2 . GLU A 115 ? 1.1807 1.6781 1.0934 0.1684  0.1074  0.1699  179 GLU A OE2 
808 N N   . ILE A 116 ? 0.8215 0.9781 0.6965 0.1249  0.0738  -0.0245 180 ILE A N   
809 C CA  . ILE A 116 ? 0.7631 0.9166 0.6474 0.1508  0.0954  -0.0156 180 ILE A CA  
810 C C   . ILE A 116 ? 0.8303 0.8975 0.6931 0.1476  0.0911  -0.0550 180 ILE A C   
811 O O   . ILE A 116 ? 0.7506 0.7892 0.6474 0.1144  0.0743  -0.0596 180 ILE A O   
812 C CB  . ILE A 116 ? 0.6145 0.8200 0.5816 0.1342  0.0924  0.0323  180 ILE A CB  
813 C CG1 . ILE A 116 ? 0.5943 0.8762 0.5946 0.1269  0.0893  0.0772  180 ILE A CG1 
814 C CG2 . ILE A 116 ? 0.6008 0.8253 0.5837 0.1631  0.1137  0.0515  180 ILE A CG2 
815 C CD1 . ILE A 116 ? 0.5034 0.8150 0.5899 0.0959  0.0703  0.1169  180 ILE A CD1 
816 N N   . ASP A 117 ? 0.9579 0.9844 0.7628 0.1849  0.1066  -0.0819 181 ASP A N   
817 C CA  . ASP A 117 ? 1.0612 0.9961 0.8471 0.1792  0.0982  -0.1152 181 ASP A CA  
818 C C   . ASP A 117 ? 1.0619 0.9948 0.8760 0.2014  0.1143  -0.0936 181 ASP A C   
819 O O   . ASP A 117 ? 1.0881 1.0239 0.8838 0.2338  0.1274  -0.0919 181 ASP A O   
820 C CB  . ASP A 117 ? 1.2250 1.1062 0.9523 0.1842  0.0882  -0.1549 181 ASP A CB  
821 C CG  . ASP A 117 ? 1.2701 1.0601 0.9931 0.1664  0.0731  -0.1836 181 ASP A CG  
822 O OD1 . ASP A 117 ? 1.2407 1.0092 1.0004 0.1429  0.0669  -0.1737 181 ASP A OD1 
823 O OD2 . ASP A 117 ? 1.3101 1.0518 0.9944 0.1759  0.0669  -0.2139 181 ASP A OD2 
824 N N   . VAL A 118 ? 1.0685 1.0003 0.9267 0.1841  0.1112  -0.0760 182 VAL A N   
# 
loop_
_pdbx_poly_seq_scheme.asym_id 
_pdbx_poly_seq_scheme.entity_id 
_pdbx_poly_seq_scheme.seq_id 
_pdbx_poly_seq_scheme.mon_id 
_pdbx_poly_seq_scheme.ndb_seq_num 
_pdbx_poly_seq_scheme.pdb_seq_num 
_pdbx_poly_seq_scheme.auth_seq_num 
_pdbx_poly_seq_scheme.pdb_mon_id 
_pdbx_poly_seq_scheme.auth_mon_id 
_pdbx_poly_seq_scheme.pdb_strand_id 
_pdbx_poly_seq_scheme.pdb_ins_code 
_pdbx_poly_seq_scheme.hetero 
A 1 1   GLY 1   65  ?   ?   ?   A . n 
A 1 2   ALA 2   66  ?   ?   ?   A . n 
A 1 3   MET 3   67  ?   ?   ?   A . n 
A 1 4   GLY 4   68  ?   ?   ?   A . n 
A 1 5   SER 5   69  ?   ?   ?   A . n 
A 1 6   GLY 6   70  ?   ?   ?   A . n 
A 1 7   GLU 7   71  ?   ?   ?   A . n 
A 1 8   PRO 8   72  ?   ?   ?   A . n 
A 1 9   GLN 9   73  ?   ?   ?   A . n 
A 1 10  SER 10  74  ?   ?   ?   A . n 
A 1 11  PRO 11  75  ?   ?   ?   A . n 
A 1 12  SER 12  76  ?   ?   ?   A . n 
A 1 13  ARG 13  77  ?   ?   ?   A . n 
A 1 14  ARG 14  78  ?   ?   ?   A . n 
A 1 15  VAL 15  79  ?   ?   ?   A . n 
A 1 16  PHE 16  80  ?   ?   ?   A . n 
A 1 17  ASN 17  81  81  ASN ASN A . n 
A 1 18  PRO 18  82  82  PRO PRO A . n 
A 1 19  TYR 19  83  83  TYR TYR A . n 
A 1 20  THR 20  84  84  THR THR A . n 
A 1 21  GLU 21  85  85  GLU GLU A . n 
A 1 22  PHE 22  86  86  PHE PHE A . n 
A 1 23  LYS 23  87  87  LYS LYS A . n 
A 1 24  GLU 24  88  88  GLU GLU A . n 
A 1 25  PHE 25  89  89  PHE PHE A . n 
A 1 26  SER 26  90  90  SER SER A . n 
A 1 27  ARG 27  91  91  ARG ARG A . n 
A 1 28  LYS 28  92  92  LYS LYS A . n 
A 1 29  GLN 29  93  93  GLN GLN A . n 
A 1 30  ILE 30  94  94  ILE ILE A . n 
A 1 31  LYS 31  95  95  LYS LYS A . n 
A 1 32  ASP 32  96  96  ASP ASP A . n 
A 1 33  MET 33  97  97  MET MET A . n 
A 1 34  GLU 34  98  98  GLU GLU A . n 
A 1 35  LYS 35  99  99  LYS LYS A . n 
A 1 36  MET 36  100 100 MET MET A . n 
A 1 37  PHE 37  101 101 PHE PHE A . n 
A 1 38  LYS 38  102 102 LYS LYS A . n 
A 1 39  GLN 39  103 103 GLN GLN A . n 
A 1 40  TYR 40  104 104 TYR TYR A . n 
A 1 41  ASP 41  105 105 ASP ASP A . n 
A 1 42  ALA 42  106 106 ALA ALA A . n 
A 1 43  GLY 43  107 107 GLY GLY A . n 
A 1 44  ARG 44  108 108 ARG ARG A . n 
A 1 45  ASP 45  109 109 ASP ASP A . n 
A 1 46  GLY 46  110 110 GLY GLY A . n 
A 1 47  PHE 47  111 111 PHE PHE A . n 
A 1 48  ILE 48  112 112 ILE ILE A . n 
A 1 49  ASP 49  113 113 ASP ASP A . n 
A 1 50  LEU 50  114 114 LEU LEU A . n 
A 1 51  MET 51  115 115 MET MET A . n 
A 1 52  GLU 52  116 116 GLU GLU A . n 
A 1 53  LEU 53  117 117 LEU LEU A . n 
A 1 54  LYS 54  118 118 LYS LYS A . n 
A 1 55  LEU 55  119 119 LEU LEU A . n 
A 1 56  MET 56  120 120 MET MET A . n 
A 1 57  MET 57  121 121 MET MET A . n 
A 1 58  GLU 58  122 122 GLU GLU A . n 
A 1 59  LYS 59  123 123 LYS LYS A . n 
A 1 60  LEU 60  124 124 LEU LEU A . n 
A 1 61  GLY 61  125 125 GLY GLY A . n 
A 1 62  ALA 62  126 126 ALA ALA A . n 
A 1 63  PRO 63  127 127 PRO PRO A . n 
A 1 64  GLN 64  128 128 GLN GLN A . n 
A 1 65  THR 65  129 129 THR THR A . n 
A 1 66  HIS 66  130 130 HIS HIS A . n 
A 1 67  LEU 67  131 131 LEU LEU A . n 
A 1 68  GLY 68  132 132 GLY GLY A . n 
A 1 69  LEU 69  133 133 LEU LEU A . n 
A 1 70  LYS 70  134 134 LYS LYS A . n 
A 1 71  ASN 71  135 135 ASN ASN A . n 
A 1 72  MET 72  136 136 MET MET A . n 
A 1 73  ILE 73  137 137 ILE ILE A . n 
A 1 74  LYS 74  138 138 LYS LYS A . n 
A 1 75  GLU 75  139 139 GLU GLU A . n 
A 1 76  VAL 76  140 140 VAL VAL A . n 
A 1 77  ASP 77  141 141 ASP ASP A . n 
A 1 78  GLU 78  142 142 GLU GLU A . n 
A 1 79  ASP 79  143 143 ASP ASP A . n 
A 1 80  PHE 80  144 144 PHE PHE A . n 
A 1 81  ASP 81  145 145 ASP ASP A . n 
A 1 82  SER 82  146 146 SER SER A . n 
A 1 83  LYS 83  147 147 LYS LYS A . n 
A 1 84  LEU 84  148 148 LEU LEU A . n 
A 1 85  SER 85  149 149 SER SER A . n 
A 1 86  PHE 86  150 150 PHE PHE A . n 
A 1 87  ARG 87  151 151 ARG ARG A . n 
A 1 88  GLU 88  152 152 GLU GLU A . n 
A 1 89  PHE 89  153 153 PHE PHE A . n 
A 1 90  LEU 90  154 154 LEU LEU A . n 
A 1 91  LEU 91  155 155 LEU LEU A . n 
A 1 92  ILE 92  156 156 ILE ILE A . n 
A 1 93  PHE 93  157 157 PHE PHE A . n 
A 1 94  ARG 94  158 158 ARG ARG A . n 
A 1 95  LYS 95  159 159 LYS LYS A . n 
A 1 96  ALA 96  160 160 ALA ALA A . n 
A 1 97  ALA 97  161 161 ALA ALA A . n 
A 1 98  ALA 98  162 162 ALA ALA A . n 
A 1 99  GLY 99  163 163 GLY GLY A . n 
A 1 100 GLU 100 164 164 GLU GLU A . n 
A 1 101 LEU 101 165 165 LEU LEU A . n 
A 1 102 GLN 102 166 166 GLN GLN A . n 
A 1 103 GLU 103 167 167 GLU GLU A . n 
A 1 104 ASP 104 168 168 ASP ASP A . n 
A 1 105 SER 105 169 169 SER SER A . n 
A 1 106 GLY 106 170 170 GLY GLY A . n 
A 1 107 LEU 107 171 171 LEU LEU A . n 
A 1 108 CYS 108 172 172 CYS CYS A . n 
A 1 109 VAL 109 173 173 VAL VAL A . n 
A 1 110 LEU 110 174 174 LEU LEU A . n 
A 1 111 ALA 111 175 175 ALA ALA A . n 
A 1 112 ARG 112 176 176 ARG ARG A . n 
A 1 113 LEU 113 177 177 LEU LEU A . n 
A 1 114 SER 114 178 178 SER SER A . n 
A 1 115 GLU 115 179 179 GLU GLU A . n 
A 1 116 ILE 116 180 180 ILE ILE A . n 
A 1 117 ASP 117 181 181 ASP ASP A . n 
A 1 118 VAL 118 182 182 VAL VAL A . n 
A 1 119 GLU 119 183 ?   ?   ?   A . n 
A 1 120 SER 120 184 ?   ?   ?   A . n 
# 
loop_
_pdbx_nonpoly_scheme.asym_id 
_pdbx_nonpoly_scheme.entity_id 
_pdbx_nonpoly_scheme.mon_id 
_pdbx_nonpoly_scheme.ndb_seq_num 
_pdbx_nonpoly_scheme.pdb_seq_num 
_pdbx_nonpoly_scheme.auth_seq_num 
_pdbx_nonpoly_scheme.pdb_mon_id 
_pdbx_nonpoly_scheme.auth_mon_id 
_pdbx_nonpoly_scheme.pdb_strand_id 
_pdbx_nonpoly_scheme.pdb_ins_code 
B 2 CA  1  201 185 CA  CA  A . 
C 2 CA  1  202 186 CA  CA  A . 
D 3 HOH 1  301 29  HOH HOH A . 
D 3 HOH 2  302 41  HOH HOH A . 
D 3 HOH 3  303 4   HOH HOH A . 
D 3 HOH 4  304 33  HOH HOH A . 
D 3 HOH 5  305 10  HOH HOH A . 
D 3 HOH 6  306 28  HOH HOH A . 
D 3 HOH 7  307 24  HOH HOH A . 
D 3 HOH 8  308 6   HOH HOH A . 
D 3 HOH 9  309 40  HOH HOH A . 
D 3 HOH 10 310 17  HOH HOH A . 
D 3 HOH 11 311 20  HOH HOH A . 
D 3 HOH 12 312 21  HOH HOH A . 
D 3 HOH 13 313 25  HOH HOH A . 
D 3 HOH 14 314 13  HOH HOH A . 
D 3 HOH 15 315 5   HOH HOH A . 
D 3 HOH 16 316 3   HOH HOH A . 
D 3 HOH 17 317 8   HOH HOH A . 
D 3 HOH 18 318 18  HOH HOH A . 
D 3 HOH 19 319 27  HOH HOH A . 
D 3 HOH 20 320 15  HOH HOH A . 
D 3 HOH 21 321 37  HOH HOH A . 
D 3 HOH 22 322 38  HOH HOH A . 
D 3 HOH 23 323 35  HOH HOH A . 
D 3 HOH 24 324 36  HOH HOH A . 
D 3 HOH 25 325 1   HOH HOH A . 
D 3 HOH 26 326 26  HOH HOH A . 
D 3 HOH 27 327 12  HOH HOH A . 
D 3 HOH 28 328 7   HOH HOH A . 
D 3 HOH 29 329 11  HOH HOH A . 
D 3 HOH 30 330 16  HOH HOH A . 
D 3 HOH 31 331 31  HOH HOH A . 
D 3 HOH 32 332 2   HOH HOH A . 
D 3 HOH 33 333 32  HOH HOH A . 
D 3 HOH 34 334 9   HOH HOH A . 
D 3 HOH 35 335 34  HOH HOH A . 
D 3 HOH 36 336 22  HOH HOH A . 
D 3 HOH 37 337 19  HOH HOH A . 
D 3 HOH 38 338 39  HOH HOH A . 
D 3 HOH 39 339 30  HOH HOH A . 
# 
_pdbx_struct_assembly.id                   1 
_pdbx_struct_assembly.details              author_defined_assembly 
_pdbx_struct_assembly.method_details       ? 
_pdbx_struct_assembly.oligomeric_details   monomeric 
_pdbx_struct_assembly.oligomeric_count     1 
# 
_pdbx_struct_assembly_gen.assembly_id       1 
_pdbx_struct_assembly_gen.oper_expression   1 
_pdbx_struct_assembly_gen.asym_id_list      A,B,C,D 
# 
_pdbx_struct_oper_list.id                   1 
_pdbx_struct_oper_list.type                 'identity operation' 
_pdbx_struct_oper_list.name                 1_555 
_pdbx_struct_oper_list.symmetry_operation   x,y,z 
_pdbx_struct_oper_list.matrix[1][1]         1.0000000000 
_pdbx_struct_oper_list.matrix[1][2]         0.0000000000 
_pdbx_struct_oper_list.matrix[1][3]         0.0000000000 
_pdbx_struct_oper_list.vector[1]            0.0000000000 
_pdbx_struct_oper_list.matrix[2][1]         0.0000000000 
_pdbx_struct_oper_list.matrix[2][2]         1.0000000000 
_pdbx_struct_oper_list.matrix[2][3]         0.0000000000 
_pdbx_struct_oper_list.vector[2]            0.0000000000 
_pdbx_struct_oper_list.matrix[3][1]         0.0000000000 
_pdbx_struct_oper_list.matrix[3][2]         0.0000000000 
_pdbx_struct_oper_list.matrix[3][3]         1.0000000000 
_pdbx_struct_oper_list.vector[3]            0.0000000000 
# 
loop_
_pdbx_struct_conn_angle.id 
_pdbx_struct_conn_angle.ptnr1_label_atom_id 
_pdbx_struct_conn_angle.ptnr1_label_alt_id 
_pdbx_struct_conn_angle.ptnr1_label_asym_id 
_pdbx_struct_conn_angle.ptnr1_label_comp_id 
_pdbx_struct_conn_angle.ptnr1_label_seq_id 
_pdbx_struct_conn_angle.ptnr1_auth_atom_id 
_pdbx_struct_conn_angle.ptnr1_auth_asym_id 
_pdbx_struct_conn_angle.ptnr1_auth_comp_id 
_pdbx_struct_conn_angle.ptnr1_auth_seq_id 
_pdbx_struct_conn_angle.ptnr1_PDB_ins_code 
_pdbx_struct_conn_angle.ptnr1_symmetry 
_pdbx_struct_conn_angle.ptnr2_label_atom_id 
_pdbx_struct_conn_angle.ptnr2_label_alt_id 
_pdbx_struct_conn_angle.ptnr2_label_asym_id 
_pdbx_struct_conn_angle.ptnr2_label_comp_id 
_pdbx_struct_conn_angle.ptnr2_label_seq_id 
_pdbx_struct_conn_angle.ptnr2_auth_atom_id 
_pdbx_struct_conn_angle.ptnr2_auth_asym_id 
_pdbx_struct_conn_angle.ptnr2_auth_comp_id 
_pdbx_struct_conn_angle.ptnr2_auth_seq_id 
_pdbx_struct_conn_angle.ptnr2_PDB_ins_code 
_pdbx_struct_conn_angle.ptnr2_symmetry 
_pdbx_struct_conn_angle.ptnr3_label_atom_id 
_pdbx_struct_conn_angle.ptnr3_label_alt_id 
_pdbx_struct_conn_angle.ptnr3_label_asym_id 
_pdbx_struct_conn_angle.ptnr3_label_comp_id 
_pdbx_struct_conn_angle.ptnr3_label_seq_id 
_pdbx_struct_conn_angle.ptnr3_auth_atom_id 
_pdbx_struct_conn_angle.ptnr3_auth_asym_id 
_pdbx_struct_conn_angle.ptnr3_auth_comp_id 
_pdbx_struct_conn_angle.ptnr3_auth_seq_id 
_pdbx_struct_conn_angle.ptnr3_PDB_ins_code 
_pdbx_struct_conn_angle.ptnr3_symmetry 
_pdbx_struct_conn_angle.value 
_pdbx_struct_conn_angle.value_esd 
1  OD1 ? A ASP 41 ? A ASP 105 ? 1_555 CA ? B CA . ? A CA 201 ? 1_555 OD1 ? A ASP 45 ? A ASP 109 ? 1_555 78.3  ? 
2  OD1 ? A ASP 41 ? A ASP 105 ? 1_555 CA ? B CA . ? A CA 201 ? 1_555 O   ? A PHE 47 ? A PHE 111 ? 1_555 77.5  ? 
3  OD1 ? A ASP 45 ? A ASP 109 ? 1_555 CA ? B CA . ? A CA 201 ? 1_555 O   ? A PHE 47 ? A PHE 111 ? 1_555 84.3  ? 
4  OD1 ? A ASP 41 ? A ASP 105 ? 1_555 CA ? B CA . ? A CA 201 ? 1_555 OE1 ? A GLU 52 ? A GLU 116 ? 1_555 116.0 ? 
5  OD1 ? A ASP 45 ? A ASP 109 ? 1_555 CA ? B CA . ? A CA 201 ? 1_555 OE1 ? A GLU 52 ? A GLU 116 ? 1_555 153.8 ? 
6  O   ? A PHE 47 ? A PHE 111 ? 1_555 CA ? B CA . ? A CA 201 ? 1_555 OE1 ? A GLU 52 ? A GLU 116 ? 1_555 78.2  ? 
7  OD1 ? A ASP 41 ? A ASP 105 ? 1_555 CA ? B CA . ? A CA 201 ? 1_555 OE2 ? A GLU 52 ? A GLU 116 ? 1_555 84.5  ? 
8  OD1 ? A ASP 45 ? A ASP 109 ? 1_555 CA ? B CA . ? A CA 201 ? 1_555 OE2 ? A GLU 52 ? A GLU 116 ? 1_555 152.2 ? 
9  O   ? A PHE 47 ? A PHE 111 ? 1_555 CA ? B CA . ? A CA 201 ? 1_555 OE2 ? A GLU 52 ? A GLU 116 ? 1_555 113.2 ? 
10 OE1 ? A GLU 52 ? A GLU 116 ? 1_555 CA ? B CA . ? A CA 201 ? 1_555 OE2 ? A GLU 52 ? A GLU 116 ? 1_555 54.0  ? 
11 OD1 ? A ASP 41 ? A ASP 105 ? 1_555 CA ? B CA . ? A CA 201 ? 1_555 O   ? D HOH .  ? A HOH 303 ? 1_555 153.0 ? 
12 OD1 ? A ASP 45 ? A ASP 109 ? 1_555 CA ? B CA . ? A CA 201 ? 1_555 O   ? D HOH .  ? A HOH 303 ? 1_555 76.0  ? 
13 O   ? A PHE 47 ? A PHE 111 ? 1_555 CA ? B CA . ? A CA 201 ? 1_555 O   ? D HOH .  ? A HOH 303 ? 1_555 91.6  ? 
14 OE1 ? A GLU 52 ? A GLU 116 ? 1_555 CA ? B CA . ? A CA 201 ? 1_555 O   ? D HOH .  ? A HOH 303 ? 1_555 85.1  ? 
15 OE2 ? A GLU 52 ? A GLU 116 ? 1_555 CA ? B CA . ? A CA 201 ? 1_555 O   ? D HOH .  ? A HOH 303 ? 1_555 122.5 ? 
16 OD1 ? A ASP 41 ? A ASP 105 ? 1_555 CA ? B CA . ? A CA 201 ? 1_555 O   ? D HOH .  ? A HOH 337 ? 1_555 103.6 ? 
17 OD1 ? A ASP 45 ? A ASP 109 ? 1_555 CA ? B CA . ? A CA 201 ? 1_555 O   ? D HOH .  ? A HOH 337 ? 1_555 81.8  ? 
18 O   ? A PHE 47 ? A PHE 111 ? 1_555 CA ? B CA . ? A CA 201 ? 1_555 O   ? D HOH .  ? A HOH 337 ? 1_555 165.5 ? 
19 OE1 ? A GLU 52 ? A GLU 116 ? 1_555 CA ? B CA . ? A CA 201 ? 1_555 O   ? D HOH .  ? A HOH 337 ? 1_555 113.2 ? 
20 OE2 ? A GLU 52 ? A GLU 116 ? 1_555 CA ? B CA . ? A CA 201 ? 1_555 O   ? D HOH .  ? A HOH 337 ? 1_555 81.2  ? 
21 O   ? D HOH .  ? A HOH 303 ? 1_555 CA ? B CA . ? A CA 201 ? 1_555 O   ? D HOH .  ? A HOH 337 ? 1_555 81.0  ? 
22 OD1 ? A ASP 77 ? A ASP 141 ? 1_555 CA ? C CA . ? A CA 202 ? 1_555 OD1 ? A ASP 79 ? A ASP 143 ? 1_555 90.0  ? 
23 OD1 ? A ASP 77 ? A ASP 141 ? 1_555 CA ? C CA . ? A CA 202 ? 1_555 OD1 ? A ASP 81 ? A ASP 145 ? 1_555 85.1  ? 
24 OD1 ? A ASP 79 ? A ASP 143 ? 1_555 CA ? C CA . ? A CA 202 ? 1_555 OD1 ? A ASP 81 ? A ASP 145 ? 1_555 78.7  ? 
25 OD1 ? A ASP 77 ? A ASP 141 ? 1_555 CA ? C CA . ? A CA 202 ? 1_555 O   ? A LYS 83 ? A LYS 147 ? 1_555 91.1  ? 
26 OD1 ? A ASP 79 ? A ASP 143 ? 1_555 CA ? C CA . ? A CA 202 ? 1_555 O   ? A LYS 83 ? A LYS 147 ? 1_555 158.0 ? 
27 OD1 ? A ASP 81 ? A ASP 145 ? 1_555 CA ? C CA . ? A CA 202 ? 1_555 O   ? A LYS 83 ? A LYS 147 ? 1_555 79.5  ? 
28 OD1 ? A ASP 77 ? A ASP 141 ? 1_555 CA ? C CA . ? A CA 202 ? 1_555 OE1 ? A GLU 88 ? A GLU 152 ? 1_555 108.8 ? 
29 OD1 ? A ASP 79 ? A ASP 143 ? 1_555 CA ? C CA . ? A CA 202 ? 1_555 OE1 ? A GLU 88 ? A GLU 152 ? 1_555 122.1 ? 
30 OD1 ? A ASP 81 ? A ASP 145 ? 1_555 CA ? C CA . ? A CA 202 ? 1_555 OE1 ? A GLU 88 ? A GLU 152 ? 1_555 153.7 ? 
31 O   ? A LYS 83 ? A LYS 147 ? 1_555 CA ? C CA . ? A CA 202 ? 1_555 OE1 ? A GLU 88 ? A GLU 152 ? 1_555 78.1  ? 
32 OD1 ? A ASP 77 ? A ASP 141 ? 1_555 CA ? C CA . ? A CA 202 ? 1_555 OE2 ? A GLU 88 ? A GLU 152 ? 1_555 88.0  ? 
33 OD1 ? A ASP 79 ? A ASP 143 ? 1_555 CA ? C CA . ? A CA 202 ? 1_555 OE2 ? A GLU 88 ? A GLU 152 ? 1_555 75.5  ? 
34 OD1 ? A ASP 81 ? A ASP 145 ? 1_555 CA ? C CA . ? A CA 202 ? 1_555 OE2 ? A GLU 88 ? A GLU 152 ? 1_555 153.3 ? 
35 O   ? A LYS 83 ? A LYS 147 ? 1_555 CA ? C CA . ? A CA 202 ? 1_555 OE2 ? A GLU 88 ? A GLU 152 ? 1_555 126.5 ? 
36 OE1 ? A GLU 88 ? A GLU 152 ? 1_555 CA ? C CA . ? A CA 202 ? 1_555 OE2 ? A GLU 88 ? A GLU 152 ? 1_555 52.2  ? 
37 OD1 ? A ASP 77 ? A ASP 141 ? 1_555 CA ? C CA . ? A CA 202 ? 1_555 O   ? D HOH .  ? A HOH 320 ? 1_555 162.7 ? 
38 OD1 ? A ASP 79 ? A ASP 143 ? 1_555 CA ? C CA . ? A CA 202 ? 1_555 O   ? D HOH .  ? A HOH 320 ? 1_555 80.3  ? 
39 OD1 ? A ASP 81 ? A ASP 145 ? 1_555 CA ? C CA . ? A CA 202 ? 1_555 O   ? D HOH .  ? A HOH 320 ? 1_555 79.0  ? 
40 O   ? A LYS 83 ? A LYS 147 ? 1_555 CA ? C CA . ? A CA 202 ? 1_555 O   ? D HOH .  ? A HOH 320 ? 1_555 92.6  ? 
41 OE1 ? A GLU 88 ? A GLU 152 ? 1_555 CA ? C CA . ? A CA 202 ? 1_555 O   ? D HOH .  ? A HOH 320 ? 1_555 88.5  ? 
42 OE2 ? A GLU 88 ? A GLU 152 ? 1_555 CA ? C CA . ? A CA 202 ? 1_555 O   ? D HOH .  ? A HOH 320 ? 1_555 103.2 ? 
# 
loop_
_pdbx_audit_revision_history.ordinal 
_pdbx_audit_revision_history.data_content_type 
_pdbx_audit_revision_history.major_revision 
_pdbx_audit_revision_history.minor_revision 
_pdbx_audit_revision_history.revision_date 
1 'Structure model' 1 0 2017-09-13 
2 'Structure model' 1 1 2023-11-08 
# 
_pdbx_audit_revision_details.ordinal             1 
_pdbx_audit_revision_details.revision_ordinal    1 
_pdbx_audit_revision_details.data_content_type   'Structure model' 
_pdbx_audit_revision_details.provider            repository 
_pdbx_audit_revision_details.type                'Initial release' 
_pdbx_audit_revision_details.description         ? 
_pdbx_audit_revision_details.details             ? 
# 
loop_
_pdbx_audit_revision_group.ordinal 
_pdbx_audit_revision_group.revision_ordinal 
_pdbx_audit_revision_group.data_content_type 
_pdbx_audit_revision_group.group 
1 2 'Structure model' 'Data collection'        
2 2 'Structure model' 'Database references'    
3 2 'Structure model' 'Refinement description' 
# 
loop_
_pdbx_audit_revision_category.ordinal 
_pdbx_audit_revision_category.revision_ordinal 
_pdbx_audit_revision_category.data_content_type 
_pdbx_audit_revision_category.category 
1 2 'Structure model' chem_comp_atom                
2 2 'Structure model' chem_comp_bond                
3 2 'Structure model' database_2                    
4 2 'Structure model' pdbx_initial_refinement_model 
# 
loop_
_pdbx_audit_revision_item.ordinal 
_pdbx_audit_revision_item.revision_ordinal 
_pdbx_audit_revision_item.data_content_type 
_pdbx_audit_revision_item.item 
1 2 'Structure model' '_database_2.pdbx_DOI'                
2 2 'Structure model' '_database_2.pdbx_database_accession' 
# 
loop_
_pdbx_refine_tls.pdbx_refine_id 
_pdbx_refine_tls.id 
_pdbx_refine_tls.details 
_pdbx_refine_tls.method 
_pdbx_refine_tls.origin_x 
_pdbx_refine_tls.origin_y 
_pdbx_refine_tls.origin_z 
_pdbx_refine_tls.T[1][1] 
_pdbx_refine_tls.T[2][2] 
_pdbx_refine_tls.T[3][3] 
_pdbx_refine_tls.T[1][2] 
_pdbx_refine_tls.T[1][3] 
_pdbx_refine_tls.T[2][3] 
_pdbx_refine_tls.L[1][1] 
_pdbx_refine_tls.L[2][2] 
_pdbx_refine_tls.L[3][3] 
_pdbx_refine_tls.L[1][2] 
_pdbx_refine_tls.L[1][3] 
_pdbx_refine_tls.L[2][3] 
_pdbx_refine_tls.S[1][1] 
_pdbx_refine_tls.S[1][2] 
_pdbx_refine_tls.S[1][3] 
_pdbx_refine_tls.S[2][1] 
_pdbx_refine_tls.S[2][2] 
_pdbx_refine_tls.S[2][3] 
_pdbx_refine_tls.S[3][1] 
_pdbx_refine_tls.S[3][2] 
_pdbx_refine_tls.S[3][3] 
'X-RAY DIFFRACTION' 1 ? refined 7.2106  0.2690  -5.0302 0.2616 0.2862 0.2886 -0.0412 0.0612 0.0253  8.9150 1.3736 6.0086 -1.7753 -2.6938 2.8442  -0.0085 0.2042  0.2584  -0.4621 -0.0034 -0.3748 -0.2767 0.4335  -0.0372 
'X-RAY DIFFRACTION' 2 ? refined -5.1616 5.2713  3.7098  0.2005 0.2159 0.3682 0.0363  0.0430 -0.0252 2.8281 5.6358 9.8784 0.3718  -0.5536 1.8704  0.1783  -0.1798 0.4584  0.0132  -0.1327 0.4560  -0.7062 -0.4492 0.0153  
'X-RAY DIFFRACTION' 3 ? refined 4.5888  -2.9804 2.4296  0.1828 0.2950 0.2394 0.0602  0.0629 0.0551  7.4708 9.5480 5.8090 2.8538  -0.9808 -2.1145 0.0229  -0.7190 -0.4684 0.2845  -0.3127 -0.2338 0.1544  0.6365  0.2095  
'X-RAY DIFFRACTION' 4 ? refined -5.2320 -7.7397 0.1201  0.2233 0.1962 0.2593 -0.0275 0.0194 -0.0832 9.2183 5.4336 7.1901 -1.8189 2.3959  -3.2801 -0.0773 0.0958  -0.3224 -0.2581 -0.1883 0.1717  0.8521  -0.0368 0.2635 
# 
loop_
_pdbx_refine_tls_group.pdbx_refine_id 
_pdbx_refine_tls_group.id 
_pdbx_refine_tls_group.refine_tls_id 
_pdbx_refine_tls_group.beg_auth_asym_id 
_pdbx_refine_tls_group.beg_auth_seq_id 
_pdbx_refine_tls_group.beg_label_asym_id 
_pdbx_refine_tls_group.beg_label_seq_id 
_pdbx_refine_tls_group.end_auth_asym_id 
_pdbx_refine_tls_group.end_auth_seq_id 
_pdbx_refine_tls_group.end_label_asym_id 
_pdbx_refine_tls_group.end_label_seq_id 
_pdbx_refine_tls_group.selection 
_pdbx_refine_tls_group.selection_details 
'X-RAY DIFFRACTION' 1 1 ? ? ? ? ? ? ? ? ? 
;chain 'A' and (resid 82 through 113 )
;
'X-RAY DIFFRACTION' 2 2 ? ? ? ? ? ? ? ? ? 
;chain 'A' and (resid 114 through 149 )
;
'X-RAY DIFFRACTION' 3 3 ? ? ? ? ? ? ? ? ? 
;chain 'A' and (resid 150 through 161 )
;
'X-RAY DIFFRACTION' 4 4 ? ? ? ? ? ? ? ? ? 
;chain 'A' and (resid 162 through 182 )
;
# 
loop_
_software.citation_id 
_software.classification 
_software.compiler_name 
_software.compiler_version 
_software.contact_author 
_software.contact_author_email 
_software.date 
_software.description 
_software.dependencies 
_software.hardware 
_software.language 
_software.location 
_software.mods 
_software.name 
_software.os 
_software.os_version 
_software.type 
_software.version 
_software.pdbx_ordinal 
? refinement       ? ? ? ? ? ? ? ? ? ? ? PHENIX   ? ? ? 1.8_1069 1 
? 'data reduction' ? ? ? ? ? ? ? ? ? ? ? HKL-2000 ? ? ? .        2 
? 'data scaling'   ? ? ? ? ? ? ? ? ? ? ? HKL-2000 ? ? ? .        3 
? phasing          ? ? ? ? ? ? ? ? ? ? ? PHENIX   ? ? ? 1.8_1069 4 
# 
_pdbx_validate_torsion.id              1 
_pdbx_validate_torsion.PDB_model_num   1 
_pdbx_validate_torsion.auth_comp_id    PHE 
_pdbx_validate_torsion.auth_asym_id    A 
_pdbx_validate_torsion.auth_seq_id     86 
_pdbx_validate_torsion.PDB_ins_code    ? 
_pdbx_validate_torsion.label_alt_id    ? 
_pdbx_validate_torsion.phi             -103.99 
_pdbx_validate_torsion.psi             69.11 
# 
loop_
_pdbx_unobs_or_zero_occ_residues.id 
_pdbx_unobs_or_zero_occ_residues.PDB_model_num 
_pdbx_unobs_or_zero_occ_residues.polymer_flag 
_pdbx_unobs_or_zero_occ_residues.occupancy_flag 
_pdbx_unobs_or_zero_occ_residues.auth_asym_id 
_pdbx_unobs_or_zero_occ_residues.auth_comp_id 
_pdbx_unobs_or_zero_occ_residues.auth_seq_id 
_pdbx_unobs_or_zero_occ_residues.PDB_ins_code 
_pdbx_unobs_or_zero_occ_residues.label_asym_id 
_pdbx_unobs_or_zero_occ_residues.label_comp_id 
_pdbx_unobs_or_zero_occ_residues.label_seq_id 
1  1 Y 1 A GLY 65  ? A GLY 1   
2  1 Y 1 A ALA 66  ? A ALA 2   
3  1 Y 1 A MET 67  ? A MET 3   
4  1 Y 1 A GLY 68  ? A GLY 4   
5  1 Y 1 A SER 69  ? A SER 5   
6  1 Y 1 A GLY 70  ? A GLY 6   
7  1 Y 1 A GLU 71  ? A GLU 7   
8  1 Y 1 A PRO 72  ? A PRO 8   
9  1 Y 1 A GLN 73  ? A GLN 9   
10 1 Y 1 A SER 74  ? A SER 10  
11 1 Y 1 A PRO 75  ? A PRO 11  
12 1 Y 1 A SER 76  ? A SER 12  
13 1 Y 1 A ARG 77  ? A ARG 13  
14 1 Y 1 A ARG 78  ? A ARG 14  
15 1 Y 1 A VAL 79  ? A VAL 15  
16 1 Y 1 A PHE 80  ? A PHE 16  
17 1 Y 1 A GLU 183 ? A GLU 119 
18 1 Y 1 A SER 184 ? A SER 120 
# 
loop_
_chem_comp_atom.comp_id 
_chem_comp_atom.atom_id 
_chem_comp_atom.type_symbol 
_chem_comp_atom.pdbx_aromatic_flag 
_chem_comp_atom.pdbx_stereo_config 
_chem_comp_atom.pdbx_ordinal 
ALA N    N  N N 1   
ALA CA   C  N S 2   
ALA C    C  N N 3   
ALA O    O  N N 4   
ALA CB   C  N N 5   
ALA OXT  O  N N 6   
ALA H    H  N N 7   
ALA H2   H  N N 8   
ALA HA   H  N N 9   
ALA HB1  H  N N 10  
ALA HB2  H  N N 11  
ALA HB3  H  N N 12  
ALA HXT  H  N N 13  
ARG N    N  N N 14  
ARG CA   C  N S 15  
ARG C    C  N N 16  
ARG O    O  N N 17  
ARG CB   C  N N 18  
ARG CG   C  N N 19  
ARG CD   C  N N 20  
ARG NE   N  N N 21  
ARG CZ   C  N N 22  
ARG NH1  N  N N 23  
ARG NH2  N  N N 24  
ARG OXT  O  N N 25  
ARG H    H  N N 26  
ARG H2   H  N N 27  
ARG HA   H  N N 28  
ARG HB2  H  N N 29  
ARG HB3  H  N N 30  
ARG HG2  H  N N 31  
ARG HG3  H  N N 32  
ARG HD2  H  N N 33  
ARG HD3  H  N N 34  
ARG HE   H  N N 35  
ARG HH11 H  N N 36  
ARG HH12 H  N N 37  
ARG HH21 H  N N 38  
ARG HH22 H  N N 39  
ARG HXT  H  N N 40  
ASN N    N  N N 41  
ASN CA   C  N S 42  
ASN C    C  N N 43  
ASN O    O  N N 44  
ASN CB   C  N N 45  
ASN CG   C  N N 46  
ASN OD1  O  N N 47  
ASN ND2  N  N N 48  
ASN OXT  O  N N 49  
ASN H    H  N N 50  
ASN H2   H  N N 51  
ASN HA   H  N N 52  
ASN HB2  H  N N 53  
ASN HB3  H  N N 54  
ASN HD21 H  N N 55  
ASN HD22 H  N N 56  
ASN HXT  H  N N 57  
ASP N    N  N N 58  
ASP CA   C  N S 59  
ASP C    C  N N 60  
ASP O    O  N N 61  
ASP CB   C  N N 62  
ASP CG   C  N N 63  
ASP OD1  O  N N 64  
ASP OD2  O  N N 65  
ASP OXT  O  N N 66  
ASP H    H  N N 67  
ASP H2   H  N N 68  
ASP HA   H  N N 69  
ASP HB2  H  N N 70  
ASP HB3  H  N N 71  
ASP HD2  H  N N 72  
ASP HXT  H  N N 73  
CA  CA   CA N N 74  
CYS N    N  N N 75  
CYS CA   C  N R 76  
CYS C    C  N N 77  
CYS O    O  N N 78  
CYS CB   C  N N 79  
CYS SG   S  N N 80  
CYS OXT  O  N N 81  
CYS H    H  N N 82  
CYS H2   H  N N 83  
CYS HA   H  N N 84  
CYS HB2  H  N N 85  
CYS HB3  H  N N 86  
CYS HG   H  N N 87  
CYS HXT  H  N N 88  
GLN N    N  N N 89  
GLN CA   C  N S 90  
GLN C    C  N N 91  
GLN O    O  N N 92  
GLN CB   C  N N 93  
GLN CG   C  N N 94  
GLN CD   C  N N 95  
GLN OE1  O  N N 96  
GLN NE2  N  N N 97  
GLN OXT  O  N N 98  
GLN H    H  N N 99  
GLN H2   H  N N 100 
GLN HA   H  N N 101 
GLN HB2  H  N N 102 
GLN HB3  H  N N 103 
GLN HG2  H  N N 104 
GLN HG3  H  N N 105 
GLN HE21 H  N N 106 
GLN HE22 H  N N 107 
GLN HXT  H  N N 108 
GLU N    N  N N 109 
GLU CA   C  N S 110 
GLU C    C  N N 111 
GLU O    O  N N 112 
GLU CB   C  N N 113 
GLU CG   C  N N 114 
GLU CD   C  N N 115 
GLU OE1  O  N N 116 
GLU OE2  O  N N 117 
GLU OXT  O  N N 118 
GLU H    H  N N 119 
GLU H2   H  N N 120 
GLU HA   H  N N 121 
GLU HB2  H  N N 122 
GLU HB3  H  N N 123 
GLU HG2  H  N N 124 
GLU HG3  H  N N 125 
GLU HE2  H  N N 126 
GLU HXT  H  N N 127 
GLY N    N  N N 128 
GLY CA   C  N N 129 
GLY C    C  N N 130 
GLY O    O  N N 131 
GLY OXT  O  N N 132 
GLY H    H  N N 133 
GLY H2   H  N N 134 
GLY HA2  H  N N 135 
GLY HA3  H  N N 136 
GLY HXT  H  N N 137 
HIS N    N  N N 138 
HIS CA   C  N S 139 
HIS C    C  N N 140 
HIS O    O  N N 141 
HIS CB   C  N N 142 
HIS CG   C  Y N 143 
HIS ND1  N  Y N 144 
HIS CD2  C  Y N 145 
HIS CE1  C  Y N 146 
HIS NE2  N  Y N 147 
HIS OXT  O  N N 148 
HIS H    H  N N 149 
HIS H2   H  N N 150 
HIS HA   H  N N 151 
HIS HB2  H  N N 152 
HIS HB3  H  N N 153 
HIS HD1  H  N N 154 
HIS HD2  H  N N 155 
HIS HE1  H  N N 156 
HIS HE2  H  N N 157 
HIS HXT  H  N N 158 
HOH O    O  N N 159 
HOH H1   H  N N 160 
HOH H2   H  N N 161 
ILE N    N  N N 162 
ILE CA   C  N S 163 
ILE C    C  N N 164 
ILE O    O  N N 165 
ILE CB   C  N S 166 
ILE CG1  C  N N 167 
ILE CG2  C  N N 168 
ILE CD1  C  N N 169 
ILE OXT  O  N N 170 
ILE H    H  N N 171 
ILE H2   H  N N 172 
ILE HA   H  N N 173 
ILE HB   H  N N 174 
ILE HG12 H  N N 175 
ILE HG13 H  N N 176 
ILE HG21 H  N N 177 
ILE HG22 H  N N 178 
ILE HG23 H  N N 179 
ILE HD11 H  N N 180 
ILE HD12 H  N N 181 
ILE HD13 H  N N 182 
ILE HXT  H  N N 183 
LEU N    N  N N 184 
LEU CA   C  N S 185 
LEU C    C  N N 186 
LEU O    O  N N 187 
LEU CB   C  N N 188 
LEU CG   C  N N 189 
LEU CD1  C  N N 190 
LEU CD2  C  N N 191 
LEU OXT  O  N N 192 
LEU H    H  N N 193 
LEU H2   H  N N 194 
LEU HA   H  N N 195 
LEU HB2  H  N N 196 
LEU HB3  H  N N 197 
LEU HG   H  N N 198 
LEU HD11 H  N N 199 
LEU HD12 H  N N 200 
LEU HD13 H  N N 201 
LEU HD21 H  N N 202 
LEU HD22 H  N N 203 
LEU HD23 H  N N 204 
LEU HXT  H  N N 205 
LYS N    N  N N 206 
LYS CA   C  N S 207 
LYS C    C  N N 208 
LYS O    O  N N 209 
LYS CB   C  N N 210 
LYS CG   C  N N 211 
LYS CD   C  N N 212 
LYS CE   C  N N 213 
LYS NZ   N  N N 214 
LYS OXT  O  N N 215 
LYS H    H  N N 216 
LYS H2   H  N N 217 
LYS HA   H  N N 218 
LYS HB2  H  N N 219 
LYS HB3  H  N N 220 
LYS HG2  H  N N 221 
LYS HG3  H  N N 222 
LYS HD2  H  N N 223 
LYS HD3  H  N N 224 
LYS HE2  H  N N 225 
LYS HE3  H  N N 226 
LYS HZ1  H  N N 227 
LYS HZ2  H  N N 228 
LYS HZ3  H  N N 229 
LYS HXT  H  N N 230 
MET N    N  N N 231 
MET CA   C  N S 232 
MET C    C  N N 233 
MET O    O  N N 234 
MET CB   C  N N 235 
MET CG   C  N N 236 
MET SD   S  N N 237 
MET CE   C  N N 238 
MET OXT  O  N N 239 
MET H    H  N N 240 
MET H2   H  N N 241 
MET HA   H  N N 242 
MET HB2  H  N N 243 
MET HB3  H  N N 244 
MET HG2  H  N N 245 
MET HG3  H  N N 246 
MET HE1  H  N N 247 
MET HE2  H  N N 248 
MET HE3  H  N N 249 
MET HXT  H  N N 250 
PHE N    N  N N 251 
PHE CA   C  N S 252 
PHE C    C  N N 253 
PHE O    O  N N 254 
PHE CB   C  N N 255 
PHE CG   C  Y N 256 
PHE CD1  C  Y N 257 
PHE CD2  C  Y N 258 
PHE CE1  C  Y N 259 
PHE CE2  C  Y N 260 
PHE CZ   C  Y N 261 
PHE OXT  O  N N 262 
PHE H    H  N N 263 
PHE H2   H  N N 264 
PHE HA   H  N N 265 
PHE HB2  H  N N 266 
PHE HB3  H  N N 267 
PHE HD1  H  N N 268 
PHE HD2  H  N N 269 
PHE HE1  H  N N 270 
PHE HE2  H  N N 271 
PHE HZ   H  N N 272 
PHE HXT  H  N N 273 
PRO N    N  N N 274 
PRO CA   C  N S 275 
PRO C    C  N N 276 
PRO O    O  N N 277 
PRO CB   C  N N 278 
PRO CG   C  N N 279 
PRO CD   C  N N 280 
PRO OXT  O  N N 281 
PRO H    H  N N 282 
PRO HA   H  N N 283 
PRO HB2  H  N N 284 
PRO HB3  H  N N 285 
PRO HG2  H  N N 286 
PRO HG3  H  N N 287 
PRO HD2  H  N N 288 
PRO HD3  H  N N 289 
PRO HXT  H  N N 290 
SER N    N  N N 291 
SER CA   C  N S 292 
SER C    C  N N 293 
SER O    O  N N 294 
SER CB   C  N N 295 
SER OG   O  N N 296 
SER OXT  O  N N 297 
SER H    H  N N 298 
SER H2   H  N N 299 
SER HA   H  N N 300 
SER HB2  H  N N 301 
SER HB3  H  N N 302 
SER HG   H  N N 303 
SER HXT  H  N N 304 
THR N    N  N N 305 
THR CA   C  N S 306 
THR C    C  N N 307 
THR O    O  N N 308 
THR CB   C  N R 309 
THR OG1  O  N N 310 
THR CG2  C  N N 311 
THR OXT  O  N N 312 
THR H    H  N N 313 
THR H2   H  N N 314 
THR HA   H  N N 315 
THR HB   H  N N 316 
THR HG1  H  N N 317 
THR HG21 H  N N 318 
THR HG22 H  N N 319 
THR HG23 H  N N 320 
THR HXT  H  N N 321 
TYR N    N  N N 322 
TYR CA   C  N S 323 
TYR C    C  N N 324 
TYR O    O  N N 325 
TYR CB   C  N N 326 
TYR CG   C  Y N 327 
TYR CD1  C  Y N 328 
TYR CD2  C  Y N 329 
TYR CE1  C  Y N 330 
TYR CE2  C  Y N 331 
TYR CZ   C  Y N 332 
TYR OH   O  N N 333 
TYR OXT  O  N N 334 
TYR H    H  N N 335 
TYR H2   H  N N 336 
TYR HA   H  N N 337 
TYR HB2  H  N N 338 
TYR HB3  H  N N 339 
TYR HD1  H  N N 340 
TYR HD2  H  N N 341 
TYR HE1  H  N N 342 
TYR HE2  H  N N 343 
TYR HH   H  N N 344 
TYR HXT  H  N N 345 
VAL N    N  N N 346 
VAL CA   C  N S 347 
VAL C    C  N N 348 
VAL O    O  N N 349 
VAL CB   C  N N 350 
VAL CG1  C  N N 351 
VAL CG2  C  N N 352 
VAL OXT  O  N N 353 
VAL H    H  N N 354 
VAL H2   H  N N 355 
VAL HA   H  N N 356 
VAL HB   H  N N 357 
VAL HG11 H  N N 358 
VAL HG12 H  N N 359 
VAL HG13 H  N N 360 
VAL HG21 H  N N 361 
VAL HG22 H  N N 362 
VAL HG23 H  N N 363 
VAL HXT  H  N N 364 
# 
loop_
_chem_comp_bond.comp_id 
_chem_comp_bond.atom_id_1 
_chem_comp_bond.atom_id_2 
_chem_comp_bond.value_order 
_chem_comp_bond.pdbx_aromatic_flag 
_chem_comp_bond.pdbx_stereo_config 
_chem_comp_bond.pdbx_ordinal 
ALA N   CA   sing N N 1   
ALA N   H    sing N N 2   
ALA N   H2   sing N N 3   
ALA CA  C    sing N N 4   
ALA CA  CB   sing N N 5   
ALA CA  HA   sing N N 6   
ALA C   O    doub N N 7   
ALA C   OXT  sing N N 8   
ALA CB  HB1  sing N N 9   
ALA CB  HB2  sing N N 10  
ALA CB  HB3  sing N N 11  
ALA OXT HXT  sing N N 12  
ARG N   CA   sing N N 13  
ARG N   H    sing N N 14  
ARG N   H2   sing N N 15  
ARG CA  C    sing N N 16  
ARG CA  CB   sing N N 17  
ARG CA  HA   sing N N 18  
ARG C   O    doub N N 19  
ARG C   OXT  sing N N 20  
ARG CB  CG   sing N N 21  
ARG CB  HB2  sing N N 22  
ARG CB  HB3  sing N N 23  
ARG CG  CD   sing N N 24  
ARG CG  HG2  sing N N 25  
ARG CG  HG3  sing N N 26  
ARG CD  NE   sing N N 27  
ARG CD  HD2  sing N N 28  
ARG CD  HD3  sing N N 29  
ARG NE  CZ   sing N N 30  
ARG NE  HE   sing N N 31  
ARG CZ  NH1  sing N N 32  
ARG CZ  NH2  doub N N 33  
ARG NH1 HH11 sing N N 34  
ARG NH1 HH12 sing N N 35  
ARG NH2 HH21 sing N N 36  
ARG NH2 HH22 sing N N 37  
ARG OXT HXT  sing N N 38  
ASN N   CA   sing N N 39  
ASN N   H    sing N N 40  
ASN N   H2   sing N N 41  
ASN CA  C    sing N N 42  
ASN CA  CB   sing N N 43  
ASN CA  HA   sing N N 44  
ASN C   O    doub N N 45  
ASN C   OXT  sing N N 46  
ASN CB  CG   sing N N 47  
ASN CB  HB2  sing N N 48  
ASN CB  HB3  sing N N 49  
ASN CG  OD1  doub N N 50  
ASN CG  ND2  sing N N 51  
ASN ND2 HD21 sing N N 52  
ASN ND2 HD22 sing N N 53  
ASN OXT HXT  sing N N 54  
ASP N   CA   sing N N 55  
ASP N   H    sing N N 56  
ASP N   H2   sing N N 57  
ASP CA  C    sing N N 58  
ASP CA  CB   sing N N 59  
ASP CA  HA   sing N N 60  
ASP C   O    doub N N 61  
ASP C   OXT  sing N N 62  
ASP CB  CG   sing N N 63  
ASP CB  HB2  sing N N 64  
ASP CB  HB3  sing N N 65  
ASP CG  OD1  doub N N 66  
ASP CG  OD2  sing N N 67  
ASP OD2 HD2  sing N N 68  
ASP OXT HXT  sing N N 69  
CYS N   CA   sing N N 70  
CYS N   H    sing N N 71  
CYS N   H2   sing N N 72  
CYS CA  C    sing N N 73  
CYS CA  CB   sing N N 74  
CYS CA  HA   sing N N 75  
CYS C   O    doub N N 76  
CYS C   OXT  sing N N 77  
CYS CB  SG   sing N N 78  
CYS CB  HB2  sing N N 79  
CYS CB  HB3  sing N N 80  
CYS SG  HG   sing N N 81  
CYS OXT HXT  sing N N 82  
GLN N   CA   sing N N 83  
GLN N   H    sing N N 84  
GLN N   H2   sing N N 85  
GLN CA  C    sing N N 86  
GLN CA  CB   sing N N 87  
GLN CA  HA   sing N N 88  
GLN C   O    doub N N 89  
GLN C   OXT  sing N N 90  
GLN CB  CG   sing N N 91  
GLN CB  HB2  sing N N 92  
GLN CB  HB3  sing N N 93  
GLN CG  CD   sing N N 94  
GLN CG  HG2  sing N N 95  
GLN CG  HG3  sing N N 96  
GLN CD  OE1  doub N N 97  
GLN CD  NE2  sing N N 98  
GLN NE2 HE21 sing N N 99  
GLN NE2 HE22 sing N N 100 
GLN OXT HXT  sing N N 101 
GLU N   CA   sing N N 102 
GLU N   H    sing N N 103 
GLU N   H2   sing N N 104 
GLU CA  C    sing N N 105 
GLU CA  CB   sing N N 106 
GLU CA  HA   sing N N 107 
GLU C   O    doub N N 108 
GLU C   OXT  sing N N 109 
GLU CB  CG   sing N N 110 
GLU CB  HB2  sing N N 111 
GLU CB  HB3  sing N N 112 
GLU CG  CD   sing N N 113 
GLU CG  HG2  sing N N 114 
GLU CG  HG3  sing N N 115 
GLU CD  OE1  doub N N 116 
GLU CD  OE2  sing N N 117 
GLU OE2 HE2  sing N N 118 
GLU OXT HXT  sing N N 119 
GLY N   CA   sing N N 120 
GLY N   H    sing N N 121 
GLY N   H2   sing N N 122 
GLY CA  C    sing N N 123 
GLY CA  HA2  sing N N 124 
GLY CA  HA3  sing N N 125 
GLY C   O    doub N N 126 
GLY C   OXT  sing N N 127 
GLY OXT HXT  sing N N 128 
HIS N   CA   sing N N 129 
HIS N   H    sing N N 130 
HIS N   H2   sing N N 131 
HIS CA  C    sing N N 132 
HIS CA  CB   sing N N 133 
HIS CA  HA   sing N N 134 
HIS C   O    doub N N 135 
HIS C   OXT  sing N N 136 
HIS CB  CG   sing N N 137 
HIS CB  HB2  sing N N 138 
HIS CB  HB3  sing N N 139 
HIS CG  ND1  sing Y N 140 
HIS CG  CD2  doub Y N 141 
HIS ND1 CE1  doub Y N 142 
HIS ND1 HD1  sing N N 143 
HIS CD2 NE2  sing Y N 144 
HIS CD2 HD2  sing N N 145 
HIS CE1 NE2  sing Y N 146 
HIS CE1 HE1  sing N N 147 
HIS NE2 HE2  sing N N 148 
HIS OXT HXT  sing N N 149 
HOH O   H1   sing N N 150 
HOH O   H2   sing N N 151 
ILE N   CA   sing N N 152 
ILE N   H    sing N N 153 
ILE N   H2   sing N N 154 
ILE CA  C    sing N N 155 
ILE CA  CB   sing N N 156 
ILE CA  HA   sing N N 157 
ILE C   O    doub N N 158 
ILE C   OXT  sing N N 159 
ILE CB  CG1  sing N N 160 
ILE CB  CG2  sing N N 161 
ILE CB  HB   sing N N 162 
ILE CG1 CD1  sing N N 163 
ILE CG1 HG12 sing N N 164 
ILE CG1 HG13 sing N N 165 
ILE CG2 HG21 sing N N 166 
ILE CG2 HG22 sing N N 167 
ILE CG2 HG23 sing N N 168 
ILE CD1 HD11 sing N N 169 
ILE CD1 HD12 sing N N 170 
ILE CD1 HD13 sing N N 171 
ILE OXT HXT  sing N N 172 
LEU N   CA   sing N N 173 
LEU N   H    sing N N 174 
LEU N   H2   sing N N 175 
LEU CA  C    sing N N 176 
LEU CA  CB   sing N N 177 
LEU CA  HA   sing N N 178 
LEU C   O    doub N N 179 
LEU C   OXT  sing N N 180 
LEU CB  CG   sing N N 181 
LEU CB  HB2  sing N N 182 
LEU CB  HB3  sing N N 183 
LEU CG  CD1  sing N N 184 
LEU CG  CD2  sing N N 185 
LEU CG  HG   sing N N 186 
LEU CD1 HD11 sing N N 187 
LEU CD1 HD12 sing N N 188 
LEU CD1 HD13 sing N N 189 
LEU CD2 HD21 sing N N 190 
LEU CD2 HD22 sing N N 191 
LEU CD2 HD23 sing N N 192 
LEU OXT HXT  sing N N 193 
LYS N   CA   sing N N 194 
LYS N   H    sing N N 195 
LYS N   H2   sing N N 196 
LYS CA  C    sing N N 197 
LYS CA  CB   sing N N 198 
LYS CA  HA   sing N N 199 
LYS C   O    doub N N 200 
LYS C   OXT  sing N N 201 
LYS CB  CG   sing N N 202 
LYS CB  HB2  sing N N 203 
LYS CB  HB3  sing N N 204 
LYS CG  CD   sing N N 205 
LYS CG  HG2  sing N N 206 
LYS CG  HG3  sing N N 207 
LYS CD  CE   sing N N 208 
LYS CD  HD2  sing N N 209 
LYS CD  HD3  sing N N 210 
LYS CE  NZ   sing N N 211 
LYS CE  HE2  sing N N 212 
LYS CE  HE3  sing N N 213 
LYS NZ  HZ1  sing N N 214 
LYS NZ  HZ2  sing N N 215 
LYS NZ  HZ3  sing N N 216 
LYS OXT HXT  sing N N 217 
MET N   CA   sing N N 218 
MET N   H    sing N N 219 
MET N   H2   sing N N 220 
MET CA  C    sing N N 221 
MET CA  CB   sing N N 222 
MET CA  HA   sing N N 223 
MET C   O    doub N N 224 
MET C   OXT  sing N N 225 
MET CB  CG   sing N N 226 
MET CB  HB2  sing N N 227 
MET CB  HB3  sing N N 228 
MET CG  SD   sing N N 229 
MET CG  HG2  sing N N 230 
MET CG  HG3  sing N N 231 
MET SD  CE   sing N N 232 
MET CE  HE1  sing N N 233 
MET CE  HE2  sing N N 234 
MET CE  HE3  sing N N 235 
MET OXT HXT  sing N N 236 
PHE N   CA   sing N N 237 
PHE N   H    sing N N 238 
PHE N   H2   sing N N 239 
PHE CA  C    sing N N 240 
PHE CA  CB   sing N N 241 
PHE CA  HA   sing N N 242 
PHE C   O    doub N N 243 
PHE C   OXT  sing N N 244 
PHE CB  CG   sing N N 245 
PHE CB  HB2  sing N N 246 
PHE CB  HB3  sing N N 247 
PHE CG  CD1  doub Y N 248 
PHE CG  CD2  sing Y N 249 
PHE CD1 CE1  sing Y N 250 
PHE CD1 HD1  sing N N 251 
PHE CD2 CE2  doub Y N 252 
PHE CD2 HD2  sing N N 253 
PHE CE1 CZ   doub Y N 254 
PHE CE1 HE1  sing N N 255 
PHE CE2 CZ   sing Y N 256 
PHE CE2 HE2  sing N N 257 
PHE CZ  HZ   sing N N 258 
PHE OXT HXT  sing N N 259 
PRO N   CA   sing N N 260 
PRO N   CD   sing N N 261 
PRO N   H    sing N N 262 
PRO CA  C    sing N N 263 
PRO CA  CB   sing N N 264 
PRO CA  HA   sing N N 265 
PRO C   O    doub N N 266 
PRO C   OXT  sing N N 267 
PRO CB  CG   sing N N 268 
PRO CB  HB2  sing N N 269 
PRO CB  HB3  sing N N 270 
PRO CG  CD   sing N N 271 
PRO CG  HG2  sing N N 272 
PRO CG  HG3  sing N N 273 
PRO CD  HD2  sing N N 274 
PRO CD  HD3  sing N N 275 
PRO OXT HXT  sing N N 276 
SER N   CA   sing N N 277 
SER N   H    sing N N 278 
SER N   H2   sing N N 279 
SER CA  C    sing N N 280 
SER CA  CB   sing N N 281 
SER CA  HA   sing N N 282 
SER C   O    doub N N 283 
SER C   OXT  sing N N 284 
SER CB  OG   sing N N 285 
SER CB  HB2  sing N N 286 
SER CB  HB3  sing N N 287 
SER OG  HG   sing N N 288 
SER OXT HXT  sing N N 289 
THR N   CA   sing N N 290 
THR N   H    sing N N 291 
THR N   H2   sing N N 292 
THR CA  C    sing N N 293 
THR CA  CB   sing N N 294 
THR CA  HA   sing N N 295 
THR C   O    doub N N 296 
THR C   OXT  sing N N 297 
THR CB  OG1  sing N N 298 
THR CB  CG2  sing N N 299 
THR CB  HB   sing N N 300 
THR OG1 HG1  sing N N 301 
THR CG2 HG21 sing N N 302 
THR CG2 HG22 sing N N 303 
THR CG2 HG23 sing N N 304 
THR OXT HXT  sing N N 305 
TYR N   CA   sing N N 306 
TYR N   H    sing N N 307 
TYR N   H2   sing N N 308 
TYR CA  C    sing N N 309 
TYR CA  CB   sing N N 310 
TYR CA  HA   sing N N 311 
TYR C   O    doub N N 312 
TYR C   OXT  sing N N 313 
TYR CB  CG   sing N N 314 
TYR CB  HB2  sing N N 315 
TYR CB  HB3  sing N N 316 
TYR CG  CD1  doub Y N 317 
TYR CG  CD2  sing Y N 318 
TYR CD1 CE1  sing Y N 319 
TYR CD1 HD1  sing N N 320 
TYR CD2 CE2  doub Y N 321 
TYR CD2 HD2  sing N N 322 
TYR CE1 CZ   doub Y N 323 
TYR CE1 HE1  sing N N 324 
TYR CE2 CZ   sing Y N 325 
TYR CE2 HE2  sing N N 326 
TYR CZ  OH   sing N N 327 
TYR OH  HH   sing N N 328 
TYR OXT HXT  sing N N 329 
VAL N   CA   sing N N 330 
VAL N   H    sing N N 331 
VAL N   H2   sing N N 332 
VAL CA  C    sing N N 333 
VAL CA  CB   sing N N 334 
VAL CA  HA   sing N N 335 
VAL C   O    doub N N 336 
VAL C   OXT  sing N N 337 
VAL CB  CG1  sing N N 338 
VAL CB  CG2  sing N N 339 
VAL CB  HB   sing N N 340 
VAL CG1 HG11 sing N N 341 
VAL CG1 HG12 sing N N 342 
VAL CG1 HG13 sing N N 343 
VAL CG2 HG21 sing N N 344 
VAL CG2 HG22 sing N N 345 
VAL CG2 HG23 sing N N 346 
VAL OXT HXT  sing N N 347 
# 
loop_
_pdbx_entity_nonpoly.entity_id 
_pdbx_entity_nonpoly.name 
_pdbx_entity_nonpoly.comp_id 
2 'CALCIUM ION' CA  
3 water         HOH 
# 
_pdbx_initial_refinement_model.id               1 
_pdbx_initial_refinement_model.entity_id_list   ? 
_pdbx_initial_refinement_model.type             'experimental model' 
_pdbx_initial_refinement_model.source_name      PDB 
_pdbx_initial_refinement_model.accession_code   5I2L 
_pdbx_initial_refinement_model.details          ? 
# 
